data_9JTU
#
_entry.id   9JTU
#
_cell.length_a   1.00
_cell.length_b   1.00
_cell.length_c   1.00
_cell.angle_alpha   90.00
_cell.angle_beta   90.00
_cell.angle_gamma   90.00
#
_symmetry.space_group_name_H-M   'P 1'
#
loop_
_entity.id
_entity.type
_entity.pdbx_description
1 polymer 'V(D)J recombination-activating protein 1'
2 polymer 'V(D)J recombination-activating protein 2'
3 polymer 'DNA (39-MER)'
4 polymer 'DNA (30-MER)'
5 polymer 'DNA (39-MER)'
6 polymer 'DNA (30-MER)'
7 polymer "DNA (5'-D(*CP*AP*GP*GP*CP*CP*AP*GP*AP*TP*CP*CP*A)-3')"
8 polymer "DNA (5'-D(P*TP*GP*GP*AP*TP*CP*TP*GP*GP*CP*CP*TP*G)-3')"
9 non-polymer 'CALCIUM ION'
10 non-polymer 'ZINC ION'
#
loop_
_entity_poly.entity_id
_entity_poly.type
_entity_poly.pdbx_seq_one_letter_code
_entity_poly.pdbx_strand_id
1 'polypeptide(L)'
;MAASLPSTLSFSSAPDEIQHPQIKFSEWKFKLFRVRSFEKAPEEAQKEKDSSEGKPYLEQSPVVPEKPGGQNSILTQRAL
KLHPKFSKKFHADGKSSDKAVHQARLRHFCRICGNRFKSDGHSRRYPVHGPVDAKTQSLFRKKEKRVTSWPDLIARIFRI
DVKADVDSIHPTEFCHDCWSIMHRKFSSSHSQVYFPRKVTVEWHPHTPSCDICFTAHRGLKRKRHQPNVQLSKKLKTVLN
HARRDRRKRTQARVSSKEVLKKISNCSKIHLSTKLLAVDFPAHFVKSISCQICEHILADPVETSCKHLFCRICILRCLKV
MGSYCPSCRYPCFPTDLESPVKSFLNILNSLMVKCPAQDCNEEVSLEKYNHHVSSHKESKETLVHINKGGRPRQHLLSLT
RRAQKHRLRELKIQVKEFADKEEGGDVKAVCLTLFLLALRARNEHRQADELEAIMQGRGSGLQPAVCLAIRVNTFLSCSQ
YHKMYRTVKAITGRQIFQPLHALRNAEKVLLPGYHPFEWQPPLKNVSSRTDVGIIDGLSGLASSVDEYPVDTIAKRFRYD
SALVSALMDMEEDILEGMRSQDLDDYLNGPFTVVVKESCDGMGDVSEKHGSGPAVPEKAVRFSFTVMRITIEHGSQNVKV
FEEPKPNSELCCKPLCLMLADESDHETLTAILSPLIAEREAMKSSELTLEMGGIPRTFKFIFRGTGYDEKLVREVEGLEA
SGSVYICTLCDTTRLEASQNLVFHSITRSHAENLQRYEVWRSNPYHESVEELRDRVKGVSAKPFIETVPSIDALHCDIGN
AAEFYKIFQLEIGEVYKHPNASKEERKRWQATLDKHLRKRMNLKPIMRMNGNFARKLMTQETVDAVCELIPSEERHEALR
ELMDLYLKMKPVWRSSCPAKECPESLCQYSFNSQRFAELLSTKFKYRYEGKITNYFHKTLAHVPEIIERDGSIGAWASEG
NESGNKLFRRFRKMNARQSKCYEMEDVLKHHWLYTSKYLQKFMNAHNALKSSGFTMNSKETLGDPLGIEDSLESQDSMEF
;
A,C
2 'polypeptide(L)'
;MSLQMVTVGHNIALIQPGFSLMNFDGQVFFFGQKGWPKRSCPTGVFHFDIKQNHLKLKPAIFSKDSCYLPPLRYPATCSY
KGSIDSDKHQYIIHGGKTPNNELSDKIYIMSVACKNNKKVTFRCTEKDLVGDVPEPRYGHSIDVVYSRGKSMGVLFGGRS
YMPSTQRTTEKWNSVADCLPHVFLIDFEFGCATSYILPELQDGLSFHVSIARNDTVYILGGHSLASNIRPANLYRIRVDL
PLGTPAVNCTVLPGGISVSSAILTQTNNDEFVIVGGYQLENQKRMVCSLVSLGDNTIEISEMETPDWTSDIKHSKIWFGS
NMGNGTIFLGIPGDNKQAMSEAFYFYTLRCSEEDLSEDQKIVSNSQTSTEDPGDSTPFEDSEEFCFSAEATSFDGDDEFD
TYNEDDEDDESVTGYWITCCPTCDVDINTWVPFYSTELNKPAMIYCSHGDGHWVHAQCMDLEERTLIHLSEGSNKYYCNE
HVQIARALQTPKRNPPLQKPPMKSLHKKGSGKVLTPAKKSFLRRLFD
;
B,D
3 'polydeoxyribonucleotide'
;(DG)(DG)(DT)(DT)(DT)(DT)(DT)(DG)(DT)(DC)(DT)(DG)(DG)(DC)(DT)(DT)(DC)(DA)(DC)(DA)
(DC)(DT)(DT)(DG)(DA)(DT)(DT)(DT)(DG)(DC)(DA)(DT)(DC)(DA)(DC)(DT)(DG)(DT)(DG)
;
G
4 'polydeoxyribonucleotide'
;(DC)(DA)(DC)(DA)(DG)(DT)(DG)(DA)(DT)(DA)(DC)(DA)(DG)(DC)(DC)(DC)(DT)(DT)(DA)(DA)
(DC)(DA)(DA)(DA)(DA)(DA)(DC)(DC)(DC)(DG)
;
L
5 'polydeoxyribonucleotide'
;(DC)(DA)(DC)(DA)(DG)(DT)(DG)(DA)(DT)(DG)(DC)(DA)(DA)(DA)(DT)(DC)(DA)(DA)(DG)(DT)
(DG)(DT)(DG)(DA)(DA)(DG)(DC)(DC)(DA)(DG)(DA)(DC)(DA)(DA)(DA)(DA)(DA)(DC)(DC)
;
M
6 'polydeoxyribonucleotide'
;(DC)(DG)(DG)(DG)(DT)(DT)(DT)(DT)(DT)(DG)(DT)(DT)(DA)(DA)(DG)(DG)(DG)(DC)(DT)(DG)
(DT)(DA)(DT)(DC)(DA)(DC)(DT)(DG)(DT)(DG)
;
F
7 'polydeoxyribonucleotide' (DC)(DA)(DG)(DG)(DC)(DC)(DA)(DG)(DA)(DT)(DC)(DC)(DA) H
8 'polydeoxyribonucleotide' (DT)(DG)(DG)(DA)(DT)(DC)(DT)(DG)(DG)(DC)(DC)(DT)(DG) I
#
loop_
_chem_comp.id
_chem_comp.type
_chem_comp.name
_chem_comp.formula
CA non-polymer 'CALCIUM ION' 'Ca 2'
DA DNA linking 2'-DEOXYADENOSINE-5'-MONOPHOSPHATE 'C10 H14 N5 O6 P'
DC DNA linking 2'-DEOXYCYTIDINE-5'-MONOPHOSPHATE 'C9 H14 N3 O7 P'
DG DNA linking 2'-DEOXYGUANOSINE-5'-MONOPHOSPHATE 'C10 H14 N5 O7 P'
DT DNA linking THYMIDINE-5'-MONOPHOSPHATE 'C10 H15 N2 O8 P'
ZN non-polymer 'ZINC ION' 'Zn 2'
#
# COMPACT_ATOMS: atom_id res chain seq x y z
N ARG A 391 -28.34 33.14 60.80
CA ARG A 391 -27.75 32.88 59.48
C ARG A 391 -27.96 31.43 59.06
N PRO A 392 -28.43 31.22 57.83
CA PRO A 392 -28.60 29.85 57.34
C PRO A 392 -27.28 29.12 57.24
N ARG A 393 -27.33 27.81 57.45
CA ARG A 393 -26.13 26.99 57.40
C ARG A 393 -25.64 26.83 55.96
N GLN A 394 -24.35 26.56 55.83
CA GLN A 394 -23.69 26.38 54.54
C GLN A 394 -23.39 24.90 54.31
N HIS A 395 -22.73 24.62 53.21
CA HIS A 395 -22.37 23.24 52.87
C HIS A 395 -21.33 22.72 53.85
N LEU A 396 -21.47 21.45 54.24
CA LEU A 396 -20.58 20.87 55.25
C LEU A 396 -19.16 20.70 54.72
N LEU A 397 -19.02 20.38 53.42
CA LEU A 397 -17.69 20.19 52.86
C LEU A 397 -16.92 21.49 52.74
N SER A 398 -17.62 22.61 52.53
CA SER A 398 -16.96 23.90 52.43
C SER A 398 -16.48 24.43 53.78
N LEU A 399 -16.91 23.82 54.87
CA LEU A 399 -16.47 24.27 56.19
C LEU A 399 -15.01 23.91 56.43
N THR A 400 -14.36 24.68 57.30
CA THR A 400 -12.97 24.47 57.62
C THR A 400 -12.81 23.30 58.58
N ARG A 401 -11.56 23.01 58.95
CA ARG A 401 -11.29 21.89 59.84
C ARG A 401 -11.81 22.14 61.25
N ARG A 402 -11.73 23.39 61.73
CA ARG A 402 -12.16 23.73 63.08
C ARG A 402 -13.65 24.01 63.17
N ALA A 403 -14.23 24.63 62.13
CA ALA A 403 -15.63 25.05 62.16
C ALA A 403 -16.61 23.91 61.89
N GLN A 404 -16.15 22.65 61.93
CA GLN A 404 -17.02 21.50 61.69
C GLN A 404 -17.05 20.54 62.89
N LYS A 405 -16.53 20.95 64.04
CA LYS A 405 -16.52 20.07 65.20
C LYS A 405 -17.81 20.18 66.01
N HIS A 406 -18.56 21.26 65.85
CA HIS A 406 -19.75 21.52 66.65
C HIS A 406 -21.05 20.94 66.08
N ARG A 407 -21.08 20.47 64.82
CA ARG A 407 -22.02 19.42 64.40
C ARG A 407 -21.66 18.01 64.83
N LEU A 408 -20.40 17.71 65.12
CA LEU A 408 -20.03 16.33 65.44
C LEU A 408 -19.79 16.10 66.92
N ARG A 409 -19.81 17.16 67.74
CA ARG A 409 -19.68 16.99 69.18
C ARG A 409 -20.84 16.18 69.73
N GLU A 410 -22.05 16.45 69.27
CA GLU A 410 -23.23 15.78 69.78
C GLU A 410 -23.39 14.37 69.21
N LEU A 411 -22.55 13.98 68.24
CA LEU A 411 -22.60 12.62 67.69
C LEU A 411 -21.44 11.74 68.12
N LYS A 412 -20.23 12.28 68.24
CA LYS A 412 -19.10 11.45 68.62
C LYS A 412 -19.25 10.87 70.02
N ILE A 413 -20.06 11.51 70.88
CA ILE A 413 -20.27 10.96 72.22
C ILE A 413 -20.94 9.58 72.13
N GLN A 414 -22.05 9.48 71.39
CA GLN A 414 -22.68 8.18 71.29
C GLN A 414 -21.89 7.25 70.38
N VAL A 415 -21.16 7.81 69.40
CA VAL A 415 -20.32 6.97 68.56
C VAL A 415 -19.29 6.22 69.40
N LYS A 416 -18.56 6.96 70.26
CA LYS A 416 -17.52 6.31 71.03
C LYS A 416 -18.07 5.51 72.20
N GLU A 417 -19.22 5.88 72.78
CA GLU A 417 -19.77 5.03 73.82
C GLU A 417 -20.25 3.71 73.24
N PHE A 418 -20.84 3.73 72.04
CA PHE A 418 -21.19 2.48 71.36
C PHE A 418 -19.95 1.67 71.04
N ALA A 419 -18.89 2.34 70.56
CA ALA A 419 -17.66 1.63 70.26
C ALA A 419 -17.10 0.95 71.50
N ASP A 420 -17.16 1.63 72.64
CA ASP A 420 -16.67 1.05 73.89
C ASP A 420 -17.54 -0.12 74.33
N LYS A 421 -18.86 0.05 74.32
CA LYS A 421 -19.75 -0.95 74.88
C LYS A 421 -19.94 -2.17 73.99
N GLU A 422 -19.77 -2.04 72.68
CA GLU A 422 -20.05 -3.13 71.75
C GLU A 422 -18.82 -3.60 71.00
N GLU A 423 -18.11 -2.68 70.33
CA GLU A 423 -16.97 -3.09 69.51
C GLU A 423 -15.71 -3.30 70.34
N GLY A 424 -15.46 -2.41 71.30
CA GLY A 424 -14.29 -2.54 72.14
C GLY A 424 -13.61 -1.22 72.45
N GLY A 425 -13.79 -0.23 71.58
CA GLY A 425 -13.21 1.08 71.80
C GLY A 425 -12.72 1.78 70.56
N ASP A 426 -12.49 1.03 69.48
CA ASP A 426 -12.01 1.62 68.25
C ASP A 426 -13.08 2.49 67.60
N VAL A 427 -12.67 3.67 67.15
CA VAL A 427 -13.58 4.61 66.49
C VAL A 427 -13.26 4.75 65.01
N LYS A 428 -11.97 4.82 64.65
CA LYS A 428 -11.59 4.89 63.25
C LYS A 428 -12.04 3.65 62.49
N ALA A 429 -11.90 2.46 63.11
CA ALA A 429 -12.30 1.23 62.44
C ALA A 429 -13.81 1.16 62.23
N VAL A 430 -14.59 1.51 63.27
CA VAL A 430 -16.03 1.44 63.11
C VAL A 430 -16.52 2.48 62.10
N CYS A 431 -15.88 3.65 62.06
CA CYS A 431 -16.25 4.62 61.05
C CYS A 431 -15.83 4.16 59.66
N LEU A 432 -14.73 3.42 59.55
CA LEU A 432 -14.36 2.81 58.29
C LEU A 432 -15.44 1.86 57.81
N THR A 433 -15.93 1.00 58.71
CA THR A 433 -17.00 0.08 58.34
C THR A 433 -18.25 0.84 57.92
N LEU A 434 -18.63 1.87 58.68
CA LEU A 434 -19.82 2.65 58.34
C LEU A 434 -19.67 3.35 57.00
N PHE A 435 -18.48 3.90 56.73
CA PHE A 435 -18.27 4.62 55.48
C PHE A 435 -18.25 3.67 54.29
N LEU A 436 -17.66 2.47 54.46
CA LEU A 436 -17.72 1.48 53.41
C LEU A 436 -19.16 1.07 53.12
N LEU A 437 -19.96 0.87 54.18
CA LEU A 437 -21.36 0.52 53.97
C LEU A 437 -22.10 1.63 53.24
N ALA A 438 -21.88 2.88 53.64
CA ALA A 438 -22.55 4.00 52.98
C ALA A 438 -22.12 4.14 51.52
N LEU A 439 -20.83 3.99 51.25
CA LEU A 439 -20.33 4.11 49.89
C LEU A 439 -20.87 3.01 49.00
N ARG A 440 -20.93 1.78 49.52
CA ARG A 440 -21.46 0.67 48.73
C ARG A 440 -22.97 0.80 48.53
N ALA A 441 -23.69 1.36 49.52
CA ALA A 441 -25.10 1.64 49.31
C ALA A 441 -25.32 2.72 48.26
N ARG A 442 -24.47 3.74 48.24
CA ARG A 442 -24.57 4.83 47.27
C ARG A 442 -24.11 4.40 45.88
N ASN A 443 -23.63 3.17 45.71
CA ASN A 443 -23.11 2.66 44.45
C ASN A 443 -21.88 3.46 44.00
N GLU A 444 -20.88 3.45 44.88
CA GLU A 444 -19.57 4.05 44.61
C GLU A 444 -18.47 3.03 44.90
N HIS A 445 -18.64 1.83 44.33
CA HIS A 445 -17.73 0.73 44.61
C HIS A 445 -16.30 1.05 44.18
N ARG A 446 -16.12 1.91 43.17
CA ARG A 446 -14.77 2.31 42.80
C ARG A 446 -14.09 3.04 43.96
N GLN A 447 -14.78 4.01 44.56
CA GLN A 447 -14.21 4.71 45.71
C GLN A 447 -14.06 3.77 46.90
N ALA A 448 -15.00 2.85 47.08
CA ALA A 448 -14.89 1.89 48.17
C ALA A 448 -13.64 1.01 48.02
N ASP A 449 -13.38 0.54 46.80
CA ASP A 449 -12.19 -0.26 46.55
C ASP A 449 -10.92 0.56 46.72
N GLU A 450 -10.94 1.82 46.29
CA GLU A 450 -9.77 2.67 46.49
C GLU A 450 -9.49 2.87 47.98
N LEU A 451 -10.53 3.11 48.78
CA LEU A 451 -10.34 3.27 50.22
C LEU A 451 -9.86 1.98 50.86
N GLU A 452 -10.40 0.84 50.43
CA GLU A 452 -9.95 -0.44 50.97
C GLU A 452 -8.47 -0.67 50.66
N ALA A 453 -8.06 -0.35 49.43
CA ALA A 453 -6.65 -0.52 49.06
C ALA A 453 -5.75 0.41 49.86
N ILE A 454 -6.16 1.67 50.03
CA ILE A 454 -5.28 2.63 50.71
C ILE A 454 -5.18 2.30 52.19
N MET A 455 -6.26 1.78 52.79
CA MET A 455 -6.19 1.40 54.20
C MET A 455 -5.44 0.08 54.38
N GLN A 456 -5.52 -0.81 53.39
CA GLN A 456 -4.74 -2.04 53.42
C GLN A 456 -3.35 -1.76 52.85
N GLY A 457 -2.60 -2.83 52.59
CA GLY A 457 -1.29 -2.69 51.97
C GLY A 457 -1.36 -2.01 50.61
N ARG A 458 -0.54 -1.00 50.41
CA ARG A 458 -0.60 -0.22 49.17
C ARG A 458 -0.07 -1.06 48.01
N GLY A 459 -0.94 -1.38 47.07
CA GLY A 459 -0.58 -2.09 45.86
C GLY A 459 -0.18 -1.20 44.71
N SER A 460 -0.03 0.10 44.94
CA SER A 460 0.34 1.02 43.87
C SER A 460 1.72 0.67 43.33
N GLY A 461 1.88 0.81 42.01
CA GLY A 461 3.13 0.50 41.36
C GLY A 461 3.08 -0.82 40.62
N LEU A 462 3.31 -0.78 39.31
CA LEU A 462 3.34 -1.97 38.49
C LEU A 462 4.78 -2.44 38.32
N GLN A 463 4.94 -3.75 38.11
CA GLN A 463 6.27 -4.30 37.90
C GLN A 463 6.80 -3.88 36.53
N PRO A 464 8.12 -3.73 36.40
CA PRO A 464 8.69 -3.46 35.07
C PRO A 464 8.38 -4.55 34.07
N ALA A 465 8.33 -5.81 34.50
CA ALA A 465 8.01 -6.90 33.58
C ALA A 465 6.61 -6.75 33.01
N VAL A 466 5.62 -6.45 33.86
CA VAL A 466 4.26 -6.32 33.36
C VAL A 466 4.09 -5.04 32.55
N CYS A 467 4.82 -3.97 32.92
CA CYS A 467 4.80 -2.77 32.08
C CYS A 467 5.34 -3.06 30.69
N LEU A 468 6.44 -3.82 30.60
CA LEU A 468 6.98 -4.21 29.30
C LEU A 468 5.99 -5.10 28.55
N ALA A 469 5.33 -6.02 29.26
CA ALA A 469 4.36 -6.89 28.62
C ALA A 469 3.23 -6.08 28.00
N ILE A 470 2.74 -5.08 28.72
CA ILE A 470 1.70 -4.20 28.18
C ILE A 470 2.24 -3.45 26.97
N ARG A 471 3.45 -2.88 27.09
CA ARG A 471 4.00 -2.08 26.01
C ARG A 471 4.22 -2.88 24.75
N VAL A 472 4.52 -4.17 24.87
CA VAL A 472 4.78 -4.99 23.69
C VAL A 472 3.51 -5.60 23.12
N ASN A 473 2.61 -6.10 23.96
CA ASN A 473 1.41 -6.74 23.45
C ASN A 473 0.37 -5.74 22.96
N THR A 474 0.26 -4.57 23.61
CA THR A 474 -0.70 -3.57 23.18
C THR A 474 -0.27 -2.79 21.95
N PHE A 475 0.76 -3.26 21.24
CA PHE A 475 1.17 -2.68 19.96
C PHE A 475 1.55 -1.20 20.12
N LEU A 476 2.37 -0.91 21.12
CA LEU A 476 2.76 0.45 21.42
C LEU A 476 4.22 0.69 21.09
N SER A 477 4.55 1.95 20.83
CA SER A 477 5.91 2.36 20.56
C SER A 477 6.50 3.08 21.78
N CYS A 478 7.82 3.26 21.75
CA CYS A 478 8.52 3.79 22.91
C CYS A 478 8.11 5.22 23.22
N SER A 479 7.96 6.06 22.18
CA SER A 479 7.59 7.45 22.42
C SER A 479 6.18 7.56 22.99
N GLN A 480 5.24 6.80 22.43
CA GLN A 480 3.86 6.82 22.93
C GLN A 480 3.81 6.31 24.36
N TYR A 481 4.54 5.24 24.67
CA TYR A 481 4.58 4.75 26.04
C TYR A 481 5.20 5.77 26.97
N HIS A 482 6.23 6.48 26.51
CA HIS A 482 6.86 7.50 27.35
C HIS A 482 5.89 8.63 27.67
N LYS A 483 5.12 9.08 26.67
CA LYS A 483 4.18 10.16 26.96
C LYS A 483 3.03 9.68 27.83
N MET A 484 2.58 8.43 27.64
CA MET A 484 1.57 7.87 28.52
C MET A 484 2.06 7.81 29.96
N TYR A 485 3.29 7.34 30.16
CA TYR A 485 3.86 7.27 31.50
C TYR A 485 4.01 8.67 32.10
N ARG A 486 4.45 9.64 31.28
CA ARG A 486 4.61 11.00 31.78
C ARG A 486 3.29 11.59 32.24
N THR A 487 2.24 11.46 31.43
CA THR A 487 0.96 12.05 31.81
C THR A 487 0.36 11.33 33.01
N VAL A 488 0.47 9.99 33.06
CA VAL A 488 -0.07 9.26 34.20
C VAL A 488 0.64 9.66 35.48
N LYS A 489 1.97 9.77 35.43
CA LYS A 489 2.71 10.23 36.61
C LYS A 489 2.28 11.63 37.02
N ALA A 490 2.27 12.56 36.05
CA ALA A 490 1.99 13.96 36.37
C ALA A 490 0.59 14.15 36.93
N ILE A 491 -0.37 13.34 36.50
CA ILE A 491 -1.74 13.51 36.97
C ILE A 491 -1.99 12.75 38.27
N THR A 492 -1.64 11.46 38.31
CA THR A 492 -1.96 10.64 39.47
C THR A 492 -1.05 10.94 40.67
N GLY A 493 0.14 11.49 40.44
CA GLY A 493 1.07 11.63 41.55
C GLY A 493 2.01 10.44 41.62
N ARG A 494 1.65 9.47 42.44
CA ARG A 494 2.40 8.22 42.55
C ARG A 494 2.69 7.64 41.17
N GLN A 495 3.85 6.99 41.05
CA GLN A 495 4.34 6.47 39.77
C GLN A 495 3.78 5.07 39.56
N ILE A 496 2.63 4.98 38.90
CA ILE A 496 2.00 3.69 38.66
C ILE A 496 2.83 2.86 37.69
N PHE A 497 3.27 3.47 36.58
CA PHE A 497 4.02 2.75 35.58
C PHE A 497 5.51 2.75 35.94
N GLN A 498 6.33 2.26 35.01
CA GLN A 498 7.77 2.18 35.19
C GLN A 498 8.49 2.82 34.02
N PRO A 499 9.70 3.35 34.22
CA PRO A 499 10.36 4.12 33.17
C PRO A 499 10.97 3.24 32.09
N LEU A 500 11.30 3.90 30.98
CA LEU A 500 11.79 3.19 29.79
C LEU A 500 13.11 2.49 30.06
N HIS A 501 14.00 3.11 30.84
CA HIS A 501 15.28 2.47 31.12
C HIS A 501 15.09 1.20 31.97
N ALA A 502 14.16 1.24 32.93
CA ALA A 502 13.87 0.04 33.71
C ALA A 502 13.26 -1.04 32.84
N LEU A 503 12.37 -0.66 31.92
CA LEU A 503 11.81 -1.63 30.99
C LEU A 503 12.89 -2.25 30.11
N ARG A 504 13.83 -1.43 29.64
CA ARG A 504 14.91 -1.93 28.80
C ARG A 504 15.86 -2.84 29.57
N ASN A 505 16.08 -2.54 30.85
CA ASN A 505 16.87 -3.44 31.69
C ASN A 505 16.14 -4.77 31.87
N ALA A 506 14.83 -4.72 32.12
CA ALA A 506 14.05 -5.92 32.40
C ALA A 506 13.85 -6.81 31.18
N GLU A 507 14.14 -6.32 29.97
CA GLU A 507 13.91 -7.12 28.77
C GLU A 507 15.12 -7.93 28.34
N LYS A 508 16.25 -7.83 29.05
CA LYS A 508 17.42 -8.60 28.71
C LYS A 508 17.32 -10.05 29.13
N VAL A 509 16.41 -10.38 30.03
CA VAL A 509 16.25 -11.78 30.43
C VAL A 509 15.67 -12.61 29.31
N LEU A 510 14.70 -12.07 28.57
CA LEU A 510 14.05 -12.81 27.50
C LEU A 510 14.90 -12.89 26.24
N LEU A 511 15.69 -11.86 25.94
CA LEU A 511 16.53 -11.87 24.76
C LEU A 511 17.61 -12.94 24.90
N PRO A 512 18.02 -13.56 23.79
CA PRO A 512 19.08 -14.57 23.85
C PRO A 512 20.42 -13.97 24.22
N GLY A 513 21.23 -14.77 24.91
CA GLY A 513 22.57 -14.36 25.28
C GLY A 513 22.71 -13.77 26.66
N TYR A 514 21.98 -14.27 27.65
CA TYR A 514 22.19 -13.84 29.03
C TYR A 514 22.19 -15.00 30.03
N HIS A 515 21.65 -16.17 29.67
CA HIS A 515 21.65 -17.34 30.54
C HIS A 515 22.80 -18.27 30.19
N PRO A 516 23.37 -18.98 31.16
CA PRO A 516 24.45 -19.92 30.87
C PRO A 516 23.95 -21.25 30.33
N PHE A 517 24.76 -21.85 29.47
CA PHE A 517 24.43 -23.14 28.89
C PHE A 517 25.70 -23.79 28.35
N GLU A 518 25.62 -25.09 28.10
CA GLU A 518 26.73 -25.83 27.54
C GLU A 518 26.18 -27.05 26.79
N TRP A 519 27.01 -27.59 25.92
CA TRP A 519 26.68 -28.78 25.13
C TRP A 519 27.57 -29.93 25.58
N GLN A 520 26.95 -31.06 25.92
CA GLN A 520 27.74 -32.21 26.37
C GLN A 520 28.69 -32.71 25.30
N PRO A 521 28.27 -32.92 24.05
CA PRO A 521 29.24 -32.99 22.97
C PRO A 521 29.56 -31.60 22.45
N PRO A 522 30.80 -31.16 22.56
CA PRO A 522 31.15 -29.80 22.08
C PRO A 522 30.80 -29.64 20.62
N LEU A 523 29.93 -28.67 20.35
CA LEU A 523 29.44 -28.47 18.99
C LEU A 523 30.58 -28.15 18.05
N LYS A 524 30.55 -28.75 16.86
CA LYS A 524 31.60 -28.54 15.88
C LYS A 524 31.43 -27.22 15.16
N ASN A 525 32.54 -26.51 14.97
CA ASN A 525 32.61 -25.29 14.16
C ASN A 525 31.70 -24.18 14.69
N VAL A 526 31.50 -24.12 16.01
CA VAL A 526 30.80 -22.99 16.61
C VAL A 526 31.31 -22.80 18.03
N SER A 527 31.42 -21.54 18.45
CA SER A 527 31.94 -21.21 19.77
C SER A 527 30.94 -21.57 20.85
N SER A 528 31.47 -21.84 22.05
CA SER A 528 30.67 -22.19 23.21
C SER A 528 30.39 -20.98 24.09
N ARG A 529 30.72 -19.77 23.64
CA ARG A 529 30.45 -18.58 24.43
C ARG A 529 28.96 -18.38 24.61
N THR A 530 28.59 -17.84 25.77
CA THR A 530 27.20 -17.74 26.19
C THR A 530 26.76 -16.29 26.37
N ASP A 531 27.38 -15.36 25.65
CA ASP A 531 27.07 -13.94 25.78
C ASP A 531 27.00 -13.29 24.40
N VAL A 532 26.33 -13.95 23.47
CA VAL A 532 26.17 -13.45 22.10
C VAL A 532 24.73 -12.99 21.92
N GLY A 533 24.57 -11.81 21.35
CA GLY A 533 23.26 -11.26 21.10
C GLY A 533 22.93 -11.20 19.62
N ILE A 534 22.81 -9.98 19.09
CA ILE A 534 22.56 -9.78 17.67
C ILE A 534 23.92 -9.74 16.96
N ILE A 535 24.20 -10.76 16.17
CA ILE A 535 25.44 -10.82 15.42
C ILE A 535 25.12 -10.59 13.95
N ASP A 536 26.11 -10.07 13.22
CA ASP A 536 25.90 -9.68 11.83
C ASP A 536 25.57 -10.91 10.99
N GLY A 537 24.51 -10.81 10.19
CA GLY A 537 24.10 -11.92 9.35
C GLY A 537 25.02 -12.18 8.17
N LEU A 538 25.84 -11.20 7.78
CA LEU A 538 26.79 -11.39 6.70
C LEU A 538 27.87 -12.41 7.05
N SER A 539 28.02 -12.76 8.34
CA SER A 539 29.03 -13.70 8.80
C SER A 539 30.43 -13.26 8.37
N GLY A 540 30.65 -11.94 8.42
CA GLY A 540 31.95 -11.39 8.08
C GLY A 540 32.36 -11.63 6.64
N LEU A 541 31.41 -11.63 5.72
CA LEU A 541 31.73 -11.84 4.32
C LEU A 541 32.52 -10.65 3.80
N ALA A 542 33.45 -10.92 2.88
CA ALA A 542 34.35 -9.87 2.39
C ALA A 542 33.58 -8.79 1.66
N SER A 543 33.69 -7.56 2.15
CA SER A 543 33.07 -6.40 1.53
C SER A 543 34.07 -5.57 0.72
N SER A 544 35.26 -6.11 0.48
CA SER A 544 36.27 -5.39 -0.27
C SER A 544 35.81 -5.17 -1.71
N VAL A 545 36.30 -4.09 -2.32
CA VAL A 545 35.90 -3.74 -3.67
C VAL A 545 36.33 -4.78 -4.68
N ASP A 546 37.36 -5.56 -4.37
CA ASP A 546 37.87 -6.58 -5.26
C ASP A 546 37.03 -7.85 -5.26
N GLU A 547 36.27 -8.09 -4.20
CA GLU A 547 35.54 -9.33 -4.02
C GLU A 547 34.16 -9.22 -4.68
N TYR A 548 33.42 -10.32 -4.68
CA TYR A 548 32.07 -10.33 -5.23
C TYR A 548 31.21 -9.31 -4.49
N PRO A 549 30.47 -8.45 -5.19
CA PRO A 549 29.75 -7.37 -4.51
C PRO A 549 28.66 -7.89 -3.58
N VAL A 550 28.40 -7.11 -2.54
CA VAL A 550 27.38 -7.44 -1.54
C VAL A 550 26.31 -6.36 -1.56
N ASP A 551 25.05 -6.78 -1.43
CA ASP A 551 23.94 -5.84 -1.40
C ASP A 551 22.88 -6.24 -0.38
N THR A 552 23.28 -6.91 0.70
CA THR A 552 22.35 -7.43 1.69
C THR A 552 22.68 -6.88 3.07
N ILE A 553 21.64 -6.58 3.83
CA ILE A 553 21.75 -6.17 5.22
C ILE A 553 21.03 -7.21 6.06
N ALA A 554 21.78 -7.89 6.93
CA ALA A 554 21.24 -8.98 7.73
C ALA A 554 21.68 -8.85 9.17
N LYS A 555 20.73 -8.96 10.10
CA LYS A 555 21.00 -9.01 11.53
C LYS A 555 20.39 -10.27 12.09
N ARG A 556 21.15 -10.99 12.91
CA ARG A 556 20.85 -12.39 13.17
C ARG A 556 21.21 -12.78 14.59
N PHE A 557 20.38 -13.67 15.16
CA PHE A 557 20.67 -14.35 16.41
C PHE A 557 21.42 -15.65 16.14
N ARG A 558 22.21 -16.08 17.11
CA ARG A 558 22.79 -17.40 17.05
C ARG A 558 21.72 -18.44 17.34
N TYR A 559 21.80 -19.58 16.65
CA TYR A 559 20.68 -20.51 16.66
C TYR A 559 20.48 -21.14 18.04
N ASP A 560 21.56 -21.61 18.66
CA ASP A 560 21.45 -22.23 19.98
C ASP A 560 21.05 -21.21 21.04
N SER A 561 21.55 -19.98 20.93
CA SER A 561 21.15 -18.94 21.87
C SER A 561 19.66 -18.65 21.77
N ALA A 562 19.15 -18.53 20.55
CA ALA A 562 17.72 -18.31 20.37
C ALA A 562 16.92 -19.49 20.91
N LEU A 563 17.41 -20.71 20.67
CA LEU A 563 16.71 -21.90 21.14
C LEU A 563 16.65 -21.95 22.66
N VAL A 564 17.75 -21.64 23.34
CA VAL A 564 17.75 -21.69 24.81
C VAL A 564 16.90 -20.57 25.39
N SER A 565 16.94 -19.39 24.77
CA SER A 565 16.06 -18.31 25.21
C SER A 565 14.60 -18.72 25.09
N ALA A 566 14.23 -19.31 23.95
CA ALA A 566 12.85 -19.76 23.76
C ALA A 566 12.49 -20.85 24.75
N LEU A 567 13.40 -21.79 24.99
CA LEU A 567 13.09 -22.91 25.87
C LEU A 567 12.88 -22.47 27.31
N MET A 568 13.73 -21.58 27.82
CA MET A 568 13.44 -21.20 29.21
C MET A 568 12.47 -20.03 29.32
N ASP A 569 12.04 -19.45 28.20
CA ASP A 569 10.78 -18.71 28.21
C ASP A 569 9.60 -19.68 28.31
N MET A 570 9.73 -20.84 27.68
CA MET A 570 8.75 -21.91 27.69
C MET A 570 8.73 -22.68 29.00
N GLU A 571 9.77 -22.47 29.83
CA GLU A 571 9.99 -23.16 31.10
C GLU A 571 8.74 -23.40 31.93
N GLU A 572 8.01 -22.34 32.27
CA GLU A 572 6.91 -22.50 33.21
C GLU A 572 5.73 -23.23 32.58
N ASP A 573 5.51 -23.05 31.27
CA ASP A 573 4.53 -23.88 30.58
C ASP A 573 4.95 -25.35 30.61
N ILE A 574 6.24 -25.61 30.44
CA ILE A 574 6.74 -26.98 30.47
C ILE A 574 6.49 -27.60 31.84
N LEU A 575 6.77 -26.84 32.90
CA LEU A 575 6.54 -27.34 34.25
C LEU A 575 5.07 -27.58 34.52
N GLU A 576 4.21 -26.66 34.08
CA GLU A 576 2.77 -26.82 34.28
C GLU A 576 2.25 -28.04 33.54
N GLY A 577 2.70 -28.26 32.31
CA GLY A 577 2.30 -29.46 31.59
C GLY A 577 2.80 -30.73 32.24
N MET A 578 4.03 -30.70 32.76
CA MET A 578 4.56 -31.86 33.47
C MET A 578 3.72 -32.18 34.69
N ARG A 579 3.30 -31.16 35.44
CA ARG A 579 2.40 -31.39 36.56
C ARG A 579 1.06 -31.94 36.09
N SER A 580 0.50 -31.35 35.03
CA SER A 580 -0.81 -31.75 34.54
C SER A 580 -0.82 -33.17 33.98
N GLN A 581 0.34 -33.69 33.57
CA GLN A 581 0.40 -35.06 33.09
C GLN A 581 0.47 -36.09 34.21
N ASP A 582 0.35 -35.66 35.47
CA ASP A 582 0.41 -36.53 36.63
C ASP A 582 1.75 -37.22 36.78
N LEU A 583 2.81 -36.58 36.32
CA LEU A 583 4.16 -37.07 36.47
C LEU A 583 4.85 -36.33 37.63
N ASP A 584 6.16 -36.55 37.77
CA ASP A 584 6.94 -35.88 38.80
C ASP A 584 7.22 -34.44 38.37
N ASP A 585 8.07 -33.75 39.11
CA ASP A 585 8.41 -32.36 38.79
C ASP A 585 9.90 -32.16 38.53
N TYR A 586 10.76 -32.79 39.33
CA TYR A 586 12.20 -32.58 39.24
C TYR A 586 12.89 -33.59 38.33
N LEU A 587 12.14 -34.42 37.63
CA LEU A 587 12.75 -35.38 36.70
C LEU A 587 13.45 -34.64 35.56
N ASN A 588 14.57 -35.21 35.12
CA ASN A 588 15.50 -34.54 34.22
C ASN A 588 15.89 -35.42 33.04
N GLY A 589 14.94 -36.15 32.48
CA GLY A 589 15.21 -37.04 31.38
C GLY A 589 15.53 -36.32 30.09
N PRO A 590 15.82 -37.08 29.04
CA PRO A 590 16.20 -36.47 27.75
C PRO A 590 15.02 -35.86 27.01
N PHE A 591 14.70 -34.61 27.32
CA PHE A 591 13.65 -33.90 26.62
C PHE A 591 13.89 -33.89 25.11
N THR A 592 12.82 -34.12 24.36
CA THR A 592 12.83 -34.02 22.91
C THR A 592 11.98 -32.82 22.50
N VAL A 593 12.58 -31.91 21.72
CA VAL A 593 11.92 -30.68 21.30
C VAL A 593 11.77 -30.71 19.79
N VAL A 594 10.55 -30.50 19.31
CA VAL A 594 10.24 -30.48 17.89
C VAL A 594 10.00 -29.03 17.49
N VAL A 595 10.77 -28.56 16.51
CA VAL A 595 10.68 -27.18 16.06
C VAL A 595 10.39 -27.16 14.56
N LYS A 596 9.79 -26.06 14.11
CA LYS A 596 9.36 -25.88 12.74
C LYS A 596 10.07 -24.68 12.15
N GLU A 597 10.70 -24.87 10.99
CA GLU A 597 11.42 -23.81 10.31
C GLU A 597 10.58 -23.30 9.15
N SER A 598 10.32 -22.00 9.13
CA SER A 598 9.53 -21.36 8.08
C SER A 598 10.30 -20.21 7.48
N CYS A 599 10.42 -20.20 6.16
CA CYS A 599 11.10 -19.14 5.43
C CYS A 599 10.23 -18.66 4.28
N ASP A 600 10.16 -17.35 4.10
CA ASP A 600 9.40 -16.78 3.00
C ASP A 600 9.96 -15.40 2.66
N GLY A 601 10.07 -15.12 1.37
CA GLY A 601 10.55 -13.83 0.92
C GLY A 601 9.39 -12.94 0.51
N MET A 602 9.43 -11.70 1.01
CA MET A 602 8.36 -10.75 0.76
C MET A 602 8.69 -9.88 -0.44
N GLY A 603 7.86 -8.84 -0.64
CA GLY A 603 8.08 -7.88 -1.69
C GLY A 603 7.51 -6.52 -1.30
N ASP A 604 7.80 -5.54 -2.14
CA ASP A 604 7.27 -4.18 -2.00
C ASP A 604 7.70 -3.49 -0.71
N VAL A 605 8.77 -3.95 -0.07
CA VAL A 605 9.33 -3.21 1.06
C VAL A 605 10.11 -2.03 0.52
N SER A 606 9.92 -0.87 1.14
CA SER A 606 10.48 0.37 0.63
C SER A 606 11.89 0.55 1.17
N GLU A 607 12.88 0.52 0.27
CA GLU A 607 14.24 0.79 0.67
C GLU A 607 14.38 2.24 1.14
N LYS A 608 15.19 2.42 2.18
CA LYS A 608 15.35 3.73 2.81
C LYS A 608 16.54 4.47 2.20
N HIS A 609 16.69 5.72 2.60
CA HIS A 609 17.86 6.50 2.22
C HIS A 609 19.01 6.14 3.15
N GLY A 610 20.10 6.90 3.07
CA GLY A 610 21.20 6.75 4.00
C GLY A 610 22.33 5.91 3.46
N SER A 611 23.44 5.92 4.21
CA SER A 611 24.61 5.15 3.83
C SER A 611 24.33 3.66 3.95
N GLY A 612 24.86 2.91 2.98
CA GLY A 612 24.67 1.48 2.95
C GLY A 612 24.87 0.93 1.55
N PRO A 613 24.78 -0.39 1.41
CA PRO A 613 24.94 -1.00 0.09
C PRO A 613 23.74 -0.75 -0.81
N ALA A 614 23.79 -1.25 -2.04
CA ALA A 614 22.66 -1.14 -2.97
C ALA A 614 21.65 -2.22 -2.63
N VAL A 615 21.05 -2.08 -1.46
CA VAL A 615 20.11 -3.08 -0.94
C VAL A 615 18.87 -3.13 -1.83
N PRO A 616 18.32 -4.30 -2.14
CA PRO A 616 17.10 -4.37 -2.94
C PRO A 616 15.87 -4.04 -2.12
N GLU A 617 14.74 -4.00 -2.80
CA GLU A 617 13.44 -3.74 -2.18
C GLU A 617 12.68 -5.02 -1.89
N LYS A 618 13.39 -6.09 -1.56
CA LYS A 618 12.78 -7.36 -1.17
C LYS A 618 13.42 -7.84 0.12
N ALA A 619 12.62 -8.53 0.93
CA ALA A 619 13.06 -9.02 2.23
C ALA A 619 12.81 -10.51 2.35
N VAL A 620 13.65 -11.18 3.12
CA VAL A 620 13.50 -12.60 3.41
C VAL A 620 13.58 -12.77 4.92
N ARG A 621 12.61 -13.49 5.49
CA ARG A 621 12.55 -13.74 6.91
C ARG A 621 12.77 -15.23 7.18
N PHE A 622 13.50 -15.54 8.23
CA PHE A 622 13.75 -16.90 8.65
C PHE A 622 13.32 -17.03 10.10
N SER A 623 12.24 -17.78 10.35
CA SER A 623 11.63 -17.85 11.66
C SER A 623 11.39 -19.30 12.03
N PHE A 624 11.31 -19.55 13.33
CA PHE A 624 11.08 -20.89 13.86
C PHE A 624 10.12 -20.83 15.03
N THR A 625 9.48 -21.96 15.30
CA THR A 625 8.53 -22.07 16.41
C THR A 625 8.64 -23.46 17.01
N VAL A 626 8.25 -23.56 18.28
CA VAL A 626 8.32 -24.82 19.03
C VAL A 626 6.92 -25.42 19.07
N MET A 627 6.78 -26.62 18.52
CA MET A 627 5.49 -27.29 18.42
C MET A 627 5.25 -28.27 19.56
N ARG A 628 6.12 -29.26 19.71
CA ARG A 628 5.92 -30.33 20.68
C ARG A 628 7.16 -30.51 21.54
N ILE A 629 6.95 -30.88 22.79
CA ILE A 629 8.02 -31.24 23.72
C ILE A 629 7.63 -32.55 24.40
N THR A 630 8.51 -33.55 24.31
CA THR A 630 8.24 -34.87 24.87
C THR A 630 9.45 -35.36 25.64
N ILE A 631 9.19 -36.15 26.68
CA ILE A 631 10.25 -36.72 27.51
C ILE A 631 9.91 -38.18 27.77
N GLU A 632 10.97 -39.00 27.90
CA GLU A 632 10.82 -40.44 28.01
C GLU A 632 10.49 -40.83 29.45
N HIS A 633 9.51 -41.72 29.61
CA HIS A 633 9.14 -42.27 30.91
C HIS A 633 8.87 -43.75 30.73
N GLY A 634 9.78 -44.59 31.21
CA GLY A 634 9.62 -46.02 31.08
C GLY A 634 9.70 -46.49 29.64
N SER A 635 8.56 -46.93 29.11
CA SER A 635 8.48 -47.42 27.74
C SER A 635 7.77 -46.45 26.79
N GLN A 636 7.27 -45.34 27.29
CA GLN A 636 6.54 -44.37 26.49
C GLN A 636 7.02 -42.96 26.80
N ASN A 637 6.59 -42.01 25.98
CA ASN A 637 6.89 -40.60 26.17
C ASN A 637 5.60 -39.83 26.40
N VAL A 638 5.71 -38.73 27.14
CA VAL A 638 4.56 -37.95 27.57
C VAL A 638 4.61 -36.58 26.90
N LYS A 639 3.46 -36.10 26.46
CA LYS A 639 3.35 -34.82 25.77
C LYS A 639 3.36 -33.72 26.83
N VAL A 640 4.55 -33.20 27.13
CA VAL A 640 4.66 -32.17 28.16
C VAL A 640 4.07 -30.85 27.70
N PHE A 641 3.99 -30.61 26.41
CA PHE A 641 3.36 -29.39 25.89
C PHE A 641 2.82 -29.64 24.50
N GLU A 642 1.91 -28.77 24.09
CA GLU A 642 1.33 -28.80 22.75
C GLU A 642 0.89 -27.39 22.40
N GLU A 643 1.36 -26.87 21.28
CA GLU A 643 1.04 -25.49 20.90
C GLU A 643 -0.44 -25.38 20.55
N PRO A 644 -1.20 -24.48 21.19
CA PRO A 644 -2.64 -24.43 20.92
C PRO A 644 -2.98 -23.79 19.58
N LYS A 645 -2.23 -22.77 19.17
CA LYS A 645 -2.47 -22.06 17.90
C LYS A 645 -1.16 -22.06 17.12
N PRO A 646 -0.83 -23.18 16.47
CA PRO A 646 0.45 -23.26 15.75
C PRO A 646 0.57 -22.27 14.60
N ASN A 647 -0.56 -21.81 14.05
CA ASN A 647 -0.55 -20.94 12.89
C ASN A 647 -0.64 -19.46 13.25
N SER A 648 -0.57 -19.14 14.54
CA SER A 648 -0.75 -17.76 14.98
C SER A 648 0.54 -16.97 14.82
N GLU A 649 0.44 -15.67 15.03
CA GLU A 649 1.59 -14.77 15.02
C GLU A 649 2.30 -14.71 16.38
N LEU A 650 1.79 -15.42 17.37
CA LEU A 650 2.34 -15.40 18.72
C LEU A 650 3.31 -16.54 18.98
N CYS A 651 3.60 -17.38 17.98
CA CYS A 651 4.45 -18.53 18.17
C CYS A 651 5.70 -18.54 17.31
N CYS A 652 5.64 -18.03 16.09
CA CYS A 652 6.82 -17.98 15.23
C CYS A 652 7.81 -16.97 15.81
N LYS A 653 9.08 -17.36 15.85
CA LYS A 653 10.12 -16.54 16.47
C LYS A 653 11.12 -16.09 15.43
N PRO A 654 11.31 -14.77 15.26
CA PRO A 654 12.29 -14.29 14.29
C PRO A 654 13.71 -14.71 14.67
N LEU A 655 14.47 -15.12 13.69
CA LEU A 655 15.83 -15.59 13.92
C LEU A 655 16.86 -14.94 13.01
N CYS A 656 16.53 -14.68 11.75
CA CYS A 656 17.48 -14.14 10.80
C CYS A 656 16.72 -13.31 9.77
N LEU A 657 16.89 -12.00 9.83
CA LEU A 657 16.15 -11.08 8.98
C LEU A 657 17.12 -10.40 8.02
N MET A 658 16.87 -10.54 6.73
CA MET A 658 17.75 -10.00 5.72
C MET A 658 16.94 -9.36 4.60
N LEU A 659 17.54 -8.37 3.95
CA LEU A 659 16.95 -7.66 2.83
C LEU A 659 17.67 -8.13 1.56
N ALA A 660 17.14 -9.20 0.97
CA ALA A 660 17.73 -9.76 -0.24
C ALA A 660 16.63 -10.41 -1.05
N ASP A 661 16.90 -10.58 -2.35
CA ASP A 661 15.93 -11.20 -3.24
C ASP A 661 15.78 -12.68 -2.91
N GLU A 662 14.55 -13.19 -3.03
CA GLU A 662 14.31 -14.60 -2.77
C GLU A 662 15.01 -15.49 -3.79
N SER A 663 15.02 -15.07 -5.06
CA SER A 663 15.61 -15.87 -6.12
C SER A 663 17.10 -15.60 -6.32
N ASP A 664 17.68 -14.66 -5.58
CA ASP A 664 19.11 -14.36 -5.71
C ASP A 664 19.87 -15.40 -4.90
N HIS A 665 20.19 -16.51 -5.57
CA HIS A 665 20.69 -17.69 -4.87
C HIS A 665 22.04 -17.43 -4.24
N GLU A 666 22.86 -16.59 -4.86
CA GLU A 666 24.19 -16.28 -4.35
C GLU A 666 24.10 -15.77 -2.92
N THR A 667 23.47 -14.61 -2.73
CA THR A 667 23.37 -14.04 -1.39
C THR A 667 22.46 -14.86 -0.48
N LEU A 668 21.43 -15.51 -1.04
CA LEU A 668 20.59 -16.37 -0.22
C LEU A 668 21.41 -17.42 0.50
N THR A 669 22.23 -18.16 -0.25
CA THR A 669 23.10 -19.16 0.36
C THR A 669 24.17 -18.51 1.22
N ALA A 670 24.71 -17.36 0.78
CA ALA A 670 25.75 -16.68 1.54
C ALA A 670 25.28 -16.36 2.95
N ILE A 671 24.02 -15.97 3.11
CA ILE A 671 23.50 -15.63 4.42
C ILE A 671 22.96 -16.84 5.18
N LEU A 672 22.39 -17.82 4.48
CA LEU A 672 21.76 -18.95 5.17
C LEU A 672 22.71 -20.12 5.43
N SER A 673 23.96 -20.06 4.94
CA SER A 673 24.91 -21.14 5.22
C SER A 673 25.22 -21.30 6.70
N PRO A 674 25.48 -20.24 7.49
CA PRO A 674 25.74 -20.45 8.92
C PRO A 674 24.58 -21.11 9.64
N LEU A 675 23.35 -20.83 9.24
CA LEU A 675 22.20 -21.45 9.90
C LEU A 675 22.19 -22.95 9.67
N ILE A 676 22.47 -23.38 8.43
CA ILE A 676 22.51 -24.81 8.15
C ILE A 676 23.69 -25.46 8.87
N ALA A 677 24.81 -24.74 8.98
CA ALA A 677 25.95 -25.27 9.73
C ALA A 677 25.58 -25.50 11.19
N GLU A 678 24.90 -24.53 11.80
CA GLU A 678 24.47 -24.68 13.19
C GLU A 678 23.46 -25.82 13.34
N ARG A 679 22.52 -25.93 12.40
CA ARG A 679 21.54 -27.01 12.47
C ARG A 679 22.21 -28.37 12.38
N GLU A 680 23.17 -28.52 11.47
CA GLU A 680 23.89 -29.78 11.37
C GLU A 680 24.72 -30.06 12.61
N ALA A 681 25.35 -29.03 13.19
CA ALA A 681 26.15 -29.23 14.39
C ALA A 681 25.31 -29.67 15.57
N MET A 682 24.14 -29.05 15.75
CA MET A 682 23.31 -29.35 16.91
C MET A 682 22.28 -30.44 16.66
N LYS A 683 22.22 -31.00 15.45
CA LYS A 683 21.33 -32.12 15.20
C LYS A 683 21.86 -33.42 15.79
N SER A 684 23.14 -33.45 16.18
CA SER A 684 23.78 -34.65 16.72
C SER A 684 24.55 -34.30 17.99
N SER A 685 23.91 -33.57 18.89
CA SER A 685 24.52 -33.17 20.15
C SER A 685 23.44 -33.10 21.22
N GLU A 686 23.86 -32.77 22.45
CA GLU A 686 22.96 -32.75 23.59
C GLU A 686 23.20 -31.46 24.37
N LEU A 687 22.12 -30.82 24.81
CA LEU A 687 22.18 -29.54 25.50
C LEU A 687 21.90 -29.73 26.99
N THR A 688 22.79 -29.21 27.83
CA THR A 688 22.60 -29.21 29.27
C THR A 688 22.21 -27.81 29.70
N LEU A 689 21.08 -27.69 30.40
CA LEU A 689 20.56 -26.38 30.76
C LEU A 689 19.76 -26.48 32.04
N GLU A 690 20.09 -25.62 33.01
CA GLU A 690 19.35 -25.58 34.27
C GLU A 690 17.92 -25.10 34.02
N MET A 691 16.98 -25.70 34.73
CA MET A 691 15.55 -25.38 34.54
C MET A 691 14.89 -25.35 35.91
N GLY A 692 14.76 -24.15 36.47
CA GLY A 692 14.21 -24.02 37.81
C GLY A 692 15.08 -24.62 38.89
N GLY A 693 16.40 -24.43 38.79
CA GLY A 693 17.33 -24.91 39.80
C GLY A 693 17.79 -26.34 39.65
N ILE A 694 17.26 -27.07 38.68
CA ILE A 694 17.63 -28.47 38.45
C ILE A 694 18.04 -28.61 36.99
N PRO A 695 19.23 -29.12 36.69
CA PRO A 695 19.65 -29.26 35.29
C PRO A 695 18.77 -30.26 34.55
N ARG A 696 18.54 -29.97 33.27
CA ARG A 696 17.77 -30.85 32.39
C ARG A 696 18.39 -30.86 31.01
N THR A 697 18.32 -32.01 30.35
CA THR A 697 18.94 -32.23 29.06
C THR A 697 17.91 -32.13 27.94
N PHE A 698 18.35 -31.64 26.78
CA PHE A 698 17.46 -31.36 25.65
C PHE A 698 17.97 -32.05 24.39
N LYS A 699 17.09 -32.80 23.75
CA LYS A 699 17.31 -33.29 22.40
C LYS A 699 16.46 -32.49 21.42
N PHE A 700 16.86 -32.51 20.15
CA PHE A 700 16.20 -31.69 19.15
C PHE A 700 15.92 -32.51 17.89
N ILE A 701 14.69 -32.40 17.40
CA ILE A 701 14.28 -32.99 16.13
C ILE A 701 13.83 -31.85 15.23
N PHE A 702 14.37 -31.81 14.01
CA PHE A 702 14.28 -30.63 13.17
C PHE A 702 13.52 -30.96 11.90
N ARG A 703 12.49 -30.15 11.59
CA ARG A 703 11.67 -30.36 10.42
C ARG A 703 11.42 -29.04 9.72
N GLY A 704 11.49 -29.04 8.40
CA GLY A 704 11.23 -27.86 7.62
C GLY A 704 9.99 -27.99 6.75
N THR A 705 8.93 -27.25 7.10
CA THR A 705 7.67 -27.30 6.38
C THR A 705 7.15 -25.95 5.93
N GLY A 706 7.64 -24.85 6.48
CA GLY A 706 7.10 -23.54 6.17
C GLY A 706 7.67 -22.90 4.91
N TYR A 707 7.92 -23.71 3.89
CA TYR A 707 8.49 -23.25 2.64
C TYR A 707 7.44 -23.28 1.54
N ASP A 708 7.39 -22.22 0.73
CA ASP A 708 6.48 -22.18 -0.40
C ASP A 708 7.01 -23.06 -1.52
N GLU A 709 6.17 -23.25 -2.55
CA GLU A 709 6.54 -24.11 -3.67
C GLU A 709 7.78 -23.58 -4.39
N LYS A 710 7.80 -22.27 -4.66
CA LYS A 710 8.93 -21.68 -5.37
C LYS A 710 10.21 -21.81 -4.55
N LEU A 711 10.12 -21.58 -3.24
CA LEU A 711 11.32 -21.65 -2.41
C LEU A 711 11.81 -23.08 -2.28
N VAL A 712 10.89 -24.05 -2.21
CA VAL A 712 11.30 -25.46 -2.22
C VAL A 712 11.99 -25.79 -3.53
N ARG A 713 11.44 -25.33 -4.65
CA ARG A 713 12.10 -25.56 -5.94
C ARG A 713 13.50 -24.96 -5.94
N GLU A 714 13.66 -23.79 -5.34
CA GLU A 714 14.93 -23.08 -5.41
C GLU A 714 15.98 -23.73 -4.51
N VAL A 715 15.59 -24.16 -3.31
CA VAL A 715 16.57 -24.63 -2.32
C VAL A 715 16.71 -26.14 -2.27
N GLU A 716 15.81 -26.89 -2.91
CA GLU A 716 15.88 -28.35 -2.89
C GLU A 716 16.49 -28.93 -4.15
N GLY A 717 16.53 -28.17 -5.25
CA GLY A 717 17.26 -28.57 -6.43
C GLY A 717 16.44 -28.90 -7.66
N LEU A 718 15.12 -28.68 -7.63
CA LEU A 718 14.32 -28.96 -8.81
C LEU A 718 14.58 -27.90 -9.89
N GLU A 719 14.07 -28.15 -11.10
CA GLU A 719 14.65 -27.55 -12.29
C GLU A 719 14.59 -26.03 -12.30
N ALA A 720 13.41 -25.42 -12.51
CA ALA A 720 13.29 -24.04 -12.09
C ALA A 720 12.09 -23.81 -11.18
N SER A 721 10.88 -23.84 -11.76
CA SER A 721 9.66 -24.07 -11.00
C SER A 721 8.64 -24.83 -11.85
N GLY A 722 8.67 -24.61 -13.16
CA GLY A 722 7.70 -25.21 -14.05
C GLY A 722 8.05 -26.61 -14.48
N SER A 723 9.13 -26.73 -15.27
CA SER A 723 9.69 -28.00 -15.71
C SER A 723 8.65 -28.92 -16.31
N VAL A 724 8.99 -30.21 -16.39
CA VAL A 724 8.01 -31.26 -16.60
C VAL A 724 7.83 -32.10 -15.34
N TYR A 725 8.77 -32.04 -14.40
CA TYR A 725 8.67 -32.69 -13.10
C TYR A 725 8.02 -31.69 -12.15
N ILE A 726 6.79 -31.97 -11.72
CA ILE A 726 5.98 -30.95 -11.06
C ILE A 726 6.05 -31.05 -9.54
N CYS A 727 6.01 -32.26 -8.98
CA CYS A 727 5.90 -32.40 -7.54
C CYS A 727 7.28 -32.41 -6.88
N THR A 728 7.32 -31.97 -5.63
CA THR A 728 8.52 -31.97 -4.82
C THR A 728 8.57 -33.19 -3.89
N LEU A 729 7.72 -34.17 -4.11
CA LEU A 729 7.66 -35.36 -3.25
C LEU A 729 7.83 -36.63 -4.07
N CYS A 730 7.37 -36.62 -5.32
CA CYS A 730 7.46 -37.76 -6.21
C CYS A 730 8.04 -37.33 -7.55
N ASP A 731 8.73 -38.26 -8.22
CA ASP A 731 9.39 -37.98 -9.49
C ASP A 731 8.51 -38.51 -10.61
N THR A 732 7.50 -37.71 -10.98
CA THR A 732 6.58 -38.05 -12.05
C THR A 732 6.41 -36.86 -12.98
N THR A 733 6.44 -37.14 -14.28
CA THR A 733 6.27 -36.10 -15.28
C THR A 733 4.84 -35.56 -15.27
N ARG A 734 4.66 -34.38 -15.87
CA ARG A 734 3.36 -33.74 -15.85
C ARG A 734 2.32 -34.55 -16.62
N LEU A 735 2.71 -35.13 -17.76
CA LEU A 735 1.78 -35.95 -18.53
C LEU A 735 1.40 -37.22 -17.77
N GLU A 736 2.41 -37.89 -17.19
CA GLU A 736 2.11 -39.09 -16.40
C GLU A 736 1.26 -38.75 -15.18
N ALA A 737 1.55 -37.61 -14.53
CA ALA A 737 0.69 -37.16 -13.44
C ALA A 737 -0.71 -36.83 -13.93
N SER A 738 -0.82 -36.36 -15.18
CA SER A 738 -2.13 -36.05 -15.75
C SER A 738 -2.93 -37.29 -16.11
N GLN A 739 -2.27 -38.42 -16.39
CA GLN A 739 -2.99 -39.63 -16.75
C GLN A 739 -3.33 -40.54 -15.58
N ASN A 740 -2.56 -40.49 -14.48
CA ASN A 740 -2.78 -41.41 -13.37
C ASN A 740 -3.72 -40.83 -12.32
N LEU A 741 -3.37 -39.67 -11.76
CA LEU A 741 -4.26 -38.84 -10.95
C LEU A 741 -4.58 -39.44 -9.58
N VAL A 742 -4.14 -40.67 -9.33
CA VAL A 742 -4.55 -41.36 -8.10
C VAL A 742 -3.35 -41.87 -7.31
N PHE A 743 -2.60 -42.79 -7.90
CA PHE A 743 -1.62 -43.58 -7.16
C PHE A 743 -0.23 -43.01 -7.35
N HIS A 744 0.48 -42.79 -6.24
CA HIS A 744 1.83 -42.26 -6.25
C HIS A 744 2.53 -42.70 -4.96
N SER A 745 3.70 -42.11 -4.70
CA SER A 745 4.45 -42.41 -3.49
C SER A 745 5.46 -41.31 -3.26
N ILE A 746 5.71 -40.98 -1.99
CA ILE A 746 6.68 -39.96 -1.62
C ILE A 746 8.07 -40.60 -1.63
N THR A 747 8.93 -40.13 -2.54
CA THR A 747 10.23 -40.75 -2.72
C THR A 747 11.39 -39.77 -2.87
N ARG A 748 11.22 -38.50 -2.50
CA ARG A 748 12.31 -37.53 -2.57
C ARG A 748 12.83 -37.22 -1.17
N SER A 749 14.14 -36.98 -1.09
CA SER A 749 14.78 -36.61 0.15
C SER A 749 16.01 -35.77 -0.16
N HIS A 750 16.51 -35.08 0.87
CA HIS A 750 17.66 -34.21 0.67
C HIS A 750 18.91 -34.99 0.27
N ALA A 751 19.15 -36.14 0.89
CA ALA A 751 20.29 -36.98 0.52
C ALA A 751 20.15 -37.49 -0.90
N GLU A 752 18.92 -37.88 -1.29
CA GLU A 752 18.69 -38.33 -2.66
C GLU A 752 18.96 -37.21 -3.65
N ASN A 753 18.56 -35.98 -3.32
CA ASN A 753 18.84 -34.86 -4.21
C ASN A 753 20.34 -34.58 -4.29
N LEU A 754 21.06 -34.71 -3.17
CA LEU A 754 22.51 -34.50 -3.19
C LEU A 754 23.19 -35.53 -4.09
N GLN A 755 22.83 -36.80 -3.94
CA GLN A 755 23.45 -37.84 -4.77
C GLN A 755 23.03 -37.70 -6.23
N ARG A 756 21.81 -37.24 -6.49
CA ARG A 756 21.40 -37.01 -7.87
C ARG A 756 22.16 -35.84 -8.49
N TYR A 757 22.44 -34.81 -7.70
CA TYR A 757 23.32 -33.75 -8.19
C TYR A 757 24.72 -34.27 -8.48
N GLU A 758 25.23 -35.16 -7.62
CA GLU A 758 26.54 -35.75 -7.88
C GLU A 758 26.54 -36.51 -9.20
N VAL A 759 25.48 -37.29 -9.45
CA VAL A 759 25.36 -38.02 -10.71
C VAL A 759 25.28 -37.06 -11.88
N TRP A 760 24.49 -35.99 -11.74
CA TRP A 760 24.32 -35.03 -12.83
C TRP A 760 25.65 -34.34 -13.15
N ARG A 761 26.42 -33.98 -12.12
CA ARG A 761 27.68 -33.29 -12.33
C ARG A 761 28.71 -34.21 -12.96
N SER A 762 28.87 -35.42 -12.43
CA SER A 762 29.93 -36.29 -12.91
C SER A 762 29.60 -36.97 -14.23
N ASN A 763 28.31 -37.17 -14.52
CA ASN A 763 27.84 -37.94 -15.67
C ASN A 763 28.57 -39.28 -15.71
N PRO A 764 28.29 -40.20 -14.78
CA PRO A 764 29.03 -41.47 -14.73
C PRO A 764 28.81 -42.36 -15.94
N TYR A 765 27.82 -42.08 -16.77
CA TYR A 765 27.42 -43.01 -17.82
C TYR A 765 27.69 -42.48 -19.23
N HIS A 766 28.30 -41.30 -19.37
CA HIS A 766 28.62 -40.71 -20.67
C HIS A 766 27.36 -40.59 -21.54
N GLU A 767 26.44 -39.77 -21.05
CA GLU A 767 25.12 -39.66 -21.66
C GLU A 767 24.80 -38.19 -21.93
N SER A 768 23.90 -37.97 -22.89
CA SER A 768 23.61 -36.64 -23.39
C SER A 768 22.72 -35.86 -22.41
N VAL A 769 22.36 -34.63 -22.81
CA VAL A 769 21.67 -33.71 -21.91
C VAL A 769 20.30 -34.25 -21.53
N GLU A 770 19.50 -34.64 -22.53
CA GLU A 770 18.12 -35.05 -22.26
C GLU A 770 18.08 -36.31 -21.41
N GLU A 771 18.88 -37.32 -21.77
CA GLU A 771 18.87 -38.57 -21.01
C GLU A 771 19.45 -38.36 -19.61
N LEU A 772 20.44 -37.49 -19.48
CA LEU A 772 20.97 -37.21 -18.15
C LEU A 772 19.94 -36.53 -17.27
N ARG A 773 19.19 -35.58 -17.82
CA ARG A 773 18.12 -34.95 -17.05
C ARG A 773 17.04 -35.97 -16.69
N ASP A 774 16.73 -36.87 -17.62
CA ASP A 774 15.77 -37.94 -17.32
C ASP A 774 16.25 -38.82 -16.18
N ARG A 775 17.54 -39.15 -16.16
CA ARG A 775 18.07 -39.96 -15.07
C ARG A 775 18.05 -39.21 -13.75
N VAL A 776 18.42 -37.92 -13.76
CA VAL A 776 18.50 -37.16 -12.52
C VAL A 776 17.17 -36.60 -12.06
N LYS A 777 16.10 -36.81 -12.82
CA LYS A 777 14.74 -36.49 -12.38
C LYS A 777 14.58 -34.99 -12.12
N GLY A 778 15.28 -34.17 -12.89
CA GLY A 778 15.12 -32.73 -12.81
C GLY A 778 16.03 -32.02 -11.85
N VAL A 779 16.84 -32.73 -11.08
CA VAL A 779 17.76 -32.10 -10.14
C VAL A 779 18.93 -31.54 -10.95
N SER A 780 18.99 -30.22 -11.08
CA SER A 780 20.04 -29.56 -11.85
C SER A 780 20.87 -28.60 -11.00
N ALA A 781 20.70 -28.62 -9.68
CA ALA A 781 21.48 -27.76 -8.79
C ALA A 781 21.70 -28.49 -7.48
N LYS A 782 22.75 -28.08 -6.77
CA LYS A 782 23.10 -28.69 -5.49
C LYS A 782 22.26 -28.07 -4.38
N PRO A 783 21.49 -28.85 -3.64
CA PRO A 783 20.72 -28.29 -2.52
C PRO A 783 21.62 -27.85 -1.39
N PHE A 784 21.12 -26.90 -0.60
CA PHE A 784 21.86 -26.40 0.55
C PHE A 784 21.02 -26.25 1.82
N ILE A 785 19.72 -26.52 1.75
CA ILE A 785 18.85 -26.48 2.92
C ILE A 785 18.04 -27.78 2.95
N GLU A 786 18.05 -28.46 4.09
CA GLU A 786 17.30 -29.69 4.25
C GLU A 786 15.84 -29.36 4.60
N THR A 787 14.92 -29.75 3.73
CA THR A 787 13.50 -29.59 3.98
C THR A 787 12.80 -30.93 3.83
N VAL A 788 11.82 -31.17 4.70
CA VAL A 788 11.09 -32.43 4.67
C VAL A 788 9.94 -32.31 3.67
N PRO A 789 9.53 -33.40 3.03
CA PRO A 789 8.41 -33.34 2.09
C PRO A 789 7.10 -33.06 2.81
N SER A 790 6.46 -31.95 2.47
CA SER A 790 5.19 -31.57 3.07
C SER A 790 4.42 -30.70 2.08
N ILE A 791 3.25 -30.23 2.51
CA ILE A 791 2.37 -29.40 1.69
C ILE A 791 2.05 -28.13 2.47
N ASP A 792 2.19 -26.98 1.81
CA ASP A 792 1.81 -25.71 2.41
C ASP A 792 0.31 -25.49 2.19
N ALA A 793 -0.45 -25.54 3.28
CA ALA A 793 -1.91 -25.53 3.17
C ALA A 793 -2.44 -24.24 2.57
N LEU A 794 -1.90 -23.09 3.00
CA LEU A 794 -2.43 -21.81 2.54
C LEU A 794 -2.22 -21.65 1.04
N HIS A 795 -1.00 -21.86 0.56
CA HIS A 795 -0.74 -21.72 -0.86
C HIS A 795 -1.48 -22.79 -1.67
N CYS A 796 -1.63 -23.99 -1.11
CA CYS A 796 -2.42 -25.01 -1.79
C CYS A 796 -3.86 -24.55 -1.98
N ASP A 797 -4.46 -24.00 -0.93
CA ASP A 797 -5.82 -23.50 -1.03
C ASP A 797 -5.93 -22.35 -2.03
N ILE A 798 -4.94 -21.44 -2.01
CA ILE A 798 -4.97 -20.30 -2.93
C ILE A 798 -4.90 -20.78 -4.38
N GLY A 799 -3.97 -21.70 -4.65
CA GLY A 799 -3.86 -22.23 -6.01
C GLY A 799 -5.10 -22.96 -6.46
N ASN A 800 -5.67 -23.79 -5.58
CA ASN A 800 -6.90 -24.51 -5.93
C ASN A 800 -8.04 -23.53 -6.21
N ALA A 801 -8.15 -22.48 -5.39
CA ALA A 801 -9.22 -21.50 -5.61
C ALA A 801 -9.02 -20.75 -6.92
N ALA A 802 -7.78 -20.39 -7.25
CA ALA A 802 -7.53 -19.74 -8.54
C ALA A 802 -7.88 -20.66 -9.70
N GLU A 803 -7.52 -21.94 -9.60
CA GLU A 803 -7.87 -22.89 -10.64
C GLU A 803 -9.38 -23.00 -10.78
N PHE A 804 -10.11 -23.06 -9.66
CA PHE A 804 -11.56 -23.13 -9.72
C PHE A 804 -12.16 -21.86 -10.30
N TYR A 805 -11.56 -20.71 -10.01
CA TYR A 805 -11.98 -19.45 -10.62
C TYR A 805 -11.88 -19.52 -12.13
N LYS A 806 -10.75 -20.04 -12.64
CA LYS A 806 -10.59 -20.15 -14.08
C LYS A 806 -11.55 -21.18 -14.67
N ILE A 807 -11.82 -22.27 -13.93
CA ILE A 807 -12.80 -23.26 -14.40
C ILE A 807 -14.18 -22.64 -14.52
N PHE A 808 -14.60 -21.85 -13.54
CA PHE A 808 -15.88 -21.16 -13.63
C PHE A 808 -15.90 -20.19 -14.79
N GLN A 809 -14.81 -19.43 -14.97
CA GLN A 809 -14.73 -18.47 -16.06
C GLN A 809 -14.87 -19.16 -17.41
N LEU A 810 -14.28 -20.35 -17.55
CA LEU A 810 -14.44 -21.11 -18.79
C LEU A 810 -15.85 -21.67 -18.93
N GLU A 811 -16.41 -22.20 -17.85
CA GLU A 811 -17.70 -22.88 -17.93
C GLU A 811 -18.84 -21.92 -18.21
N ILE A 812 -18.72 -20.66 -17.79
CA ILE A 812 -19.78 -19.69 -18.06
C ILE A 812 -19.75 -19.30 -19.52
N GLY A 813 -18.82 -19.88 -20.28
CA GLY A 813 -18.75 -19.64 -21.71
C GLY A 813 -18.96 -20.89 -22.54
N GLU A 814 -19.08 -22.04 -21.87
CA GLU A 814 -19.32 -23.33 -22.53
C GLU A 814 -18.24 -23.63 -23.57
N VAL A 815 -17.01 -23.77 -23.08
CA VAL A 815 -15.89 -24.07 -23.98
C VAL A 815 -15.97 -25.48 -24.53
N TYR A 816 -16.69 -26.38 -23.87
CA TYR A 816 -16.77 -27.77 -24.35
C TYR A 816 -17.46 -27.87 -25.69
N LYS A 817 -18.29 -26.89 -26.05
CA LYS A 817 -18.90 -26.83 -27.37
C LYS A 817 -18.25 -25.80 -28.28
N HIS A 818 -17.37 -24.95 -27.76
CA HIS A 818 -16.66 -23.94 -28.53
C HIS A 818 -15.17 -24.09 -28.24
N PRO A 819 -14.50 -25.05 -28.89
CA PRO A 819 -13.08 -25.29 -28.60
C PRO A 819 -12.18 -24.10 -28.89
N ASN A 820 -12.59 -23.20 -29.77
CA ASN A 820 -11.82 -22.01 -30.11
C ASN A 820 -12.54 -20.77 -29.61
N ALA A 821 -11.83 -19.93 -28.86
CA ALA A 821 -12.40 -18.71 -28.31
C ALA A 821 -11.42 -17.56 -28.51
N SER A 822 -11.96 -16.35 -28.56
CA SER A 822 -11.15 -15.17 -28.79
C SER A 822 -10.86 -14.45 -27.47
N LYS A 823 -9.85 -13.58 -27.49
CA LYS A 823 -9.48 -12.84 -26.30
C LYS A 823 -10.60 -11.93 -25.84
N GLU A 824 -11.36 -11.34 -26.77
CA GLU A 824 -12.52 -10.54 -26.38
C GLU A 824 -13.56 -11.40 -25.69
N GLU A 825 -13.78 -12.63 -26.17
CA GLU A 825 -14.71 -13.53 -25.52
C GLU A 825 -14.26 -13.86 -24.10
N ARG A 826 -12.97 -14.14 -23.91
CA ARG A 826 -12.47 -14.44 -22.57
C ARG A 826 -12.60 -13.23 -21.65
N LYS A 827 -12.32 -12.03 -22.18
CA LYS A 827 -12.47 -10.82 -21.38
C LYS A 827 -13.92 -10.61 -20.96
N ARG A 828 -14.86 -10.83 -21.88
CA ARG A 828 -16.27 -10.68 -21.53
C ARG A 828 -16.69 -11.71 -20.50
N TRP A 829 -16.19 -12.94 -20.61
CA TRP A 829 -16.49 -13.95 -19.60
C TRP A 829 -15.99 -13.52 -18.23
N GLN A 830 -14.75 -12.99 -18.18
CA GLN A 830 -14.21 -12.51 -16.91
C GLN A 830 -15.06 -11.38 -16.35
N ALA A 831 -15.48 -10.45 -17.20
CA ALA A 831 -16.25 -9.30 -16.73
C ALA A 831 -17.60 -9.73 -16.18
N THR A 832 -18.30 -10.62 -16.89
CA THR A 832 -19.62 -11.04 -16.39
C THR A 832 -19.48 -11.88 -15.13
N LEU A 833 -18.43 -12.71 -15.04
CA LEU A 833 -18.23 -13.46 -13.82
C LEU A 833 -17.98 -12.54 -12.63
N ASP A 834 -17.15 -11.51 -12.82
CA ASP A 834 -16.89 -10.57 -11.73
C ASP A 834 -18.16 -9.84 -11.32
N LYS A 835 -18.94 -9.37 -12.31
CA LYS A 835 -20.16 -8.63 -12.00
C LYS A 835 -21.13 -9.50 -11.21
N HIS A 836 -21.37 -10.73 -11.66
CA HIS A 836 -22.36 -11.54 -10.97
C HIS A 836 -21.84 -12.04 -9.63
N LEU A 837 -20.53 -12.29 -9.52
CA LEU A 837 -19.97 -12.66 -8.22
C LEU A 837 -20.21 -11.55 -7.21
N ARG A 838 -19.92 -10.31 -7.62
CA ARG A 838 -20.21 -9.17 -6.75
C ARG A 838 -21.69 -9.13 -6.38
N LYS A 839 -22.56 -9.21 -7.38
CA LYS A 839 -23.99 -9.09 -7.13
C LYS A 839 -24.48 -10.14 -6.14
N ARG A 840 -24.04 -11.39 -6.30
CA ARG A 840 -24.60 -12.47 -5.49
C ARG A 840 -23.88 -12.64 -4.15
N MET A 841 -22.59 -12.93 -4.16
CA MET A 841 -21.90 -13.18 -2.90
C MET A 841 -21.13 -11.97 -2.40
N ASN A 842 -21.04 -10.90 -3.20
CA ASN A 842 -20.47 -9.63 -2.79
C ASN A 842 -18.98 -9.81 -2.44
N LEU A 843 -18.22 -10.22 -3.45
CA LEU A 843 -16.76 -10.20 -3.40
C LEU A 843 -16.27 -9.28 -4.52
N LYS A 844 -15.41 -8.34 -4.17
CA LYS A 844 -14.81 -7.48 -5.18
C LYS A 844 -13.80 -8.26 -6.01
N PRO A 845 -13.59 -7.87 -7.27
CA PRO A 845 -12.56 -8.54 -8.08
C PRO A 845 -11.17 -8.15 -7.62
N ILE A 846 -10.28 -9.14 -7.58
CA ILE A 846 -8.88 -8.93 -7.21
C ILE A 846 -7.99 -9.61 -8.23
N MET A 847 -6.76 -9.10 -8.38
CA MET A 847 -5.84 -9.61 -9.38
C MET A 847 -4.91 -10.68 -8.83
N ARG A 848 -4.49 -10.58 -7.57
CA ARG A 848 -3.73 -11.62 -6.89
C ARG A 848 -4.64 -12.23 -5.83
N MET A 849 -4.84 -13.54 -5.92
CA MET A 849 -5.89 -14.18 -5.12
C MET A 849 -5.42 -14.40 -3.69
N ASN A 850 -6.23 -13.95 -2.74
CA ASN A 850 -5.94 -14.06 -1.32
C ASN A 850 -6.43 -15.40 -0.80
N GLY A 851 -6.45 -15.56 0.52
CA GLY A 851 -6.98 -16.75 1.14
C GLY A 851 -8.41 -16.56 1.62
N ASN A 852 -8.74 -15.33 2.02
CA ASN A 852 -10.13 -15.02 2.35
C ASN A 852 -11.02 -15.18 1.12
N PHE A 853 -10.53 -14.73 -0.04
CA PHE A 853 -11.22 -14.98 -1.29
C PHE A 853 -11.43 -16.47 -1.51
N ALA A 854 -10.41 -17.28 -1.19
CA ALA A 854 -10.53 -18.73 -1.34
C ALA A 854 -11.63 -19.28 -0.43
N ARG A 855 -11.62 -18.87 0.84
CA ARG A 855 -12.60 -19.40 1.78
C ARG A 855 -14.01 -19.00 1.40
N LYS A 856 -14.21 -17.75 0.95
CA LYS A 856 -15.55 -17.32 0.57
C LYS A 856 -16.00 -17.95 -0.74
N LEU A 857 -15.08 -18.16 -1.69
CA LEU A 857 -15.45 -18.76 -2.96
C LEU A 857 -15.66 -20.26 -2.85
N MET A 858 -15.10 -20.89 -1.81
CA MET A 858 -15.28 -22.33 -1.62
C MET A 858 -16.56 -22.58 -0.81
N THR A 859 -17.69 -22.23 -1.44
CA THR A 859 -19.01 -22.43 -0.84
C THR A 859 -19.96 -23.00 -1.89
N GLN A 860 -21.11 -23.48 -1.43
CA GLN A 860 -22.14 -24.00 -2.34
C GLN A 860 -22.87 -22.86 -3.04
N GLU A 861 -23.04 -21.73 -2.36
CA GLU A 861 -23.64 -20.57 -3.01
C GLU A 861 -22.79 -20.10 -4.18
N THR A 862 -21.49 -20.42 -4.17
CA THR A 862 -20.64 -20.07 -5.30
C THR A 862 -21.07 -20.81 -6.56
N VAL A 863 -21.22 -22.14 -6.48
CA VAL A 863 -21.64 -22.88 -7.66
C VAL A 863 -23.08 -22.51 -8.01
N ASP A 864 -23.90 -22.15 -7.02
CA ASP A 864 -25.25 -21.66 -7.34
C ASP A 864 -25.18 -20.41 -8.21
N ALA A 865 -24.43 -19.40 -7.77
CA ALA A 865 -24.35 -18.15 -8.52
C ALA A 865 -23.67 -18.34 -9.87
N VAL A 866 -22.75 -19.30 -9.98
CA VAL A 866 -22.15 -19.60 -11.28
C VAL A 866 -23.17 -20.28 -12.19
N CYS A 867 -23.91 -21.26 -11.68
CA CYS A 867 -24.79 -22.05 -12.53
C CYS A 867 -26.03 -21.27 -12.93
N GLU A 868 -26.36 -20.18 -12.22
CA GLU A 868 -27.42 -19.34 -12.76
C GLU A 868 -26.96 -18.47 -13.93
N LEU A 869 -25.74 -18.69 -14.44
CA LEU A 869 -25.29 -18.09 -15.69
C LEU A 869 -24.91 -19.14 -16.74
N ILE A 870 -25.02 -20.42 -16.42
CA ILE A 870 -24.72 -21.50 -17.36
C ILE A 870 -26.04 -22.04 -17.89
N PRO A 871 -26.33 -21.89 -19.19
CA PRO A 871 -27.63 -22.34 -19.70
C PRO A 871 -27.88 -23.84 -19.56
N SER A 872 -26.84 -24.67 -19.68
CA SER A 872 -27.04 -26.10 -19.65
C SER A 872 -27.19 -26.60 -18.22
N GLU A 873 -27.77 -27.81 -18.08
CA GLU A 873 -27.98 -28.43 -16.78
C GLU A 873 -26.92 -29.47 -16.43
N GLU A 874 -26.35 -30.15 -17.42
CA GLU A 874 -25.29 -31.11 -17.15
C GLU A 874 -24.09 -30.40 -16.52
N ARG A 875 -23.76 -29.20 -17.00
CA ARG A 875 -22.71 -28.43 -16.37
C ARG A 875 -23.09 -28.04 -14.95
N HIS A 876 -24.36 -27.73 -14.72
CA HIS A 876 -24.82 -27.41 -13.37
C HIS A 876 -24.53 -28.56 -12.41
N GLU A 877 -24.99 -29.77 -12.78
CA GLU A 877 -24.81 -30.91 -11.88
C GLU A 877 -23.35 -31.27 -11.72
N ALA A 878 -22.56 -31.19 -12.81
CA ALA A 878 -21.14 -31.52 -12.72
C ALA A 878 -20.42 -30.57 -11.77
N LEU A 879 -20.67 -29.26 -11.91
CA LEU A 879 -20.05 -28.30 -11.01
C LEU A 879 -20.51 -28.51 -9.58
N ARG A 880 -21.79 -28.82 -9.37
CA ARG A 880 -22.28 -29.03 -8.01
C ARG A 880 -21.59 -30.22 -7.35
N GLU A 881 -21.50 -31.35 -8.07
CA GLU A 881 -20.87 -32.53 -7.47
C GLU A 881 -19.38 -32.32 -7.26
N LEU A 882 -18.69 -31.65 -8.19
CA LEU A 882 -17.27 -31.36 -7.99
C LEU A 882 -17.06 -30.44 -6.80
N MET A 883 -17.94 -29.46 -6.63
CA MET A 883 -17.87 -28.56 -5.48
C MET A 883 -18.07 -29.31 -4.17
N ASP A 884 -19.04 -30.22 -4.14
CA ASP A 884 -19.25 -31.02 -2.94
C ASP A 884 -18.03 -31.87 -2.64
N LEU A 885 -17.42 -32.45 -3.67
CA LEU A 885 -16.20 -33.23 -3.47
C LEU A 885 -15.10 -32.39 -2.86
N TYR A 886 -14.91 -31.17 -3.39
CA TYR A 886 -13.87 -30.30 -2.85
C TYR A 886 -14.14 -29.91 -1.41
N LEU A 887 -15.41 -29.64 -1.07
CA LEU A 887 -15.73 -29.27 0.30
C LEU A 887 -15.58 -30.45 1.26
N LYS A 888 -15.79 -31.68 0.77
CA LYS A 888 -15.52 -32.83 1.62
C LYS A 888 -14.02 -33.10 1.75
N MET A 889 -13.23 -32.72 0.74
CA MET A 889 -11.79 -32.89 0.80
C MET A 889 -11.10 -31.89 1.72
N LYS A 890 -11.51 -30.62 1.67
CA LYS A 890 -10.71 -29.56 2.29
C LYS A 890 -10.44 -29.76 3.79
N PRO A 891 -11.41 -30.19 4.64
CA PRO A 891 -11.13 -30.27 6.08
C PRO A 891 -9.91 -31.11 6.48
N VAL A 892 -9.56 -32.11 5.67
CA VAL A 892 -8.53 -33.05 6.09
C VAL A 892 -7.18 -32.36 6.24
N TRP A 893 -6.79 -31.55 5.26
CA TRP A 893 -5.49 -30.90 5.28
C TRP A 893 -5.55 -29.45 5.73
N ARG A 894 -6.58 -29.08 6.49
CA ARG A 894 -6.66 -27.76 7.09
C ARG A 894 -6.88 -27.77 8.59
N SER A 895 -7.05 -28.95 9.20
CA SER A 895 -7.37 -29.07 10.62
C SER A 895 -6.12 -29.38 11.43
N SER A 896 -6.11 -28.92 12.68
CA SER A 896 -4.96 -29.16 13.55
C SER A 896 -4.81 -30.63 13.90
N CYS A 897 -5.92 -31.34 14.11
CA CYS A 897 -5.90 -32.77 14.45
C CYS A 897 -6.86 -33.49 13.51
N PRO A 898 -6.42 -33.83 12.30
CA PRO A 898 -7.32 -34.53 11.37
C PRO A 898 -7.86 -35.85 11.90
N ALA A 899 -7.13 -36.52 12.78
CA ALA A 899 -7.56 -37.81 13.32
C ALA A 899 -8.53 -37.67 14.47
N LYS A 900 -8.87 -36.45 14.89
CA LYS A 900 -9.76 -36.22 16.02
C LYS A 900 -11.09 -35.60 15.63
N GLU A 901 -11.07 -34.46 14.92
CA GLU A 901 -12.30 -33.74 14.63
C GLU A 901 -12.90 -34.08 13.27
N CYS A 902 -12.17 -34.77 12.38
CA CYS A 902 -12.71 -35.16 11.08
C CYS A 902 -12.36 -36.62 10.76
N PRO A 903 -12.84 -37.57 11.58
CA PRO A 903 -12.51 -38.98 11.30
C PRO A 903 -13.14 -39.50 10.03
N GLU A 904 -14.44 -39.26 9.85
CA GLU A 904 -15.13 -39.73 8.64
C GLU A 904 -14.55 -39.08 7.39
N SER A 905 -14.27 -37.79 7.45
CA SER A 905 -13.70 -37.09 6.29
C SER A 905 -12.31 -37.65 5.97
N LEU A 906 -11.48 -37.87 7.00
CA LEU A 906 -10.16 -38.44 6.75
C LEU A 906 -10.27 -39.83 6.14
N CYS A 907 -11.21 -40.63 6.63
N CYS A 907 -11.21 -40.64 6.63
CA CYS A 907 -11.38 -41.98 6.09
CA CYS A 907 -11.38 -41.98 6.09
C CYS A 907 -11.86 -41.96 4.65
C CYS A 907 -11.85 -41.95 4.65
N GLN A 908 -12.78 -41.06 4.32
CA GLN A 908 -13.38 -41.00 2.98
C GLN A 908 -12.55 -40.16 2.01
N TYR A 909 -11.44 -39.58 2.46
CA TYR A 909 -10.58 -38.80 1.56
C TYR A 909 -10.18 -39.59 0.32
N SER A 910 -9.84 -40.87 0.46
CA SER A 910 -9.37 -41.63 -0.69
C SER A 910 -10.47 -41.84 -1.73
N PHE A 911 -11.67 -42.22 -1.28
CA PHE A 911 -12.77 -42.39 -2.21
C PHE A 911 -13.16 -41.07 -2.86
N ASN A 912 -13.15 -39.98 -2.08
CA ASN A 912 -13.43 -38.67 -2.65
C ASN A 912 -12.38 -38.29 -3.69
N SER A 913 -11.11 -38.66 -3.45
CA SER A 913 -10.05 -38.38 -4.41
C SER A 913 -10.27 -39.15 -5.70
N GLN A 914 -10.63 -40.43 -5.60
CA GLN A 914 -10.89 -41.21 -6.80
C GLN A 914 -12.06 -40.62 -7.59
N ARG A 915 -13.14 -40.27 -6.90
CA ARG A 915 -14.30 -39.66 -7.56
C ARG A 915 -13.93 -38.34 -8.22
N PHE A 916 -13.16 -37.50 -7.53
CA PHE A 916 -12.73 -36.22 -8.09
C PHE A 916 -11.88 -36.41 -9.34
N ALA A 917 -10.92 -37.33 -9.27
CA ALA A 917 -10.02 -37.54 -10.40
C ALA A 917 -10.77 -38.05 -11.61
N GLU A 918 -11.64 -39.04 -11.41
CA GLU A 918 -12.39 -39.56 -12.55
C GLU A 918 -13.41 -38.55 -13.07
N LEU A 919 -13.98 -37.72 -12.19
CA LEU A 919 -14.88 -36.67 -12.64
C LEU A 919 -14.14 -35.68 -13.53
N LEU A 920 -12.94 -35.27 -13.12
CA LEU A 920 -12.14 -34.40 -13.98
C LEU A 920 -11.85 -35.07 -15.31
N SER A 921 -11.34 -36.31 -15.26
CA SER A 921 -10.92 -36.99 -16.49
C SER A 921 -12.07 -37.21 -17.45
N THR A 922 -13.30 -37.34 -16.95
CA THR A 922 -14.43 -37.55 -17.83
C THR A 922 -15.09 -36.25 -18.28
N LYS A 923 -15.55 -35.43 -17.34
CA LYS A 923 -16.37 -34.27 -17.67
C LYS A 923 -15.56 -33.02 -17.98
N PHE A 924 -14.25 -33.03 -17.79
CA PHE A 924 -13.43 -31.84 -18.01
C PHE A 924 -12.23 -32.15 -18.88
N LYS A 925 -12.47 -32.86 -19.98
CA LYS A 925 -11.41 -33.18 -20.92
C LYS A 925 -10.86 -31.96 -21.64
N TYR A 926 -11.55 -30.82 -21.56
CA TYR A 926 -11.09 -29.62 -22.25
C TYR A 926 -10.07 -28.84 -21.44
N ARG A 927 -9.72 -29.29 -20.23
CA ARG A 927 -8.78 -28.57 -19.39
C ARG A 927 -7.67 -29.48 -18.85
N TYR A 928 -7.97 -30.76 -18.65
CA TYR A 928 -7.07 -31.67 -17.94
C TYR A 928 -6.84 -32.95 -18.72
N GLU A 929 -6.53 -32.81 -20.01
CA GLU A 929 -6.02 -33.92 -20.81
C GLU A 929 -4.57 -33.58 -21.18
N GLY A 930 -3.63 -34.23 -20.51
CA GLY A 930 -2.24 -33.96 -20.70
C GLY A 930 -1.63 -32.90 -19.79
N LYS A 931 -2.44 -32.27 -18.93
CA LYS A 931 -1.91 -31.27 -18.02
C LYS A 931 -2.78 -31.19 -16.78
N ILE A 932 -2.13 -31.07 -15.62
CA ILE A 932 -2.83 -30.84 -14.35
C ILE A 932 -1.92 -30.02 -13.44
N THR A 933 -2.53 -29.20 -12.61
CA THR A 933 -1.78 -28.38 -11.67
C THR A 933 -1.10 -29.24 -10.62
N ASN A 934 0.10 -28.80 -10.21
CA ASN A 934 0.84 -29.52 -9.17
C ASN A 934 0.06 -29.57 -7.87
N TYR A 935 -0.78 -28.57 -7.61
CA TYR A 935 -1.53 -28.57 -6.36
C TYR A 935 -2.65 -29.62 -6.38
N PHE A 936 -3.32 -29.77 -7.53
CA PHE A 936 -4.26 -30.89 -7.66
C PHE A 936 -3.52 -32.22 -7.54
N HIS A 937 -2.34 -32.33 -8.14
CA HIS A 937 -1.57 -33.56 -8.00
C HIS A 937 -1.29 -33.86 -6.53
N LYS A 938 -0.83 -32.86 -5.79
CA LYS A 938 -0.52 -33.06 -4.37
C LYS A 938 -1.76 -33.48 -3.60
N THR A 939 -2.86 -32.74 -3.78
CA THR A 939 -4.09 -33.03 -3.03
C THR A 939 -4.61 -34.43 -3.35
N LEU A 940 -4.54 -34.84 -4.60
CA LEU A 940 -5.10 -36.13 -5.00
C LEU A 940 -4.14 -37.30 -4.80
N ALA A 941 -2.87 -37.05 -4.50
CA ALA A 941 -1.94 -38.16 -4.39
C ALA A 941 -1.26 -38.30 -3.03
N HIS A 942 -0.83 -37.20 -2.41
CA HIS A 942 0.14 -37.29 -1.33
C HIS A 942 -0.41 -36.97 0.05
N VAL A 943 -1.62 -36.42 0.16
CA VAL A 943 -2.11 -35.94 1.46
C VAL A 943 -2.26 -37.06 2.49
N PRO A 944 -2.93 -38.18 2.19
CA PRO A 944 -3.03 -39.23 3.23
C PRO A 944 -1.69 -39.79 3.66
N GLU A 945 -0.74 -39.90 2.73
CA GLU A 945 0.58 -40.39 3.09
C GLU A 945 1.27 -39.44 4.05
N ILE A 946 1.16 -38.13 3.80
CA ILE A 946 1.75 -37.16 4.70
C ILE A 946 1.06 -37.18 6.06
N ILE A 947 -0.26 -37.37 6.07
CA ILE A 947 -0.98 -37.51 7.33
C ILE A 947 -0.43 -38.68 8.13
N GLU A 948 -0.29 -39.84 7.48
CA GLU A 948 0.19 -41.04 8.17
C GLU A 948 1.63 -40.85 8.64
N ARG A 949 2.45 -40.14 7.85
CA ARG A 949 3.85 -39.97 8.23
C ARG A 949 4.01 -38.98 9.38
N ASP A 950 3.27 -37.88 9.36
CA ASP A 950 3.49 -36.78 10.29
C ASP A 950 2.53 -36.78 11.46
N GLY A 951 1.22 -36.76 11.19
CA GLY A 951 0.24 -36.65 12.25
C GLY A 951 -0.78 -35.55 11.99
N SER A 952 -0.37 -34.52 11.27
CA SER A 952 -1.27 -33.43 10.94
C SER A 952 -0.70 -32.62 9.78
N ILE A 953 -1.60 -32.16 8.91
CA ILE A 953 -1.26 -31.22 7.85
C ILE A 953 -2.04 -29.94 8.11
N GLY A 954 -1.35 -28.80 8.07
CA GLY A 954 -1.93 -27.51 8.38
C GLY A 954 -1.39 -26.90 9.65
N ALA A 955 -1.11 -27.71 10.66
CA ALA A 955 -0.40 -27.21 11.83
C ALA A 955 1.04 -26.83 11.48
N TRP A 956 1.59 -27.39 10.41
CA TRP A 956 2.91 -27.07 9.92
C TRP A 956 2.89 -26.09 8.75
N ALA A 957 1.74 -25.49 8.46
CA ALA A 957 1.62 -24.61 7.31
C ALA A 957 2.35 -23.30 7.57
N SER A 958 2.31 -22.41 6.58
CA SER A 958 2.98 -21.13 6.64
C SER A 958 2.03 -20.00 7.06
N GLU A 959 0.92 -20.34 7.71
CA GLU A 959 0.02 -19.33 8.23
C GLU A 959 0.72 -18.44 9.25
N GLY A 960 1.47 -19.06 10.17
CA GLY A 960 2.21 -18.30 11.15
C GLY A 960 3.27 -17.40 10.52
N ASN A 961 3.93 -17.90 9.47
CA ASN A 961 4.94 -17.09 8.80
C ASN A 961 4.31 -15.92 8.05
N GLU A 962 3.12 -16.13 7.48
CA GLU A 962 2.40 -15.02 6.85
C GLU A 962 2.00 -13.98 7.89
N SER A 963 1.53 -14.42 9.05
CA SER A 963 1.20 -13.47 10.12
C SER A 963 2.44 -12.72 10.60
N GLY A 964 3.58 -13.42 10.68
CA GLY A 964 4.82 -12.74 11.01
C GLY A 964 5.23 -11.72 9.97
N ASN A 965 5.00 -12.05 8.69
CA ASN A 965 5.26 -11.07 7.63
C ASN A 965 4.36 -9.85 7.80
N LYS A 966 3.11 -10.07 8.19
CA LYS A 966 2.22 -8.96 8.48
C LYS A 966 2.76 -8.09 9.62
N LEU A 967 3.26 -8.74 10.68
CA LEU A 967 3.80 -8.00 11.81
C LEU A 967 5.08 -7.26 11.45
N PHE A 968 5.84 -7.78 10.48
CA PHE A 968 7.13 -7.18 10.14
C PHE A 968 6.97 -5.76 9.63
N ARG A 969 5.99 -5.51 8.76
CA ARG A 969 5.79 -4.16 8.24
C ARG A 969 5.39 -3.19 9.35
N ARG A 970 4.49 -3.63 10.23
CA ARG A 970 4.07 -2.77 11.33
C ARG A 970 5.23 -2.43 12.25
N PHE A 971 6.06 -3.43 12.55
CA PHE A 971 7.23 -3.18 13.39
C PHE A 971 8.23 -2.25 12.70
N ARG A 972 8.45 -2.46 11.40
CA ARG A 972 9.36 -1.60 10.66
C ARG A 972 8.87 -0.16 10.59
N LYS A 973 7.56 0.04 10.59
CA LYS A 973 7.02 1.39 10.43
C LYS A 973 6.77 2.10 11.75
N MET A 974 6.60 1.39 12.86
CA MET A 974 6.27 2.06 14.11
C MET A 974 7.12 1.67 15.32
N ASN A 975 7.85 0.56 15.26
CA ASN A 975 8.61 0.12 16.43
C ASN A 975 10.06 -0.17 16.10
N ALA A 976 10.66 0.63 15.24
CA ALA A 976 12.06 0.41 14.85
C ALA A 976 12.70 1.75 14.48
N ARG A 977 14.01 1.82 14.66
CA ARG A 977 14.75 3.00 14.23
C ARG A 977 14.70 3.12 12.72
N GLN A 978 14.51 4.34 12.23
CA GLN A 978 14.33 4.56 10.80
C GLN A 978 15.66 4.84 10.10
N SER A 979 16.64 3.97 10.32
CA SER A 979 17.93 4.06 9.67
C SER A 979 18.26 2.72 9.02
N LYS A 980 18.97 2.78 7.89
CA LYS A 980 19.20 1.58 7.10
C LYS A 980 20.10 0.57 7.80
N CYS A 981 20.82 0.98 8.85
CA CYS A 981 21.78 0.11 9.51
C CYS A 981 21.31 -0.47 10.84
N TYR A 982 20.32 0.15 11.49
CA TYR A 982 19.81 -0.32 12.78
C TYR A 982 18.37 -0.80 12.74
N GLU A 983 17.64 -0.53 11.65
CA GLU A 983 16.22 -0.89 11.58
C GLU A 983 16.04 -2.39 11.72
N MET A 984 16.91 -3.17 11.08
CA MET A 984 16.72 -4.61 11.05
C MET A 984 16.94 -5.21 12.43
N GLU A 985 17.95 -4.70 13.15
CA GLU A 985 18.22 -5.14 14.51
C GLU A 985 17.08 -4.79 15.44
N ASP A 986 16.55 -3.56 15.34
CA ASP A 986 15.43 -3.19 16.21
C ASP A 986 14.20 -4.04 15.92
N VAL A 987 13.92 -4.28 14.64
CA VAL A 987 12.79 -5.13 14.28
C VAL A 987 12.97 -6.53 14.84
N LEU A 988 14.17 -7.09 14.71
CA LEU A 988 14.42 -8.42 15.23
C LEU A 988 14.17 -8.50 16.72
N LYS A 989 14.72 -7.53 17.48
CA LYS A 989 14.56 -7.58 18.93
C LYS A 989 13.09 -7.41 19.33
N HIS A 990 12.38 -6.46 18.72
CA HIS A 990 11.00 -6.23 19.10
C HIS A 990 10.12 -7.42 18.73
N HIS A 991 10.37 -8.04 17.57
CA HIS A 991 9.61 -9.22 17.18
C HIS A 991 9.87 -10.38 18.12
N TRP A 992 11.12 -10.56 18.55
CA TRP A 992 11.40 -11.61 19.54
C TRP A 992 10.67 -11.33 20.84
N LEU A 993 10.66 -10.08 21.30
CA LEU A 993 9.95 -9.74 22.52
C LEU A 993 8.46 -10.01 22.38
N TYR A 994 7.88 -9.68 21.22
CA TYR A 994 6.46 -9.90 21.00
C TYR A 994 6.12 -11.39 20.98
N THR A 995 6.93 -12.19 20.29
CA THR A 995 6.67 -13.62 20.22
C THR A 995 7.03 -14.35 21.52
N SER A 996 7.74 -13.69 22.43
CA SER A 996 7.99 -14.27 23.75
C SER A 996 6.67 -14.54 24.47
N LYS A 997 6.63 -15.64 25.21
CA LYS A 997 5.41 -16.05 25.90
C LYS A 997 5.37 -15.64 27.36
N TYR A 998 6.51 -15.30 27.96
CA TYR A 998 6.50 -14.80 29.33
C TYR A 998 5.76 -13.47 29.42
N LEU A 999 5.76 -12.69 28.35
CA LEU A 999 5.08 -11.42 28.30
C LEU A 999 3.62 -11.54 27.86
N GLN A 1000 3.17 -12.74 27.50
CA GLN A 1000 1.80 -12.95 27.06
C GLN A 1000 0.88 -13.41 28.18
N LYS A 1001 1.37 -14.19 29.14
CA LYS A 1001 0.53 -14.63 30.25
C LYS A 1001 0.13 -13.49 31.16
N PHE A 1002 0.87 -12.38 31.12
CA PHE A 1002 0.54 -11.24 31.98
C PHE A 1002 -0.75 -10.56 31.54
N MET A 1003 -1.01 -10.52 30.24
CA MET A 1003 -2.26 -9.94 29.74
C MET A 1003 -3.44 -10.89 29.86
N ASN A 1004 -3.21 -12.14 30.23
CA ASN A 1004 -4.28 -13.09 30.52
C ASN A 1004 -4.41 -13.34 32.02
N ALA A 1005 -4.03 -12.36 32.83
CA ALA A 1005 -4.14 -12.47 34.27
C ALA A 1005 -5.58 -12.32 34.77
N HIS A 1006 -6.50 -11.90 33.90
CA HIS A 1006 -7.89 -11.78 34.29
C HIS A 1006 -8.55 -13.13 34.53
N ASN A 1007 -8.09 -14.19 33.86
CA ASN A 1007 -8.59 -15.53 34.07
C ASN A 1007 -7.94 -16.24 35.25
N ALA A 1008 -6.97 -15.61 35.89
CA ALA A 1008 -6.32 -16.20 37.05
C ALA A 1008 -7.20 -16.09 38.30
N MET B 1 42.59 1.74 -28.48
CA MET B 1 42.26 2.74 -27.48
C MET B 1 40.88 3.33 -27.73
N SER B 2 39.98 2.51 -28.28
CA SER B 2 38.62 2.93 -28.59
C SER B 2 37.66 2.27 -27.61
N LEU B 3 36.71 3.05 -27.10
CA LEU B 3 35.74 2.58 -26.13
C LEU B 3 34.35 2.65 -26.75
N GLN B 4 33.63 1.53 -26.74
CA GLN B 4 32.33 1.46 -27.37
C GLN B 4 31.35 0.75 -26.44
N MET B 5 30.07 1.03 -26.65
CA MET B 5 28.99 0.37 -25.92
C MET B 5 28.43 -0.78 -26.75
N VAL B 6 28.30 -1.95 -26.13
CA VAL B 6 27.71 -3.12 -26.76
C VAL B 6 26.48 -3.52 -25.95
N THR B 7 25.37 -3.73 -26.65
CA THR B 7 24.11 -4.06 -26.01
C THR B 7 23.96 -5.58 -25.89
N VAL B 8 23.00 -5.98 -25.08
CA VAL B 8 22.74 -7.39 -24.79
C VAL B 8 21.28 -7.68 -25.11
N GLY B 9 21.00 -8.95 -25.42
CA GLY B 9 19.64 -9.37 -25.69
C GLY B 9 18.85 -9.60 -24.42
N HIS B 10 18.12 -10.70 -24.35
CA HIS B 10 17.30 -11.02 -23.20
C HIS B 10 18.02 -11.90 -22.18
N ASN B 11 19.34 -12.05 -22.31
CA ASN B 11 20.15 -12.82 -21.38
C ASN B 11 21.14 -11.92 -20.66
N ILE B 12 20.72 -10.70 -20.32
CA ILE B 12 21.60 -9.77 -19.63
C ILE B 12 21.77 -10.18 -18.17
N ALA B 13 20.82 -10.92 -17.61
CA ALA B 13 20.86 -11.30 -16.20
C ALA B 13 21.75 -12.52 -15.94
N LEU B 14 22.32 -13.11 -16.97
CA LEU B 14 23.18 -14.28 -16.81
C LEU B 14 24.65 -13.92 -16.71
N ILE B 15 24.98 -12.64 -16.55
CA ILE B 15 26.36 -12.18 -16.46
C ILE B 15 26.58 -11.60 -15.08
N GLN B 16 27.58 -12.11 -14.37
CA GLN B 16 27.95 -11.71 -13.03
C GLN B 16 29.46 -11.55 -12.97
N PRO B 17 29.97 -10.78 -12.01
CA PRO B 17 31.41 -10.54 -11.95
C PRO B 17 32.20 -11.82 -11.80
N GLY B 18 33.38 -11.84 -12.43
CA GLY B 18 34.28 -12.97 -12.35
C GLY B 18 34.15 -14.00 -13.45
N PHE B 19 33.43 -13.69 -14.53
CA PHE B 19 33.30 -14.61 -15.64
C PHE B 19 34.63 -14.80 -16.35
N SER B 20 34.79 -15.96 -16.97
CA SER B 20 35.97 -16.27 -17.76
C SER B 20 35.56 -16.46 -19.22
N LEU B 21 36.27 -15.77 -20.12
CA LEU B 21 35.95 -15.80 -21.54
C LEU B 21 36.95 -16.72 -22.24
N MET B 22 36.42 -17.68 -23.01
CA MET B 22 37.22 -18.66 -23.72
C MET B 22 37.20 -18.33 -25.21
N ASN B 23 38.37 -18.41 -25.85
CA ASN B 23 38.52 -18.14 -27.27
C ASN B 23 39.10 -19.39 -27.94
N PHE B 24 38.23 -20.16 -28.59
CA PHE B 24 38.62 -21.38 -29.30
C PHE B 24 38.52 -21.12 -30.80
N ASP B 25 39.67 -21.13 -31.48
CA ASP B 25 39.73 -21.00 -32.93
C ASP B 25 39.06 -19.71 -33.42
N GLY B 26 39.27 -18.63 -32.67
CA GLY B 26 38.72 -17.34 -33.04
C GLY B 26 37.30 -17.08 -32.59
N GLN B 27 36.64 -18.05 -31.97
CA GLN B 27 35.28 -17.90 -31.48
C GLN B 27 35.30 -17.75 -29.97
N VAL B 28 34.62 -16.72 -29.48
CA VAL B 28 34.64 -16.37 -28.06
C VAL B 28 33.44 -17.00 -27.36
N PHE B 29 33.64 -17.43 -26.13
CA PHE B 29 32.60 -18.11 -25.36
C PHE B 29 32.56 -17.56 -23.95
N PHE B 30 31.58 -18.05 -23.18
CA PHE B 30 31.28 -17.53 -21.85
C PHE B 30 31.25 -18.64 -20.83
N PHE B 31 31.64 -18.31 -19.59
CA PHE B 31 31.59 -19.25 -18.48
C PHE B 31 31.40 -18.45 -17.20
N GLY B 32 30.65 -19.02 -16.25
CA GLY B 32 30.43 -18.36 -14.99
C GLY B 32 29.18 -17.52 -14.96
N GLN B 33 28.04 -18.12 -15.29
CA GLN B 33 26.79 -17.39 -15.30
C GLN B 33 26.28 -17.13 -13.88
N LYS B 34 25.30 -16.24 -13.78
CA LYS B 34 24.63 -15.97 -12.52
C LYS B 34 23.46 -16.93 -12.35
N GLY B 35 23.37 -17.55 -11.18
CA GLY B 35 22.35 -18.54 -10.93
C GLY B 35 22.71 -19.89 -11.53
N TRP B 36 22.04 -20.92 -11.04
CA TRP B 36 22.29 -22.27 -11.50
C TRP B 36 21.77 -22.46 -12.92
N PRO B 37 22.27 -23.46 -13.65
CA PRO B 37 21.79 -23.69 -15.01
C PRO B 37 20.29 -23.95 -15.05
N LYS B 38 19.63 -23.35 -16.04
CA LYS B 38 18.20 -23.48 -16.25
C LYS B 38 17.95 -24.46 -17.40
N ARG B 39 16.68 -24.58 -17.80
CA ARG B 39 16.34 -25.47 -18.91
C ARG B 39 16.86 -24.94 -20.24
N SER B 40 16.87 -23.61 -20.42
CA SER B 40 17.27 -23.04 -21.69
C SER B 40 18.72 -23.36 -22.03
N CYS B 41 19.63 -23.24 -21.05
CA CYS B 41 21.05 -23.52 -21.28
C CYS B 41 21.55 -24.41 -20.15
N PRO B 42 21.23 -25.70 -20.19
CA PRO B 42 21.64 -26.60 -19.09
C PRO B 42 23.14 -26.72 -18.94
N THR B 43 23.90 -26.62 -20.03
CA THR B 43 25.34 -26.82 -19.95
C THR B 43 26.02 -25.75 -19.11
N GLY B 44 25.60 -24.50 -19.27
CA GLY B 44 26.14 -23.39 -18.50
C GLY B 44 27.06 -22.48 -19.27
N VAL B 45 27.68 -22.96 -20.34
CA VAL B 45 28.52 -22.11 -21.18
C VAL B 45 27.66 -21.47 -22.25
N PHE B 46 28.14 -20.36 -22.80
CA PHE B 46 27.37 -19.57 -23.76
C PHE B 46 28.21 -19.20 -24.96
N HIS B 47 27.53 -18.92 -26.07
N HIS B 47 27.52 -18.95 -26.07
CA HIS B 47 28.20 -18.59 -27.33
CA HIS B 47 28.14 -18.56 -27.34
C HIS B 47 28.30 -17.07 -27.43
C HIS B 47 28.25 -17.03 -27.36
N PHE B 48 29.39 -16.51 -26.91
CA PHE B 48 29.61 -15.07 -26.92
C PHE B 48 29.81 -14.61 -28.36
N ASP B 49 29.12 -13.55 -28.76
CA ASP B 49 29.18 -13.05 -30.13
C ASP B 49 28.86 -11.57 -30.15
N ILE B 50 29.74 -10.79 -30.78
CA ILE B 50 29.55 -9.36 -30.94
C ILE B 50 29.48 -9.06 -32.43
N LYS B 51 28.31 -8.64 -32.90
CA LYS B 51 28.14 -8.15 -34.26
C LYS B 51 27.33 -6.87 -34.23
N GLN B 52 27.82 -5.84 -34.91
CA GLN B 52 27.22 -4.51 -34.86
C GLN B 52 27.07 -4.03 -33.42
N ASN B 53 28.04 -4.39 -32.58
CA ASN B 53 28.06 -4.02 -31.17
C ASN B 53 26.78 -4.45 -30.45
N HIS B 54 26.39 -5.71 -30.66
CA HIS B 54 25.27 -6.31 -29.96
C HIS B 54 25.65 -7.72 -29.54
N LEU B 55 25.03 -8.18 -28.45
CA LEU B 55 25.34 -9.49 -27.88
C LEU B 55 24.14 -10.42 -28.00
N LYS B 56 24.37 -11.58 -28.63
CA LYS B 56 23.44 -12.70 -28.58
C LYS B 56 24.14 -13.86 -27.88
N LEU B 57 23.53 -14.37 -26.82
CA LEU B 57 24.12 -15.43 -26.02
C LEU B 57 23.39 -16.73 -26.34
N LYS B 58 23.90 -17.44 -27.34
CA LYS B 58 23.34 -18.73 -27.71
C LYS B 58 23.88 -19.83 -26.80
N PRO B 59 23.10 -20.87 -26.55
CA PRO B 59 23.60 -22.00 -25.77
C PRO B 59 24.60 -22.83 -26.55
N ALA B 60 25.42 -23.56 -25.82
CA ALA B 60 26.41 -24.46 -26.41
C ALA B 60 26.31 -25.81 -25.72
N ILE B 61 25.94 -26.85 -26.47
CA ILE B 61 25.71 -28.17 -25.89
C ILE B 61 27.03 -28.91 -25.76
N PHE B 62 27.19 -29.60 -24.64
CA PHE B 62 28.41 -30.35 -24.36
C PHE B 62 28.41 -31.67 -25.14
N SER B 63 29.53 -32.38 -25.06
CA SER B 63 29.67 -33.66 -25.71
C SER B 63 28.97 -34.75 -24.90
N LYS B 64 28.94 -35.95 -25.47
CA LYS B 64 28.28 -37.07 -24.81
C LYS B 64 29.02 -37.49 -23.55
N ASP B 65 30.35 -37.48 -23.59
CA ASP B 65 31.17 -37.93 -22.46
C ASP B 65 31.61 -36.78 -21.56
N SER B 66 31.17 -35.56 -21.82
CA SER B 66 31.56 -34.42 -21.00
C SER B 66 30.91 -34.50 -19.62
N CYS B 67 31.60 -33.93 -18.64
CA CYS B 67 31.08 -33.83 -17.28
C CYS B 67 30.64 -32.39 -17.03
N TYR B 68 29.38 -32.24 -16.62
CA TYR B 68 28.76 -30.93 -16.54
C TYR B 68 29.31 -30.18 -15.33
N LEU B 69 29.75 -28.95 -15.54
CA LEU B 69 30.50 -28.29 -14.48
C LEU B 69 29.69 -27.18 -13.84
N PRO B 70 29.86 -26.98 -12.54
CA PRO B 70 29.15 -25.90 -11.84
C PRO B 70 29.68 -24.55 -12.28
N PRO B 71 28.86 -23.51 -12.24
CA PRO B 71 29.34 -22.18 -12.59
C PRO B 71 30.34 -21.64 -11.58
N LEU B 72 31.60 -21.51 -11.98
CA LEU B 72 32.63 -21.01 -11.09
C LEU B 72 32.77 -19.50 -11.27
N ARG B 73 32.67 -18.77 -10.16
CA ARG B 73 32.62 -17.30 -10.22
C ARG B 73 33.99 -16.65 -10.20
N TYR B 74 35.06 -17.36 -9.84
CA TYR B 74 36.39 -16.77 -9.78
C TYR B 74 37.43 -17.88 -9.94
N PRO B 75 37.57 -18.43 -11.15
CA PRO B 75 38.54 -19.50 -11.37
C PRO B 75 39.90 -18.97 -11.78
N ALA B 76 40.84 -19.89 -12.03
CA ALA B 76 42.13 -19.57 -12.62
C ALA B 76 42.19 -20.22 -13.99
N THR B 77 42.41 -19.42 -15.02
CA THR B 77 42.33 -19.89 -16.40
C THR B 77 43.70 -19.90 -17.05
N CYS B 78 43.89 -20.84 -17.98
CA CYS B 78 45.13 -20.96 -18.73
C CYS B 78 44.80 -21.52 -20.10
N SER B 79 45.73 -21.33 -21.04
CA SER B 79 45.55 -21.76 -22.42
C SER B 79 46.70 -22.69 -22.79
N TYR B 80 46.53 -23.97 -22.49
CA TYR B 80 47.52 -24.97 -22.85
C TYR B 80 47.45 -25.27 -24.35
N LYS B 81 48.62 -25.55 -24.92
CA LYS B 81 48.70 -25.85 -26.35
C LYS B 81 48.67 -27.35 -26.59
N LYS B 88 44.20 -29.90 -30.91
CA LYS B 88 45.09 -30.04 -29.76
C LYS B 88 45.15 -28.76 -28.94
N HIS B 89 44.07 -27.97 -29.00
CA HIS B 89 43.95 -26.73 -28.26
C HIS B 89 42.94 -26.92 -27.14
N GLN B 90 43.38 -26.75 -25.90
CA GLN B 90 42.54 -27.01 -24.74
C GLN B 90 42.72 -25.91 -23.71
N TYR B 91 41.75 -25.83 -22.79
CA TYR B 91 41.65 -24.74 -21.84
C TYR B 91 41.61 -25.30 -20.42
N ILE B 92 42.30 -24.63 -19.51
CA ILE B 92 42.49 -25.12 -18.14
C ILE B 92 41.79 -24.18 -17.18
N ILE B 93 40.96 -24.74 -16.30
CA ILE B 93 40.32 -24.00 -15.22
C ILE B 93 40.44 -24.83 -13.95
N HIS B 94 40.70 -24.15 -12.83
CA HIS B 94 40.93 -24.85 -11.56
C HIS B 94 40.45 -23.98 -10.41
N GLY B 95 39.51 -24.50 -9.63
CA GLY B 95 39.04 -23.82 -8.44
C GLY B 95 38.05 -22.71 -8.74
N GLY B 96 37.57 -22.10 -7.67
CA GLY B 96 36.63 -21.00 -7.75
C GLY B 96 35.44 -21.23 -6.84
N LYS B 97 34.52 -20.27 -6.88
CA LYS B 97 33.32 -20.30 -6.07
C LYS B 97 32.14 -20.81 -6.88
N THR B 98 31.47 -21.84 -6.38
CA THR B 98 30.19 -22.26 -6.90
C THR B 98 29.10 -21.33 -6.40
N PRO B 99 27.91 -21.34 -7.03
CA PRO B 99 26.85 -20.43 -6.59
C PRO B 99 26.47 -20.58 -5.12
N ASN B 100 26.60 -21.77 -4.54
CA ASN B 100 26.31 -21.97 -3.12
C ASN B 100 27.48 -21.61 -2.21
N ASN B 101 28.46 -20.87 -2.73
CA ASN B 101 29.56 -20.33 -1.93
C ASN B 101 30.34 -21.41 -1.19
N GLU B 102 30.70 -22.48 -1.90
CA GLU B 102 31.73 -23.39 -1.45
C GLU B 102 32.80 -23.52 -2.51
N LEU B 103 34.05 -23.52 -2.09
CA LEU B 103 35.16 -23.60 -3.03
C LEU B 103 35.32 -25.02 -3.54
N SER B 104 36.08 -25.15 -4.62
CA SER B 104 36.34 -26.45 -5.24
C SER B 104 37.84 -26.65 -5.38
N ASP B 105 38.25 -27.93 -5.38
CA ASP B 105 39.64 -28.32 -5.55
C ASP B 105 39.81 -29.26 -6.73
N LYS B 106 39.02 -29.04 -7.79
CA LYS B 106 39.01 -29.91 -8.96
C LYS B 106 39.45 -29.15 -10.20
N ILE B 107 39.84 -29.90 -11.22
CA ILE B 107 40.38 -29.34 -12.46
C ILE B 107 39.50 -29.79 -13.62
N TYR B 108 39.12 -28.84 -14.45
CA TYR B 108 38.34 -29.11 -15.66
C TYR B 108 39.14 -28.67 -16.88
N ILE B 109 39.03 -29.45 -17.96
CA ILE B 109 39.72 -29.17 -19.20
C ILE B 109 38.69 -29.06 -20.32
N MET B 110 38.75 -27.97 -21.07
CA MET B 110 37.85 -27.73 -22.19
C MET B 110 38.46 -28.26 -23.48
N SER B 111 37.61 -28.67 -24.41
CA SER B 111 38.05 -29.04 -25.75
C SER B 111 36.85 -29.04 -26.68
N VAL B 112 37.12 -28.84 -27.97
CA VAL B 112 36.08 -28.83 -28.99
C VAL B 112 35.90 -30.26 -29.48
N ALA B 113 34.77 -30.87 -29.11
CA ALA B 113 34.53 -32.25 -29.50
C ALA B 113 34.29 -32.38 -30.99
N CYS B 114 33.40 -31.54 -31.53
CA CYS B 114 33.13 -31.55 -32.97
C CYS B 114 32.60 -30.18 -33.36
N LYS B 115 32.78 -29.84 -34.63
CA LYS B 115 32.37 -28.54 -35.16
C LYS B 115 31.60 -28.75 -36.45
N ASN B 116 30.42 -28.15 -36.53
CA ASN B 116 29.60 -28.13 -37.73
C ASN B 116 29.23 -26.68 -38.06
N ASN B 117 28.30 -26.52 -39.00
CA ASN B 117 27.95 -25.20 -39.51
C ASN B 117 27.32 -24.37 -38.40
N LYS B 118 28.07 -23.37 -37.92
CA LYS B 118 27.59 -22.39 -36.94
C LYS B 118 27.04 -23.06 -35.68
N LYS B 119 27.74 -24.10 -35.21
CA LYS B 119 27.35 -24.79 -33.99
C LYS B 119 28.59 -25.47 -33.42
N VAL B 120 28.65 -25.56 -32.08
CA VAL B 120 29.80 -26.10 -31.39
C VAL B 120 29.35 -27.12 -30.36
N THR B 121 30.23 -28.09 -30.09
CA THR B 121 30.03 -29.07 -29.02
C THR B 121 31.31 -29.16 -28.20
N PHE B 122 31.26 -28.67 -26.97
CA PHE B 122 32.41 -28.71 -26.08
C PHE B 122 32.56 -30.07 -25.41
N ARG B 123 33.70 -30.27 -24.76
CA ARG B 123 33.97 -31.49 -24.02
C ARG B 123 34.67 -31.14 -22.72
N CYS B 124 34.14 -31.62 -21.61
CA CYS B 124 34.71 -31.38 -20.30
C CYS B 124 35.26 -32.69 -19.73
N THR B 125 36.49 -32.65 -19.26
CA THR B 125 37.13 -33.80 -18.63
C THR B 125 37.54 -33.43 -17.21
N GLU B 126 37.39 -34.40 -16.31
CA GLU B 126 37.71 -34.21 -14.90
C GLU B 126 39.08 -34.82 -14.60
N LYS B 127 39.97 -34.01 -14.04
CA LYS B 127 41.32 -34.44 -13.71
C LYS B 127 41.50 -34.41 -12.20
N ASP B 128 41.99 -35.52 -11.65
CA ASP B 128 42.19 -35.66 -10.22
C ASP B 128 43.67 -35.53 -9.91
N LEU B 129 44.00 -34.69 -8.92
CA LEU B 129 45.38 -34.47 -8.51
C LEU B 129 45.74 -35.39 -7.35
N VAL B 130 46.89 -36.04 -7.45
CA VAL B 130 47.43 -36.89 -6.39
C VAL B 130 48.77 -36.31 -5.96
N GLY B 131 49.00 -36.30 -4.65
CA GLY B 131 50.21 -35.73 -4.09
C GLY B 131 49.92 -34.50 -3.25
N ASP B 132 50.78 -33.49 -3.35
CA ASP B 132 50.59 -32.24 -2.61
C ASP B 132 49.48 -31.44 -3.30
N VAL B 133 48.25 -31.81 -2.99
CA VAL B 133 47.09 -31.17 -3.62
C VAL B 133 46.91 -29.77 -3.02
N PRO B 134 46.91 -28.72 -3.83
CA PRO B 134 46.66 -27.38 -3.29
C PRO B 134 45.25 -27.28 -2.69
N GLU B 135 45.14 -26.50 -1.62
CA GLU B 135 43.86 -26.32 -0.96
C GLU B 135 42.92 -25.49 -1.83
N PRO B 136 41.61 -25.73 -1.74
CA PRO B 136 40.66 -24.94 -2.55
C PRO B 136 40.74 -23.47 -2.22
N ARG B 137 40.63 -22.64 -3.26
CA ARG B 137 40.79 -21.20 -3.13
C ARG B 137 40.19 -20.54 -4.36
N TYR B 138 40.31 -19.21 -4.42
CA TYR B 138 39.90 -18.46 -5.59
C TYR B 138 40.76 -17.22 -5.71
N GLY B 139 40.78 -16.66 -6.92
CA GLY B 139 41.61 -15.51 -7.21
C GLY B 139 43.03 -15.83 -7.64
N HIS B 140 43.42 -17.10 -7.59
CA HIS B 140 44.76 -17.50 -7.98
C HIS B 140 44.91 -17.44 -9.50
N SER B 141 46.16 -17.58 -9.95
CA SER B 141 46.50 -17.53 -11.36
C SER B 141 47.29 -18.78 -11.74
N ILE B 142 46.96 -19.35 -12.91
CA ILE B 142 47.62 -20.54 -13.40
C ILE B 142 48.17 -20.26 -14.81
N ASP B 143 49.44 -20.61 -15.02
CA ASP B 143 50.10 -20.45 -16.32
C ASP B 143 50.88 -21.71 -16.64
N VAL B 144 51.20 -21.87 -17.92
CA VAL B 144 51.93 -23.03 -18.42
C VAL B 144 53.32 -22.60 -18.86
N VAL B 145 54.29 -23.51 -18.69
CA VAL B 145 55.66 -23.27 -19.08
C VAL B 145 56.13 -24.40 -19.98
N TYR B 146 57.11 -24.10 -20.82
CA TYR B 146 57.66 -25.05 -21.78
C TYR B 146 59.18 -25.02 -21.66
N SER B 147 59.76 -26.02 -21.00
CA SER B 147 61.20 -26.10 -20.80
C SER B 147 61.71 -27.44 -21.33
N ARG B 148 62.56 -27.37 -22.36
CA ARG B 148 63.22 -28.55 -22.93
C ARG B 148 62.22 -29.63 -23.33
N GLY B 149 61.12 -29.21 -23.96
CA GLY B 149 60.17 -30.15 -24.53
C GLY B 149 59.19 -30.76 -23.55
N LYS B 150 59.24 -30.39 -22.28
CA LYS B 150 58.28 -30.86 -21.29
C LYS B 150 57.37 -29.71 -20.88
N SER B 151 56.06 -29.88 -21.05
CA SER B 151 55.08 -28.86 -20.77
C SER B 151 54.40 -29.15 -19.43
N MET B 152 54.33 -28.13 -18.59
CA MET B 152 53.80 -28.31 -17.25
C MET B 152 53.24 -26.99 -16.75
N GLY B 153 52.37 -27.06 -15.74
CA GLY B 153 51.61 -25.91 -15.26
C GLY B 153 52.07 -25.48 -13.88
N VAL B 154 52.12 -24.16 -13.69
CA VAL B 154 52.51 -23.55 -12.41
C VAL B 154 51.28 -22.91 -11.79
N LEU B 155 51.22 -22.95 -10.45
CA LEU B 155 50.08 -22.45 -9.71
C LEU B 155 50.57 -21.67 -8.49
N PHE B 156 49.87 -20.59 -8.16
CA PHE B 156 50.23 -19.74 -7.04
C PHE B 156 49.01 -19.57 -6.12
N GLY B 157 49.24 -18.85 -5.01
CA GLY B 157 48.23 -18.73 -3.98
C GLY B 157 47.16 -17.71 -4.29
N GLY B 158 46.15 -17.69 -3.43
CA GLY B 158 45.03 -16.77 -3.55
C GLY B 158 44.31 -16.61 -2.24
N ARG B 159 42.98 -16.58 -2.29
CA ARG B 159 42.14 -16.42 -1.10
C ARG B 159 41.37 -17.71 -0.85
N SER B 160 41.40 -18.16 0.39
CA SER B 160 40.70 -19.38 0.78
C SER B 160 40.07 -19.21 2.15
N TYR B 161 39.04 -20.01 2.41
CA TYR B 161 38.39 -19.97 3.70
C TYR B 161 39.31 -20.53 4.78
N MET B 162 38.96 -20.23 6.03
CA MET B 162 39.74 -20.73 7.16
C MET B 162 39.68 -22.25 7.23
N PRO B 163 40.71 -22.89 7.76
CA PRO B 163 40.71 -24.36 7.85
C PRO B 163 39.59 -24.85 8.73
N SER B 164 39.20 -26.11 8.52
CA SER B 164 38.03 -26.69 9.18
C SER B 164 38.20 -26.85 10.68
N THR B 165 39.33 -26.43 11.26
CA THR B 165 39.54 -26.54 12.70
C THR B 165 39.48 -25.20 13.42
N GLN B 166 39.53 -24.08 12.70
CA GLN B 166 39.47 -22.75 13.32
C GLN B 166 38.32 -21.92 12.77
N ARG B 167 37.36 -22.55 12.10
CA ARG B 167 36.24 -21.87 11.47
C ARG B 167 34.99 -22.01 12.33
N THR B 168 34.28 -20.91 12.51
CA THR B 168 33.06 -20.89 13.31
C THR B 168 31.90 -20.31 12.50
N THR B 169 30.69 -20.55 12.98
CA THR B 169 29.51 -20.07 12.27
C THR B 169 29.45 -18.55 12.23
N GLU B 170 29.85 -17.89 13.31
CA GLU B 170 29.82 -16.43 13.34
C GLU B 170 30.71 -15.81 12.29
N LYS B 171 31.89 -16.38 12.07
CA LYS B 171 32.85 -15.91 11.06
C LYS B 171 32.98 -16.94 9.94
N TRP B 172 31.85 -17.53 9.55
CA TRP B 172 31.85 -18.60 8.56
C TRP B 172 32.46 -18.14 7.23
N ASN B 173 32.07 -16.95 6.77
CA ASN B 173 32.46 -16.49 5.45
C ASN B 173 33.77 -15.72 5.45
N SER B 174 34.46 -15.64 6.59
CA SER B 174 35.75 -14.96 6.64
C SER B 174 36.77 -15.68 5.78
N VAL B 175 37.61 -14.90 5.11
CA VAL B 175 38.59 -15.42 4.16
C VAL B 175 39.97 -14.88 4.51
N ALA B 176 40.98 -15.73 4.38
CA ALA B 176 42.37 -15.36 4.63
C ALA B 176 43.23 -15.79 3.46
N ASP B 177 44.30 -15.04 3.22
CA ASP B 177 45.16 -15.30 2.08
C ASP B 177 45.89 -16.63 2.23
N CYS B 178 46.13 -17.28 1.09
CA CYS B 178 46.74 -18.59 1.09
C CYS B 178 48.23 -18.49 1.39
N LEU B 179 48.84 -19.66 1.59
CA LEU B 179 50.27 -19.73 1.85
C LEU B 179 51.06 -19.37 0.58
N PRO B 180 52.30 -18.91 0.73
CA PRO B 180 53.07 -18.48 -0.45
C PRO B 180 53.68 -19.64 -1.22
N HIS B 181 53.21 -20.85 -0.97
CA HIS B 181 53.69 -22.01 -1.71
C HIS B 181 53.40 -21.87 -3.20
N VAL B 182 54.36 -22.25 -4.02
CA VAL B 182 54.18 -22.34 -5.47
C VAL B 182 54.13 -23.80 -5.86
N PHE B 183 53.13 -24.16 -6.66
CA PHE B 183 52.86 -25.55 -7.00
C PHE B 183 53.25 -25.84 -8.44
N LEU B 184 53.81 -27.02 -8.66
CA LEU B 184 54.11 -27.53 -9.99
C LEU B 184 53.21 -28.73 -10.25
N ILE B 185 52.19 -28.53 -11.10
CA ILE B 185 51.23 -29.57 -11.43
C ILE B 185 51.50 -30.06 -12.85
N ASP B 186 51.47 -31.37 -13.02
CA ASP B 186 51.70 -32.00 -14.32
C ASP B 186 50.35 -32.36 -14.91
N PHE B 187 50.09 -31.87 -16.13
CA PHE B 187 48.77 -32.03 -16.72
C PHE B 187 48.52 -33.47 -17.18
N GLU B 188 49.52 -34.09 -17.81
CA GLU B 188 49.32 -35.42 -18.37
C GLU B 188 49.44 -36.53 -17.35
N PHE B 189 49.81 -36.21 -16.10
CA PHE B 189 49.93 -37.22 -15.06
C PHE B 189 49.08 -36.95 -13.83
N GLY B 190 48.60 -35.73 -13.63
CA GLY B 190 47.78 -35.44 -12.47
C GLY B 190 48.51 -35.56 -11.14
N CYS B 191 49.76 -35.14 -11.10
CA CYS B 191 50.55 -35.16 -9.88
C CYS B 191 51.14 -33.77 -9.64
N ALA B 192 51.26 -33.41 -8.37
CA ALA B 192 51.73 -32.09 -7.99
C ALA B 192 52.77 -32.19 -6.89
N THR B 193 53.74 -31.27 -6.91
CA THR B 193 54.76 -31.17 -5.88
C THR B 193 54.84 -29.73 -5.40
N SER B 194 54.77 -29.55 -4.08
CA SER B 194 54.81 -28.22 -3.47
C SER B 194 56.25 -27.76 -3.27
N TYR B 195 56.47 -26.45 -3.40
CA TYR B 195 57.79 -25.86 -3.25
C TYR B 195 57.71 -24.61 -2.38
N ILE B 196 58.75 -24.41 -1.56
CA ILE B 196 58.85 -23.25 -0.69
C ILE B 196 60.05 -22.42 -1.14
N LEU B 197 59.81 -21.13 -1.40
CA LEU B 197 60.88 -20.24 -1.81
C LEU B 197 60.98 -19.07 -0.86
N PRO B 198 62.17 -18.82 -0.31
CA PRO B 198 62.30 -17.77 0.72
C PRO B 198 62.07 -16.37 0.19
N GLU B 199 62.29 -16.13 -1.11
CA GLU B 199 62.09 -14.79 -1.65
C GLU B 199 60.62 -14.38 -1.64
N LEU B 200 59.70 -15.32 -1.55
CA LEU B 200 58.28 -15.06 -1.47
C LEU B 200 57.82 -15.35 -0.05
N GLN B 201 57.59 -14.30 0.73
CA GLN B 201 57.23 -14.44 2.14
C GLN B 201 55.77 -14.18 2.43
N ASP B 202 55.10 -13.34 1.65
CA ASP B 202 53.71 -12.98 1.88
C ASP B 202 52.83 -13.59 0.79
N GLY B 203 51.61 -13.95 1.19
CA GLY B 203 50.66 -14.47 0.22
C GLY B 203 50.18 -13.39 -0.73
N LEU B 204 49.77 -13.83 -1.92
CA LEU B 204 49.34 -12.93 -2.98
C LEU B 204 48.01 -13.42 -3.54
N SER B 205 47.07 -12.49 -3.70
CA SER B 205 45.75 -12.81 -4.20
C SER B 205 45.34 -11.79 -5.25
N PHE B 206 44.59 -12.26 -6.24
CA PHE B 206 44.08 -11.41 -7.32
C PHE B 206 45.21 -10.68 -8.04
N HIS B 207 46.23 -11.44 -8.43
CA HIS B 207 47.33 -10.91 -9.22
C HIS B 207 47.13 -11.27 -10.69
N VAL B 208 48.11 -10.92 -11.51
CA VAL B 208 48.08 -11.21 -12.95
C VAL B 208 49.32 -11.99 -13.31
N SER B 209 49.17 -12.94 -14.22
CA SER B 209 50.24 -13.84 -14.62
C SER B 209 50.46 -13.76 -16.12
N ILE B 210 51.73 -13.72 -16.53
CA ILE B 210 52.13 -13.67 -17.92
C ILE B 210 53.07 -14.83 -18.19
N ALA B 211 52.80 -15.59 -19.26
CA ALA B 211 53.54 -16.80 -19.56
C ALA B 211 54.50 -16.58 -20.74
N ARG B 212 55.58 -17.34 -20.73
CA ARG B 212 56.58 -17.32 -21.80
C ARG B 212 57.15 -18.73 -21.89
N ASN B 213 58.29 -18.90 -22.55
CA ASN B 213 58.86 -20.23 -22.75
C ASN B 213 59.10 -20.94 -21.42
N ASP B 214 60.01 -20.40 -20.60
CA ASP B 214 60.33 -21.01 -19.32
C ASP B 214 60.30 -19.99 -18.17
N THR B 215 59.42 -18.99 -18.25
CA THR B 215 59.32 -17.98 -17.21
C THR B 215 57.90 -17.47 -17.11
N VAL B 216 57.47 -17.16 -15.89
CA VAL B 216 56.18 -16.56 -15.61
C VAL B 216 56.41 -15.29 -14.81
N TYR B 217 55.76 -14.21 -15.23
CA TYR B 217 55.92 -12.89 -14.60
C TYR B 217 54.63 -12.57 -13.86
N ILE B 218 54.68 -12.63 -12.53
CA ILE B 218 53.56 -12.26 -11.68
C ILE B 218 53.86 -10.92 -11.03
N LEU B 219 52.88 -10.02 -11.05
CA LEU B 219 53.07 -8.67 -10.57
C LEU B 219 51.79 -8.17 -9.92
N GLY B 220 51.93 -7.23 -9.00
CA GLY B 220 50.78 -6.70 -8.30
C GLY B 220 50.19 -7.72 -7.33
N GLY B 221 48.91 -7.56 -7.05
CA GLY B 221 48.22 -8.44 -6.14
C GLY B 221 48.03 -7.86 -4.76
N HIS B 222 46.86 -8.11 -4.17
CA HIS B 222 46.54 -7.59 -2.83
C HIS B 222 46.82 -8.65 -1.78
N SER B 223 47.50 -8.24 -0.71
CA SER B 223 47.77 -9.09 0.44
C SER B 223 46.85 -8.65 1.58
N LEU B 224 45.90 -9.50 1.94
CA LEU B 224 44.93 -9.15 2.97
C LEU B 224 45.55 -9.09 4.36
N ALA B 225 46.64 -9.83 4.59
CA ALA B 225 47.29 -9.82 5.90
C ALA B 225 47.82 -8.45 6.27
N SER B 226 48.12 -7.59 5.28
CA SER B 226 48.60 -6.24 5.54
C SER B 226 47.70 -5.17 4.97
N ASN B 227 46.68 -5.52 4.18
CA ASN B 227 45.76 -4.56 3.58
C ASN B 227 46.51 -3.52 2.75
N ILE B 228 47.53 -3.97 2.01
CA ILE B 228 48.31 -3.11 1.13
C ILE B 228 48.42 -3.78 -0.23
N ARG B 229 48.74 -2.97 -1.24
CA ARG B 229 48.96 -3.47 -2.60
C ARG B 229 50.40 -3.20 -2.99
N PRO B 230 51.30 -4.14 -2.81
CA PRO B 230 52.72 -3.91 -3.12
C PRO B 230 52.95 -3.78 -4.63
N ALA B 231 53.96 -2.98 -4.97
CA ALA B 231 54.39 -2.85 -6.37
C ALA B 231 55.50 -3.85 -6.68
N ASN B 232 55.20 -5.12 -6.38
CA ASN B 232 56.13 -6.21 -6.56
C ASN B 232 56.16 -6.67 -8.02
N LEU B 233 57.20 -7.42 -8.35
CA LEU B 233 57.31 -8.04 -9.67
C LEU B 233 58.25 -9.24 -9.53
N TYR B 234 57.70 -10.45 -9.56
CA TYR B 234 58.47 -11.67 -9.39
C TYR B 234 58.59 -12.40 -10.71
N ARG B 235 59.79 -12.94 -10.96
CA ARG B 235 60.05 -13.80 -12.11
C ARG B 235 60.36 -15.19 -11.60
N ILE B 236 59.67 -16.20 -12.13
CA ILE B 236 59.85 -17.59 -11.74
C ILE B 236 60.31 -18.38 -12.96
N ARG B 237 61.40 -19.13 -12.80
N ARG B 237 61.40 -19.13 -12.80
CA ARG B 237 61.97 -19.92 -13.88
CA ARG B 237 61.99 -19.92 -13.87
C ARG B 237 61.92 -21.39 -13.52
C ARG B 237 61.91 -21.39 -13.50
N VAL B 238 61.44 -22.21 -14.44
CA VAL B 238 61.28 -23.65 -14.23
C VAL B 238 62.10 -24.38 -15.28
N ASP B 239 62.94 -25.31 -14.83
CA ASP B 239 63.69 -26.19 -15.70
C ASP B 239 63.23 -27.63 -15.50
N LEU B 240 63.47 -28.47 -16.52
CA LEU B 240 62.98 -29.85 -16.54
C LEU B 240 64.15 -30.79 -16.76
N PRO B 241 64.92 -31.08 -15.71
CA PRO B 241 65.96 -32.11 -15.82
C PRO B 241 65.37 -33.51 -15.80
N LEU B 242 66.24 -34.53 -15.77
CA LEU B 242 65.76 -35.90 -15.74
C LEU B 242 64.96 -36.19 -14.47
N GLY B 243 65.43 -35.68 -13.34
CA GLY B 243 64.77 -35.93 -12.07
C GLY B 243 63.83 -34.82 -11.64
N THR B 244 63.86 -34.50 -10.35
CA THR B 244 62.99 -33.46 -9.82
C THR B 244 63.36 -32.10 -10.41
N PRO B 245 62.39 -31.23 -10.66
CA PRO B 245 62.70 -29.90 -11.22
C PRO B 245 63.04 -28.89 -10.15
N ALA B 246 63.66 -27.80 -10.61
CA ALA B 246 64.11 -26.72 -9.74
C ALA B 246 63.28 -25.47 -9.99
N VAL B 247 63.03 -24.71 -8.93
CA VAL B 247 62.22 -23.50 -8.97
C VAL B 247 63.02 -22.36 -8.35
N ASN B 248 63.06 -21.23 -9.05
CA ASN B 248 63.77 -20.05 -8.56
C ASN B 248 62.93 -18.82 -8.82
N CYS B 249 62.83 -17.94 -7.83
CA CYS B 249 62.09 -16.69 -7.94
C CYS B 249 63.03 -15.53 -7.64
N THR B 250 62.96 -14.50 -8.47
CA THR B 250 63.77 -13.30 -8.30
C THR B 250 62.86 -12.08 -8.21
N VAL B 251 63.21 -11.16 -7.30
CA VAL B 251 62.48 -9.92 -7.14
C VAL B 251 63.05 -8.88 -8.09
N LEU B 252 62.19 -8.29 -8.92
CA LEU B 252 62.62 -7.33 -9.91
C LEU B 252 62.12 -5.95 -9.56
N PRO B 253 63.01 -4.96 -9.42
CA PRO B 253 62.57 -3.61 -9.10
C PRO B 253 61.84 -2.96 -10.26
N GLY B 254 61.09 -1.90 -9.95
CA GLY B 254 60.38 -1.16 -10.97
C GLY B 254 59.03 -1.72 -11.34
N GLY B 255 58.42 -2.51 -10.48
CA GLY B 255 57.13 -3.10 -10.78
C GLY B 255 55.98 -2.13 -10.52
N ILE B 256 54.77 -2.64 -10.73
CA ILE B 256 53.55 -1.87 -10.54
C ILE B 256 52.66 -2.60 -9.54
N SER B 257 51.72 -1.86 -8.98
CA SER B 257 50.83 -2.35 -7.92
C SER B 257 49.40 -2.35 -8.45
N VAL B 258 48.92 -3.51 -8.88
CA VAL B 258 47.58 -3.64 -9.44
C VAL B 258 46.99 -4.98 -9.01
N SER B 259 45.67 -5.03 -8.87
CA SER B 259 44.97 -6.23 -8.47
C SER B 259 43.71 -6.37 -9.31
N SER B 260 43.38 -7.62 -9.66
CA SER B 260 42.22 -7.94 -10.50
C SER B 260 42.25 -7.13 -11.79
N ALA B 261 43.42 -7.09 -12.42
CA ALA B 261 43.59 -6.44 -13.71
C ALA B 261 43.23 -7.43 -14.83
N ILE B 262 43.27 -6.94 -16.06
CA ILE B 262 42.89 -7.73 -17.23
C ILE B 262 44.04 -7.72 -18.21
N LEU B 263 44.41 -8.90 -18.71
CA LEU B 263 45.54 -9.08 -19.59
C LEU B 263 45.09 -9.56 -20.97
N THR B 264 45.78 -9.10 -22.01
CA THR B 264 45.51 -9.56 -23.37
C THR B 264 46.75 -9.34 -24.22
N GLN B 265 46.75 -9.97 -25.40
CA GLN B 265 47.88 -9.93 -26.32
C GLN B 265 47.55 -9.01 -27.49
N THR B 266 48.47 -8.09 -27.78
CA THR B 266 48.34 -7.25 -28.97
C THR B 266 49.20 -7.78 -30.12
N ASN B 267 50.49 -7.97 -29.87
CA ASN B 267 51.42 -8.55 -30.83
C ASN B 267 52.19 -9.66 -30.12
N ASN B 268 52.94 -10.43 -30.90
CA ASN B 268 53.76 -11.49 -30.33
C ASN B 268 54.76 -10.90 -29.35
N ASP B 269 54.86 -11.53 -28.18
CA ASP B 269 55.68 -11.04 -27.07
C ASP B 269 55.30 -9.60 -26.70
N GLU B 270 54.00 -9.33 -26.65
CA GLU B 270 53.51 -8.01 -26.28
C GLU B 270 52.21 -8.17 -25.51
N PHE B 271 52.10 -7.48 -24.37
CA PHE B 271 50.94 -7.58 -23.50
C PHE B 271 50.57 -6.18 -23.01
N VAL B 272 49.29 -6.00 -22.67
CA VAL B 272 48.81 -4.74 -22.10
C VAL B 272 47.94 -5.06 -20.90
N ILE B 273 47.82 -4.07 -20.01
CA ILE B 273 47.01 -4.16 -18.80
C ILE B 273 46.01 -3.02 -18.82
N VAL B 274 44.74 -3.33 -18.58
CA VAL B 274 43.67 -2.34 -18.56
C VAL B 274 42.87 -2.50 -17.28
N GLY B 275 42.48 -1.37 -16.69
CA GLY B 275 41.68 -1.39 -15.48
C GLY B 275 42.45 -1.90 -14.27
N GLY B 276 41.70 -2.16 -13.22
CA GLY B 276 42.24 -2.69 -11.98
C GLY B 276 41.91 -1.80 -10.79
N TYR B 277 42.51 -2.15 -9.66
CA TYR B 277 42.33 -1.42 -8.42
C TYR B 277 43.69 -1.08 -7.83
N GLN B 278 43.87 0.17 -7.42
CA GLN B 278 45.09 0.62 -6.74
C GLN B 278 44.90 0.72 -5.23
N LEU B 279 43.89 1.44 -4.77
CA LEU B 279 43.52 1.52 -3.37
C LEU B 279 42.09 0.98 -3.21
N GLU B 280 41.56 1.09 -1.99
CA GLU B 280 40.21 0.59 -1.73
C GLU B 280 39.17 1.37 -2.53
N ASN B 281 39.35 2.68 -2.66
CA ASN B 281 38.42 3.54 -3.38
C ASN B 281 39.07 4.25 -4.56
N GLN B 282 40.17 3.72 -5.08
CA GLN B 282 40.93 4.36 -6.14
C GLN B 282 40.60 3.76 -7.50
N LYS B 283 40.55 4.61 -8.51
CA LYS B 283 40.29 4.21 -9.89
C LYS B 283 41.60 4.02 -10.63
N ARG B 284 41.71 2.94 -11.39
CA ARG B 284 42.86 2.72 -12.26
C ARG B 284 42.61 3.44 -13.58
N MET B 285 42.79 4.76 -13.55
CA MET B 285 42.60 5.60 -14.72
C MET B 285 43.62 5.35 -15.82
N VAL B 286 44.72 4.65 -15.52
CA VAL B 286 45.82 4.49 -16.46
C VAL B 286 45.95 3.03 -16.84
N CYS B 287 46.57 2.81 -17.99
CA CYS B 287 46.85 1.48 -18.53
C CYS B 287 48.35 1.34 -18.75
N SER B 288 48.89 0.18 -18.38
CA SER B 288 50.32 -0.05 -18.40
C SER B 288 50.70 -0.97 -19.57
N LEU B 289 51.70 -0.55 -20.33
CA LEU B 289 52.24 -1.34 -21.43
C LEU B 289 53.44 -2.14 -20.94
N VAL B 290 53.46 -3.43 -21.23
CA VAL B 290 54.55 -4.32 -20.83
C VAL B 290 55.05 -5.05 -22.07
N SER B 291 56.37 -5.15 -22.19
CA SER B 291 57.02 -5.79 -23.32
C SER B 291 57.89 -6.94 -22.83
N LEU B 292 57.79 -8.09 -23.49
CA LEU B 292 58.58 -9.26 -23.14
C LEU B 292 59.66 -9.52 -24.19
N GLY B 293 60.75 -10.09 -23.71
CA GLY B 293 61.88 -10.40 -24.58
C GLY B 293 62.49 -11.72 -24.17
N ASP B 294 63.78 -11.88 -24.46
CA ASP B 294 64.46 -13.13 -24.14
C ASP B 294 64.66 -13.28 -22.63
N ASN B 295 65.45 -12.38 -22.03
CA ASN B 295 65.69 -12.40 -20.60
C ASN B 295 65.65 -10.97 -20.06
N THR B 296 64.66 -10.19 -20.51
CA THR B 296 64.50 -8.82 -20.08
C THR B 296 63.02 -8.48 -19.99
N ILE B 297 62.69 -7.53 -19.14
CA ILE B 297 61.33 -7.04 -18.97
C ILE B 297 61.37 -5.52 -18.93
N GLU B 298 60.25 -4.89 -19.29
CA GLU B 298 60.15 -3.43 -19.27
C GLU B 298 58.69 -3.05 -19.23
N ILE B 299 58.30 -2.28 -18.21
CA ILE B 299 56.93 -1.80 -18.06
C ILE B 299 56.93 -0.30 -18.25
N SER B 300 56.09 0.17 -19.18
CA SER B 300 56.00 1.58 -19.51
C SER B 300 54.54 2.00 -19.55
N GLU B 301 54.31 3.30 -19.38
CA GLU B 301 52.95 3.85 -19.36
C GLU B 301 52.56 4.27 -20.76
N MET B 302 51.50 3.65 -21.29
CA MET B 302 50.94 4.02 -22.57
C MET B 302 49.76 4.97 -22.37
N GLU B 303 49.15 5.39 -23.47
CA GLU B 303 48.12 6.42 -23.39
C GLU B 303 46.86 5.89 -22.72
N THR B 304 46.21 6.75 -21.94
CA THR B 304 44.96 6.39 -21.28
C THR B 304 43.80 6.64 -22.24
N PRO B 305 42.96 5.63 -22.51
CA PRO B 305 41.84 5.83 -23.41
C PRO B 305 40.81 6.80 -22.84
N ASP B 306 39.99 7.35 -23.73
CA ASP B 306 38.98 8.33 -23.36
C ASP B 306 37.82 7.61 -22.67
N TRP B 307 37.94 7.47 -21.36
CA TRP B 307 36.89 6.82 -20.59
C TRP B 307 35.66 7.73 -20.47
N THR B 308 34.48 7.12 -20.55
CA THR B 308 33.24 7.85 -20.37
C THR B 308 33.01 8.16 -18.89
N SER B 309 32.04 9.04 -18.64
CA SER B 309 31.74 9.44 -17.27
C SER B 309 31.19 8.28 -16.46
N ASP B 310 30.43 7.39 -17.10
CA ASP B 310 29.85 6.26 -16.39
C ASP B 310 30.94 5.35 -15.83
N ILE B 311 31.98 5.09 -16.62
CA ILE B 311 33.12 4.33 -16.11
C ILE B 311 33.92 5.15 -15.12
N LYS B 312 34.08 6.45 -15.39
CA LYS B 312 34.94 7.28 -14.56
C LYS B 312 34.45 7.37 -13.13
N HIS B 313 33.14 7.55 -12.94
CA HIS B 313 32.56 7.70 -11.61
C HIS B 313 31.87 6.45 -11.10
N SER B 314 32.08 5.30 -11.75
CA SER B 314 31.64 4.04 -11.18
C SER B 314 32.66 3.58 -10.13
N LYS B 315 32.21 2.68 -9.26
CA LYS B 315 33.05 2.17 -8.18
C LYS B 315 33.65 0.80 -8.48
N ILE B 316 32.94 -0.07 -9.19
CA ILE B 316 33.43 -1.40 -9.52
C ILE B 316 33.30 -1.61 -11.03
N TRP B 317 34.33 -2.19 -11.63
CA TRP B 317 34.23 -2.68 -13.01
C TRP B 317 35.01 -3.98 -13.11
N PHE B 318 34.43 -4.92 -13.85
CA PHE B 318 35.02 -6.25 -14.00
C PHE B 318 35.04 -6.62 -15.47
N GLY B 319 36.02 -7.44 -15.85
CA GLY B 319 36.14 -7.84 -17.23
C GLY B 319 37.09 -9.01 -17.38
N SER B 320 37.17 -9.52 -18.60
CA SER B 320 38.03 -10.65 -18.93
C SER B 320 38.66 -10.39 -20.30
N ASN B 321 39.40 -11.37 -20.79
CA ASN B 321 40.10 -11.27 -22.06
C ASN B 321 39.27 -11.93 -23.14
N MET B 322 38.87 -11.16 -24.15
CA MET B 322 38.11 -11.72 -25.26
C MET B 322 39.01 -12.59 -26.15
N GLY B 323 40.32 -12.36 -26.11
CA GLY B 323 41.25 -13.23 -26.80
C GLY B 323 41.94 -12.60 -27.99
N ASN B 324 41.21 -11.84 -28.79
CA ASN B 324 41.80 -11.17 -29.95
C ASN B 324 42.19 -9.73 -29.64
N GLY B 325 42.92 -9.54 -28.55
CA GLY B 325 43.32 -8.20 -28.13
C GLY B 325 42.15 -7.30 -27.77
N THR B 326 41.14 -7.86 -27.09
CA THR B 326 39.93 -7.13 -26.77
C THR B 326 39.51 -7.47 -25.35
N ILE B 327 39.03 -6.47 -24.62
CA ILE B 327 38.60 -6.62 -23.23
C ILE B 327 37.12 -6.29 -23.15
N PHE B 328 36.38 -7.13 -22.44
CA PHE B 328 34.93 -6.99 -22.28
C PHE B 328 34.68 -6.64 -20.83
N LEU B 329 34.63 -5.35 -20.53
CA LEU B 329 34.44 -4.84 -19.17
C LEU B 329 33.02 -4.32 -19.01
N GLY B 330 32.54 -4.33 -17.77
CA GLY B 330 31.18 -3.94 -17.48
C GLY B 330 31.11 -2.93 -16.35
N ILE B 331 29.99 -2.21 -16.33
CA ILE B 331 29.71 -1.18 -15.34
C ILE B 331 28.34 -1.44 -14.75
N PRO B 332 28.15 -1.34 -13.42
CA PRO B 332 26.82 -1.50 -12.85
C PRO B 332 26.08 -0.16 -12.86
N GLY B 333 24.86 -0.18 -13.40
CA GLY B 333 24.08 1.03 -13.53
C GLY B 333 22.63 0.81 -13.15
N ASP B 334 21.93 1.91 -12.94
CA ASP B 334 20.52 1.92 -12.58
C ASP B 334 20.26 1.09 -11.32
N ASN B 335 19.01 0.69 -11.12
CA ASN B 335 18.62 -0.10 -9.97
C ASN B 335 18.12 -1.48 -10.39
N LYS B 336 18.33 -2.45 -9.51
CA LYS B 336 17.94 -3.83 -9.78
C LYS B 336 16.43 -4.03 -9.76
N GLN B 337 15.70 -3.23 -8.99
CA GLN B 337 14.26 -3.39 -8.90
C GLN B 337 13.59 -3.10 -10.24
N ALA B 338 14.08 -2.10 -10.98
CA ALA B 338 13.55 -1.80 -12.30
C ALA B 338 13.96 -2.84 -13.34
N MET B 339 14.82 -3.78 -12.98
CA MET B 339 15.29 -4.88 -13.83
C MET B 339 15.62 -4.43 -15.25
N SER B 340 15.37 -5.29 -16.24
CA SER B 340 15.69 -5.01 -17.64
C SER B 340 17.18 -4.73 -17.82
N GLU B 341 17.56 -3.46 -17.82
CA GLU B 341 18.94 -3.05 -18.03
C GLU B 341 19.56 -2.74 -16.68
N ALA B 342 20.25 -3.71 -16.11
CA ALA B 342 20.91 -3.56 -14.81
C ALA B 342 22.42 -3.44 -14.89
N PHE B 343 23.04 -3.95 -15.95
CA PHE B 343 24.47 -3.86 -16.15
C PHE B 343 24.74 -3.23 -17.51
N TYR B 344 25.53 -2.15 -17.52
CA TYR B 344 25.97 -1.51 -18.75
C TYR B 344 27.30 -2.13 -19.17
N PHE B 345 27.37 -2.60 -20.41
CA PHE B 345 28.52 -3.33 -20.89
C PHE B 345 29.26 -2.53 -21.96
N TYR B 346 30.58 -2.47 -21.82
CA TYR B 346 31.44 -1.75 -22.74
C TYR B 346 32.46 -2.71 -23.34
N THR B 347 33.09 -2.27 -24.43
CA THR B 347 34.15 -3.04 -25.07
C THR B 347 35.35 -2.13 -25.31
N LEU B 348 36.53 -2.74 -25.40
CA LEU B 348 37.77 -2.00 -25.51
C LEU B 348 38.64 -2.61 -26.61
N ARG B 349 39.18 -1.75 -27.47
CA ARG B 349 40.09 -2.14 -28.54
C ARG B 349 41.46 -1.54 -28.25
N CYS B 350 42.50 -2.37 -28.36
CA CYS B 350 43.85 -1.92 -28.10
C CYS B 350 44.60 -1.68 -29.40
N HIS C 385 -25.00 -13.71 88.57
CA HIS C 385 -25.20 -13.86 87.12
C HIS C 385 -24.55 -15.13 86.61
N ILE C 386 -25.13 -15.71 85.56
CA ILE C 386 -24.65 -16.94 84.95
C ILE C 386 -24.35 -16.67 83.48
N ASN C 387 -23.24 -17.22 83.00
CA ASN C 387 -22.84 -17.03 81.61
C ASN C 387 -23.71 -17.89 80.70
N LYS C 388 -24.34 -17.27 79.72
CA LYS C 388 -25.21 -17.96 78.78
C LYS C 388 -24.49 -18.42 77.53
N GLY C 389 -23.18 -18.21 77.42
CA GLY C 389 -22.44 -18.61 76.25
C GLY C 389 -22.69 -17.68 75.08
N GLY C 390 -22.28 -18.15 73.89
CA GLY C 390 -22.44 -17.39 72.68
C GLY C 390 -21.17 -17.29 71.87
N ARG C 391 -21.31 -16.97 70.59
CA ARG C 391 -20.15 -16.85 69.71
C ARG C 391 -19.32 -15.63 70.11
N PRO C 392 -17.99 -15.74 70.15
CA PRO C 392 -17.17 -14.59 70.52
C PRO C 392 -17.28 -13.46 69.51
N ARG C 393 -17.10 -12.23 70.01
CA ARG C 393 -17.19 -11.04 69.18
C ARG C 393 -15.82 -10.74 68.58
N GLN C 394 -15.68 -10.92 67.28
CA GLN C 394 -14.43 -10.63 66.60
C GLN C 394 -14.33 -9.14 66.29
N HIS C 395 -13.18 -8.75 65.75
CA HIS C 395 -12.97 -7.36 65.36
C HIS C 395 -13.93 -6.98 64.23
N LEU C 396 -14.44 -5.75 64.29
CA LEU C 396 -15.42 -5.31 63.31
C LEU C 396 -14.84 -5.30 61.89
N LEU C 397 -13.52 -5.18 61.76
CA LEU C 397 -12.88 -5.22 60.46
C LEU C 397 -12.67 -6.64 59.95
N SER C 398 -12.97 -7.66 60.77
CA SER C 398 -12.75 -9.04 60.40
C SER C 398 -14.04 -9.78 60.04
N LEU C 399 -15.16 -9.07 59.92
CA LEU C 399 -16.45 -9.67 59.60
C LEU C 399 -16.79 -9.37 58.14
N THR C 400 -17.94 -9.91 57.71
CA THR C 400 -18.40 -9.76 56.33
C THR C 400 -19.42 -8.64 56.24
N ARG C 401 -19.95 -8.44 55.03
CA ARG C 401 -20.88 -7.34 54.79
C ARG C 401 -22.17 -7.49 55.58
N ARG C 402 -22.76 -8.69 55.54
CA ARG C 402 -24.01 -8.92 56.26
C ARG C 402 -23.81 -8.81 57.77
N ALA C 403 -22.69 -9.34 58.28
CA ALA C 403 -22.41 -9.22 59.71
C ALA C 403 -22.22 -7.77 60.11
N GLN C 404 -21.51 -6.98 59.30
CA GLN C 404 -21.31 -5.57 59.61
C GLN C 404 -22.64 -4.83 59.59
N LYS C 405 -23.50 -5.13 58.62
CA LYS C 405 -24.81 -4.49 58.56
C LYS C 405 -25.65 -4.85 59.79
N HIS C 406 -25.60 -6.12 60.21
CA HIS C 406 -26.43 -6.57 61.33
C HIS C 406 -25.93 -5.98 62.65
N ARG C 407 -24.62 -5.94 62.85
CA ARG C 407 -24.07 -5.27 64.02
C ARG C 407 -24.38 -3.78 64.01
N LEU C 408 -24.28 -3.15 62.84
CA LEU C 408 -24.49 -1.72 62.68
C LEU C 408 -25.92 -1.39 62.29
N ARG C 409 -26.88 -2.19 62.76
CA ARG C 409 -28.25 -2.06 62.29
C ARG C 409 -28.89 -0.74 62.73
N GLU C 410 -28.46 -0.18 63.85
CA GLU C 410 -29.05 1.06 64.37
C GLU C 410 -28.24 2.30 64.03
N LEU C 411 -26.91 2.20 64.03
CA LEU C 411 -26.05 3.35 63.81
C LEU C 411 -26.46 4.11 62.55
N LYS C 412 -26.71 3.37 61.47
CA LYS C 412 -27.25 4.00 60.26
C LYS C 412 -28.55 4.73 60.58
N ILE C 413 -29.39 4.15 61.44
CA ILE C 413 -30.69 4.77 61.72
C ILE C 413 -30.52 6.12 62.38
N GLN C 414 -29.70 6.21 63.43
CA GLN C 414 -29.63 7.54 64.06
C GLN C 414 -28.78 8.50 63.24
N VAL C 415 -27.77 8.04 62.51
CA VAL C 415 -27.00 9.00 61.71
C VAL C 415 -27.87 9.56 60.59
N LYS C 416 -28.74 8.73 59.98
CA LYS C 416 -29.62 9.25 58.94
C LYS C 416 -30.72 10.13 59.52
N GLU C 417 -31.21 9.81 60.73
CA GLU C 417 -32.21 10.68 61.34
C GLU C 417 -31.61 12.01 61.76
N PHE C 418 -30.33 12.05 62.09
CA PHE C 418 -29.66 13.33 62.33
C PHE C 418 -29.38 14.08 61.05
N ALA C 419 -29.00 13.36 59.98
CA ALA C 419 -28.76 14.01 58.70
C ALA C 419 -30.03 14.63 58.15
N ASP C 420 -31.17 13.97 58.33
CA ASP C 420 -32.45 14.54 57.91
C ASP C 420 -32.74 15.85 58.63
N LYS C 421 -32.23 16.00 59.86
CA LYS C 421 -32.46 17.21 60.65
C LYS C 421 -31.39 18.27 60.40
N GLU C 422 -30.12 17.91 60.61
CA GLU C 422 -29.04 18.89 60.51
C GLU C 422 -28.77 19.31 59.07
N GLU C 423 -28.70 18.35 58.15
CA GLU C 423 -28.32 18.62 56.77
C GLU C 423 -29.45 18.40 55.78
N GLY C 424 -30.19 17.30 55.88
CA GLY C 424 -31.25 17.01 54.94
C GLY C 424 -31.36 15.54 54.59
N GLY C 425 -30.32 14.77 54.91
CA GLY C 425 -30.34 13.34 54.66
C GLY C 425 -29.21 12.84 53.78
N ASP C 426 -28.11 13.58 53.73
CA ASP C 426 -26.94 13.21 52.94
C ASP C 426 -25.98 12.46 53.86
N VAL C 427 -26.19 11.14 53.97
CA VAL C 427 -25.40 10.34 54.89
C VAL C 427 -23.94 10.23 54.45
N LYS C 428 -23.70 10.18 53.14
CA LYS C 428 -22.34 9.97 52.64
C LYS C 428 -21.41 11.11 53.06
N ALA C 429 -21.87 12.35 52.90
CA ALA C 429 -21.02 13.50 53.22
C ALA C 429 -20.72 13.57 54.71
N VAL C 430 -21.73 13.38 55.56
CA VAL C 430 -21.50 13.46 56.99
C VAL C 430 -20.61 12.31 57.46
N CYS C 431 -20.77 11.12 56.88
CA CYS C 431 -19.90 10.02 57.24
C CYS C 431 -18.46 10.27 56.82
N LEU C 432 -18.26 10.85 55.62
CA LEU C 432 -16.91 11.22 55.20
C LEU C 432 -16.30 12.26 56.13
N THR C 433 -17.09 13.24 56.53
CA THR C 433 -16.59 14.26 57.45
C THR C 433 -16.21 13.65 58.79
N LEU C 434 -17.04 12.73 59.30
CA LEU C 434 -16.74 12.11 60.58
C LEU C 434 -15.49 11.24 60.48
N PHE C 435 -15.30 10.56 59.35
CA PHE C 435 -14.07 9.80 59.14
C PHE C 435 -12.85 10.71 59.09
N LEU C 436 -12.99 11.87 58.43
CA LEU C 436 -11.88 12.82 58.39
C LEU C 436 -11.53 13.31 59.79
N LEU C 437 -12.55 13.63 60.60
CA LEU C 437 -12.30 14.05 61.98
C LEU C 437 -11.67 12.92 62.79
N ALA C 438 -12.11 11.68 62.57
CA ALA C 438 -11.51 10.55 63.28
C ALA C 438 -10.04 10.40 62.91
N LEU C 439 -9.71 10.54 61.63
CA LEU C 439 -8.32 10.47 61.20
C LEU C 439 -7.49 11.60 61.81
N ARG C 440 -8.06 12.82 61.86
CA ARG C 440 -7.36 13.93 62.48
C ARG C 440 -7.11 13.68 63.97
N ALA C 441 -8.10 13.11 64.66
CA ALA C 441 -7.91 12.74 66.06
C ALA C 441 -6.84 11.67 66.19
N ARG C 442 -6.76 10.75 65.23
CA ARG C 442 -5.71 9.74 65.20
C ARG C 442 -4.41 10.27 64.61
N ASN C 443 -4.40 11.52 64.15
CA ASN C 443 -3.20 12.21 63.68
C ASN C 443 -2.59 11.52 62.45
N GLU C 444 -3.37 11.51 61.37
CA GLU C 444 -2.87 11.17 60.04
C GLU C 444 -3.31 12.26 59.08
N HIS C 445 -2.37 13.09 58.64
CA HIS C 445 -2.65 14.20 57.74
C HIS C 445 -2.46 13.84 56.27
N ARG C 446 -1.38 13.12 55.93
CA ARG C 446 -1.19 12.69 54.55
C ARG C 446 -2.29 11.72 54.12
N GLN C 447 -2.73 10.84 55.03
CA GLN C 447 -3.82 9.94 54.70
C GLN C 447 -5.12 10.70 54.46
N ALA C 448 -5.38 11.72 55.27
CA ALA C 448 -6.57 12.55 55.06
C ALA C 448 -6.49 13.29 53.73
N ASP C 449 -5.32 13.81 53.39
CA ASP C 449 -5.15 14.48 52.10
C ASP C 449 -5.38 13.50 50.94
N GLU C 450 -4.86 12.28 51.07
CA GLU C 450 -5.06 11.28 50.03
C GLU C 450 -6.54 10.91 49.89
N LEU C 451 -7.24 10.78 51.02
CA LEU C 451 -8.66 10.47 50.96
C LEU C 451 -9.44 11.62 50.32
N GLU C 452 -9.08 12.86 50.63
CA GLU C 452 -9.72 14.01 50.00
C GLU C 452 -9.47 14.01 48.50
N ALA C 453 -8.24 13.69 48.08
CA ALA C 453 -7.93 13.62 46.66
C ALA C 453 -8.73 12.51 45.99
N ILE C 454 -8.89 11.37 46.66
CA ILE C 454 -9.68 10.27 46.11
C ILE C 454 -11.12 10.70 45.93
N MET C 455 -11.69 11.35 46.95
CA MET C 455 -13.07 11.83 46.82
C MET C 455 -13.19 12.89 45.73
N GLN C 456 -12.13 13.65 45.48
CA GLN C 456 -12.10 14.62 44.39
C GLN C 456 -11.58 14.03 43.10
N GLY C 457 -11.22 12.75 43.08
CA GLY C 457 -10.71 12.11 41.89
C GLY C 457 -9.36 12.65 41.42
N ARG C 458 -8.44 12.89 42.35
CA ARG C 458 -7.11 13.41 42.03
C ARG C 458 -6.00 12.45 42.41
N GLY C 459 -6.05 11.87 43.61
CA GLY C 459 -5.01 10.95 44.03
C GLY C 459 -4.95 9.70 43.16
N SER C 460 -6.10 9.26 42.67
CA SER C 460 -6.18 8.14 41.74
C SER C 460 -7.39 8.38 40.85
N GLY C 461 -7.84 7.34 40.17
CA GLY C 461 -9.02 7.43 39.32
C GLY C 461 -8.81 7.66 37.84
N LEU C 462 -8.09 8.74 37.48
CA LEU C 462 -7.85 9.08 36.08
C LEU C 462 -9.18 9.24 35.33
N GLN C 463 -9.82 10.37 35.60
CA GLN C 463 -11.11 10.75 35.06
C GLN C 463 -11.28 10.36 33.59
N PRO C 464 -12.51 9.98 33.18
CA PRO C 464 -12.70 9.44 31.84
C PRO C 464 -12.25 10.36 30.72
N ALA C 465 -12.32 11.69 30.90
CA ALA C 465 -11.75 12.58 29.90
C ALA C 465 -10.26 12.35 29.73
N VAL C 466 -9.55 12.20 30.85
CA VAL C 466 -8.11 11.94 30.79
C VAL C 466 -7.83 10.59 30.14
N CYS C 467 -8.60 9.56 30.50
CA CYS C 467 -8.39 8.26 29.87
C CYS C 467 -8.66 8.30 28.37
N LEU C 468 -9.71 9.02 27.96
CA LEU C 468 -10.01 9.13 26.53
C LEU C 468 -8.90 9.88 25.81
N ALA C 469 -8.36 10.93 26.43
CA ALA C 469 -7.23 11.64 25.84
C ALA C 469 -6.03 10.72 25.68
N ILE C 470 -5.74 9.90 26.70
CA ILE C 470 -4.63 8.95 26.61
C ILE C 470 -4.86 7.99 25.44
N ARG C 471 -6.05 7.41 25.36
CA ARG C 471 -6.34 6.42 24.34
C ARG C 471 -6.27 7.02 22.93
N VAL C 472 -6.81 8.22 22.75
CA VAL C 472 -6.84 8.82 21.42
C VAL C 472 -5.45 9.28 21.00
N ASN C 473 -4.74 10.01 21.86
CA ASN C 473 -3.47 10.58 21.46
C ASN C 473 -2.32 9.57 21.53
N THR C 474 -2.53 8.40 22.11
CA THR C 474 -1.54 7.34 22.09
C THR C 474 -1.75 6.41 20.90
N PHE C 475 -2.72 6.72 20.05
CA PHE C 475 -3.03 5.92 18.86
C PHE C 475 -3.38 4.48 19.23
N LEU C 476 -4.12 4.32 20.31
CA LEU C 476 -4.52 3.01 20.81
C LEU C 476 -5.95 2.71 20.40
N SER C 477 -6.17 1.50 19.91
CA SER C 477 -7.51 1.10 19.52
C SER C 477 -8.34 0.71 20.75
N CYS C 478 -9.65 0.60 20.53
CA CYS C 478 -10.56 0.31 21.64
C CYS C 478 -10.29 -1.07 22.23
N SER C 479 -10.04 -2.07 21.39
CA SER C 479 -9.76 -3.41 21.90
C SER C 479 -8.46 -3.45 22.71
N GLN C 480 -7.42 -2.79 22.20
CA GLN C 480 -6.15 -2.75 22.94
C GLN C 480 -6.31 -2.02 24.26
N TYR C 481 -7.07 -0.92 24.27
CA TYR C 481 -7.31 -0.22 25.53
C TYR C 481 -8.08 -1.10 26.50
N HIS C 482 -9.06 -1.87 26.01
CA HIS C 482 -9.79 -2.77 26.88
C HIS C 482 -8.86 -3.82 27.47
N LYS C 483 -7.94 -4.35 26.66
CA LYS C 483 -6.98 -5.32 27.17
C LYS C 483 -6.10 -4.71 28.25
N MET C 484 -5.60 -3.49 28.02
CA MET C 484 -4.74 -2.84 29.01
C MET C 484 -5.51 -2.57 30.30
N TYR C 485 -6.74 -2.09 30.18
CA TYR C 485 -7.56 -1.82 31.36
C TYR C 485 -7.82 -3.10 32.14
N ARG C 486 -8.12 -4.20 31.43
CA ARG C 486 -8.41 -5.46 32.10
C ARG C 486 -7.18 -5.99 32.83
N THR C 487 -6.01 -5.94 32.19
CA THR C 487 -4.81 -6.48 32.85
C THR C 487 -4.38 -5.60 34.03
N VAL C 488 -4.53 -4.28 33.90
CA VAL C 488 -4.22 -3.41 35.03
C VAL C 488 -5.17 -3.68 36.19
N LYS C 489 -6.47 -3.83 35.89
CA LYS C 489 -7.42 -4.30 36.90
C LYS C 489 -6.90 -5.54 37.60
N ALA C 490 -6.64 -6.60 36.83
CA ALA C 490 -6.31 -7.89 37.42
C ALA C 490 -5.06 -7.81 38.29
N ILE C 491 -4.05 -7.06 37.85
CA ILE C 491 -2.80 -7.02 38.59
C ILE C 491 -2.90 -6.07 39.78
N THR C 492 -3.13 -4.79 39.52
CA THR C 492 -3.10 -3.79 40.59
C THR C 492 -4.22 -3.99 41.60
N GLY C 493 -5.44 -4.25 41.14
CA GLY C 493 -6.58 -4.37 42.03
C GLY C 493 -7.51 -3.17 42.05
N ARG C 494 -6.95 -1.97 41.88
CA ARG C 494 -7.78 -0.78 41.80
C ARG C 494 -8.30 -0.60 40.38
N GLN C 495 -8.91 0.56 40.14
CA GLN C 495 -9.42 0.95 38.84
C GLN C 495 -8.66 2.20 38.40
N ILE C 496 -7.51 1.99 37.76
CA ILE C 496 -6.69 3.12 37.32
C ILE C 496 -7.25 3.73 36.05
N PHE C 497 -7.61 2.89 35.08
CA PHE C 497 -8.24 3.35 33.86
C PHE C 497 -9.75 3.13 33.92
N GLN C 498 -10.48 4.04 33.27
CA GLN C 498 -11.93 4.01 33.26
C GLN C 498 -12.46 3.05 32.19
N PRO C 499 -13.67 2.54 32.37
CA PRO C 499 -14.21 1.57 31.41
C PRO C 499 -14.60 2.21 30.09
N LEU C 500 -14.79 1.34 29.09
CA LEU C 500 -15.07 1.79 27.73
C LEU C 500 -16.41 2.50 27.65
N HIS C 501 -17.41 2.05 28.40
CA HIS C 501 -18.70 2.74 28.37
C HIS C 501 -18.59 4.14 28.97
N ALA C 502 -17.79 4.30 30.02
CA ALA C 502 -17.56 5.63 30.57
C ALA C 502 -16.83 6.51 29.56
N LEU C 503 -15.85 5.95 28.86
CA LEU C 503 -15.18 6.72 27.81
C LEU C 503 -16.16 7.15 26.72
N ARG C 504 -17.05 6.24 26.32
CA ARG C 504 -18.02 6.57 25.28
C ARG C 504 -19.04 7.60 25.76
N ASN C 505 -19.40 7.57 27.04
CA ASN C 505 -20.30 8.58 27.59
C ASN C 505 -19.63 9.95 27.57
N ALA C 506 -18.37 10.01 28.01
CA ALA C 506 -17.64 11.28 27.95
C ALA C 506 -17.32 11.69 26.52
N GLU C 507 -17.41 10.76 25.57
CA GLU C 507 -17.14 11.04 24.17
C GLU C 507 -18.13 12.05 23.60
N LYS C 508 -19.41 11.92 23.97
CA LYS C 508 -20.47 12.67 23.30
C LYS C 508 -20.35 14.17 23.48
N VAL C 509 -19.67 14.64 24.53
CA VAL C 509 -19.59 16.07 24.79
C VAL C 509 -18.81 16.78 23.69
N LEU C 510 -17.69 16.21 23.27
CA LEU C 510 -16.84 16.84 22.26
C LEU C 510 -17.42 16.72 20.85
N LEU C 511 -18.12 15.62 20.55
CA LEU C 511 -18.70 15.45 19.23
C LEU C 511 -19.82 16.48 19.01
N PRO C 512 -20.06 16.87 17.77
CA PRO C 512 -21.14 17.82 17.49
C PRO C 512 -22.51 17.23 17.78
N GLY C 513 -23.46 18.11 18.07
CA GLY C 513 -24.79 17.71 18.43
C GLY C 513 -25.07 17.69 19.92
N TYR C 514 -24.26 18.40 20.71
CA TYR C 514 -24.48 18.46 22.16
C TYR C 514 -24.63 19.89 22.70
N HIS C 515 -24.17 20.90 21.97
CA HIS C 515 -24.32 22.23 22.54
C HIS C 515 -25.43 22.99 21.83
N PRO C 516 -26.09 23.93 22.52
CA PRO C 516 -27.16 24.71 21.88
C PRO C 516 -26.64 25.97 21.21
N PHE C 517 -27.03 26.19 19.96
CA PHE C 517 -26.61 27.37 19.21
C PHE C 517 -27.82 27.96 18.49
N GLU C 518 -27.90 29.28 18.47
CA GLU C 518 -29.00 29.99 17.84
C GLU C 518 -28.44 30.96 16.82
N TRP C 519 -29.07 31.02 15.65
CA TRP C 519 -28.65 31.90 14.57
C TRP C 519 -29.56 33.12 14.50
N GLN C 520 -28.98 34.25 14.11
CA GLN C 520 -29.76 35.45 13.87
C GLN C 520 -29.05 36.31 12.82
N PRO C 521 -29.61 36.41 11.60
CA PRO C 521 -30.84 35.75 11.16
C PRO C 521 -30.65 34.26 10.93
N PRO C 522 -31.73 33.48 11.01
CA PRO C 522 -31.61 32.03 10.80
C PRO C 522 -31.04 31.72 9.43
N LEU C 523 -30.22 30.66 9.37
CA LEU C 523 -29.57 30.30 8.12
C LEU C 523 -30.60 29.87 7.08
N LYS C 524 -30.40 30.34 5.85
CA LYS C 524 -31.28 29.96 4.76
C LYS C 524 -31.06 28.49 4.40
N ASN C 525 -32.15 27.74 4.29
CA ASN C 525 -32.14 26.34 3.88
C ASN C 525 -31.40 25.45 4.87
N VAL C 526 -31.12 25.93 6.08
CA VAL C 526 -30.45 25.15 7.11
C VAL C 526 -31.38 25.06 8.31
N SER C 527 -31.63 23.83 8.76
CA SER C 527 -32.55 23.61 9.87
C SER C 527 -32.00 24.20 11.16
N SER C 528 -32.90 24.58 12.06
CA SER C 528 -32.54 25.21 13.32
C SER C 528 -32.28 24.21 14.43
N ARG C 529 -32.41 22.91 14.16
CA ARG C 529 -32.15 21.90 15.18
C ARG C 529 -30.69 21.92 15.60
N THR C 530 -30.45 21.60 16.87
CA THR C 530 -29.12 21.71 17.46
C THR C 530 -28.61 20.36 17.97
N ASP C 531 -29.08 19.26 17.37
CA ASP C 531 -28.64 17.93 17.78
C ASP C 531 -28.35 17.05 16.58
N VAL C 532 -27.91 17.63 15.47
CA VAL C 532 -27.54 16.87 14.28
C VAL C 532 -26.13 16.35 14.45
N GLY C 533 -25.95 15.05 14.23
CA GLY C 533 -24.65 14.44 14.41
C GLY C 533 -23.98 14.09 13.09
N ILE C 534 -23.86 12.80 12.81
CA ILE C 534 -23.24 12.33 11.58
C ILE C 534 -24.35 12.00 10.59
N ILE C 535 -24.46 12.78 9.53
CA ILE C 535 -25.53 12.63 8.54
C ILE C 535 -24.92 12.12 7.24
N ASP C 536 -25.76 11.50 6.42
CA ASP C 536 -25.31 10.98 5.14
C ASP C 536 -24.86 12.11 4.22
N GLY C 537 -23.70 11.96 3.61
CA GLY C 537 -23.16 12.99 2.74
C GLY C 537 -23.90 13.13 1.43
N LEU C 538 -24.66 12.10 1.03
CA LEU C 538 -25.44 12.17 -0.20
C LEU C 538 -26.57 13.18 -0.12
N SER C 539 -26.91 13.65 1.08
CA SER C 539 -28.00 14.61 1.28
C SER C 539 -29.31 14.09 0.67
N GLY C 540 -29.58 12.81 0.87
CA GLY C 540 -30.78 12.20 0.34
C GLY C 540 -30.82 12.15 -1.17
N LEU C 541 -29.69 11.88 -1.81
CA LEU C 541 -29.65 11.80 -3.26
C LEU C 541 -30.49 10.62 -3.74
N ALA C 542 -31.24 10.85 -4.82
CA ALA C 542 -32.11 9.82 -5.35
C ALA C 542 -31.27 8.64 -5.87
N SER C 543 -31.54 7.45 -5.34
CA SER C 543 -30.74 6.26 -5.64
C SER C 543 -31.61 5.13 -6.19
N SER C 544 -32.73 5.47 -6.80
CA SER C 544 -33.58 4.46 -7.43
C SER C 544 -32.99 4.03 -8.76
N VAL C 545 -33.69 3.13 -9.45
CA VAL C 545 -33.23 2.62 -10.74
C VAL C 545 -33.52 3.58 -11.88
N ASP C 546 -34.34 4.61 -11.66
CA ASP C 546 -34.80 5.48 -12.72
C ASP C 546 -33.93 6.72 -12.93
N GLU C 547 -32.98 6.99 -12.05
CA GLU C 547 -32.20 8.23 -12.15
C GLU C 547 -30.71 7.96 -12.19
N TYR C 548 -29.91 9.01 -12.04
CA TYR C 548 -28.47 8.88 -12.20
C TYR C 548 -27.90 7.91 -11.18
N PRO C 549 -27.06 6.96 -11.59
CA PRO C 549 -26.54 5.97 -10.64
C PRO C 549 -25.56 6.60 -9.66
N VAL C 550 -25.64 6.16 -8.41
CA VAL C 550 -24.75 6.62 -7.35
C VAL C 550 -23.85 5.46 -6.94
N ASP C 551 -22.56 5.74 -6.82
CA ASP C 551 -21.56 4.73 -6.47
C ASP C 551 -20.61 5.26 -5.41
N THR C 552 -21.09 6.09 -4.50
CA THR C 552 -20.26 6.75 -3.50
C THR C 552 -20.82 6.50 -2.11
N ILE C 553 -19.93 6.54 -1.12
CA ILE C 553 -20.29 6.53 0.29
C ILE C 553 -19.74 7.81 0.91
N ALA C 554 -20.59 8.53 1.62
CA ALA C 554 -20.20 9.81 2.19
C ALA C 554 -20.89 10.02 3.53
N LYS C 555 -20.09 10.22 4.57
CA LYS C 555 -20.58 10.67 5.87
C LYS C 555 -20.00 12.04 6.15
N ARG C 556 -20.86 12.99 6.50
CA ARG C 556 -20.44 14.37 6.63
C ARG C 556 -21.09 15.01 7.84
N PHE C 557 -20.53 16.15 8.24
CA PHE C 557 -20.99 16.94 9.37
C PHE C 557 -21.60 18.24 8.86
N ARG C 558 -22.65 18.70 9.52
CA ARG C 558 -23.18 20.02 9.20
C ARG C 558 -22.16 21.08 9.56
N TYR C 559 -21.97 22.04 8.66
CA TYR C 559 -20.83 22.96 8.79
C TYR C 559 -20.95 23.81 10.05
N ASP C 560 -22.16 24.32 10.33
CA ASP C 560 -22.36 25.18 11.48
C ASP C 560 -22.14 24.42 12.79
N SER C 561 -22.70 23.21 12.89
CA SER C 561 -22.53 22.42 14.10
C SER C 561 -21.06 22.03 14.30
N ALA C 562 -20.38 21.69 13.21
CA ALA C 562 -18.95 21.37 13.30
C ALA C 562 -18.16 22.59 13.76
N LEU C 563 -18.49 23.78 13.25
CA LEU C 563 -17.82 24.99 13.71
C LEU C 563 -18.10 25.26 15.19
N VAL C 564 -19.34 24.98 15.63
CA VAL C 564 -19.67 25.17 17.04
C VAL C 564 -18.82 24.24 17.92
N SER C 565 -18.71 22.98 17.51
CA SER C 565 -17.88 22.04 18.28
C SER C 565 -16.41 22.44 18.28
N ALA C 566 -15.90 22.88 17.12
CA ALA C 566 -14.51 23.30 17.05
C ALA C 566 -14.26 24.51 17.95
N LEU C 567 -15.23 25.44 17.98
CA LEU C 567 -15.08 26.62 18.83
C LEU C 567 -15.17 26.25 20.31
N MET C 568 -16.03 25.29 20.65
CA MET C 568 -16.18 24.92 22.05
C MET C 568 -15.01 24.09 22.56
N ASP C 569 -14.35 23.33 21.68
CA ASP C 569 -13.16 22.60 22.10
C ASP C 569 -12.04 23.53 22.54
N MET C 570 -12.06 24.78 22.08
CA MET C 570 -11.05 25.78 22.46
C MET C 570 -11.64 26.88 23.33
N GLU C 571 -12.62 26.55 24.17
CA GLU C 571 -13.20 27.54 25.07
C GLU C 571 -12.15 28.06 26.05
N GLU C 572 -11.41 27.15 26.69
CA GLU C 572 -10.35 27.56 27.60
C GLU C 572 -9.25 28.28 26.85
N ASP C 573 -8.94 27.86 25.63
CA ASP C 573 -7.90 28.54 24.85
C ASP C 573 -8.30 29.98 24.53
N ILE C 574 -9.57 30.20 24.16
CA ILE C 574 -10.02 31.55 23.87
C ILE C 574 -10.03 32.40 25.14
N LEU C 575 -10.46 31.82 26.26
CA LEU C 575 -10.43 32.56 27.52
C LEU C 575 -9.00 32.95 27.88
N GLU C 576 -8.06 32.03 27.74
CA GLU C 576 -6.66 32.32 28.04
C GLU C 576 -6.11 33.39 27.10
N GLY C 577 -6.45 33.31 25.81
CA GLY C 577 -6.00 34.31 24.87
C GLY C 577 -6.54 35.69 25.19
N MET C 578 -7.82 35.77 25.55
CA MET C 578 -8.38 37.06 25.93
C MET C 578 -7.79 37.58 27.22
N ARG C 579 -7.38 36.68 28.12
CA ARG C 579 -6.70 37.10 29.34
C ARG C 579 -5.28 37.59 29.07
N SER C 580 -4.62 37.03 28.05
CA SER C 580 -3.21 37.33 27.81
C SER C 580 -3.00 38.79 27.44
N GLN C 581 -3.84 39.34 26.56
CA GLN C 581 -3.68 40.70 26.09
C GLN C 581 -4.37 41.73 26.99
N ASP C 582 -4.62 41.37 28.25
CA ASP C 582 -5.12 42.31 29.26
C ASP C 582 -6.48 42.88 28.88
N LEU C 583 -7.28 42.10 28.15
CA LEU C 583 -8.66 42.45 27.90
C LEU C 583 -9.53 41.98 29.07
N ASP C 584 -10.84 42.03 28.89
CA ASP C 584 -11.78 41.60 29.93
C ASP C 584 -11.90 40.08 29.89
N ASP C 585 -12.87 39.55 30.62
CA ASP C 585 -13.18 38.13 30.60
C ASP C 585 -14.61 37.85 30.19
N TYR C 586 -15.53 38.75 30.50
CA TYR C 586 -16.93 38.63 30.10
C TYR C 586 -17.26 39.47 28.88
N LEU C 587 -16.24 39.98 28.19
CA LEU C 587 -16.48 40.76 26.97
C LEU C 587 -17.13 39.89 25.91
N ASN C 588 -18.18 40.41 25.29
CA ASN C 588 -18.99 39.65 24.34
C ASN C 588 -19.04 40.33 22.97
N GLY C 589 -17.91 40.92 22.57
CA GLY C 589 -17.81 41.53 21.27
C GLY C 589 -17.90 40.49 20.17
N PRO C 590 -18.30 40.92 18.97
CA PRO C 590 -18.43 39.97 17.85
C PRO C 590 -17.10 39.41 17.41
N PHE C 591 -16.88 38.12 17.65
CA PHE C 591 -15.64 37.48 17.23
C PHE C 591 -15.60 37.36 15.71
N THR C 592 -14.41 37.54 15.16
CA THR C 592 -14.16 37.33 13.73
C THR C 592 -13.24 36.12 13.61
N VAL C 593 -13.78 35.03 13.05
CA VAL C 593 -13.06 33.77 12.94
C VAL C 593 -12.76 33.51 11.48
N VAL C 594 -11.49 33.18 11.19
CA VAL C 594 -11.07 32.81 9.84
C VAL C 594 -10.80 31.32 9.82
N VAL C 595 -11.26 30.66 8.77
CA VAL C 595 -11.20 29.21 8.64
C VAL C 595 -10.60 28.85 7.29
N LYS C 596 -9.59 27.99 7.30
CA LYS C 596 -8.97 27.50 6.07
C LYS C 596 -9.51 26.12 5.76
N GLU C 597 -10.33 26.03 4.71
CA GLU C 597 -10.89 24.75 4.28
C GLU C 597 -10.00 24.16 3.19
N SER C 598 -9.63 22.90 3.37
CA SER C 598 -8.75 22.20 2.46
C SER C 598 -9.40 20.91 2.01
N CYS C 599 -9.41 20.68 0.69
CA CYS C 599 -9.96 19.47 0.10
C CYS C 599 -8.93 18.88 -0.84
N ASP C 600 -8.58 17.62 -0.62
CA ASP C 600 -7.64 16.93 -1.50
C ASP C 600 -8.01 15.46 -1.59
N GLY C 601 -8.06 14.94 -2.81
CA GLY C 601 -8.34 13.54 -3.00
C GLY C 601 -7.13 12.66 -2.72
N MET C 602 -7.35 11.36 -2.76
CA MET C 602 -6.30 10.40 -2.49
C MET C 602 -6.37 9.29 -3.53
N GLY C 603 -5.32 8.45 -3.54
CA GLY C 603 -5.26 7.35 -4.47
C GLY C 603 -4.83 6.08 -3.74
N ASP C 604 -5.13 4.95 -4.39
CA ASP C 604 -4.78 3.63 -3.87
C ASP C 604 -5.34 3.39 -2.46
N VAL C 605 -6.59 3.78 -2.26
CA VAL C 605 -7.32 3.39 -1.05
C VAL C 605 -8.10 2.12 -1.36
N SER C 606 -7.86 1.08 -0.56
CA SER C 606 -8.38 -0.24 -0.89
C SER C 606 -9.88 -0.30 -0.66
N GLU C 607 -10.62 -0.60 -1.71
CA GLU C 607 -12.05 -0.83 -1.57
C GLU C 607 -12.31 -2.11 -0.81
N LYS C 608 -13.30 -2.08 0.07
CA LYS C 608 -13.65 -3.24 0.88
C LYS C 608 -14.78 -4.02 0.25
N HIS C 609 -14.87 -5.29 0.62
CA HIS C 609 -16.04 -6.09 0.30
C HIS C 609 -17.23 -5.61 1.12
N GLY C 610 -18.39 -6.16 0.85
CA GLY C 610 -19.58 -5.91 1.66
C GLY C 610 -20.62 -5.10 0.91
N SER C 611 -21.81 -5.09 1.51
CA SER C 611 -22.98 -4.47 0.89
C SER C 611 -22.74 -2.99 0.64
N GLY C 612 -23.05 -2.55 -0.58
CA GLY C 612 -22.87 -1.17 -0.96
C GLY C 612 -22.76 -1.03 -2.47
N PRO C 613 -22.69 0.21 -2.95
CA PRO C 613 -22.56 0.44 -4.39
C PRO C 613 -21.16 0.10 -4.87
N ALA C 614 -21.01 0.13 -6.20
CA ALA C 614 -19.72 -0.16 -6.83
C ALA C 614 -18.81 1.05 -6.60
N VAL C 615 -18.24 1.11 -5.40
CA VAL C 615 -17.51 2.29 -4.95
C VAL C 615 -16.12 2.28 -5.57
N PRO C 616 -15.68 3.37 -6.20
CA PRO C 616 -14.34 3.41 -6.76
C PRO C 616 -13.27 3.47 -5.66
N GLU C 617 -12.07 3.02 -6.01
CA GLU C 617 -10.96 2.99 -5.07
C GLU C 617 -10.23 4.32 -4.99
N LYS C 618 -11.00 5.39 -4.78
CA LYS C 618 -10.45 6.72 -4.53
C LYS C 618 -11.22 7.35 -3.39
N ALA C 619 -10.53 8.14 -2.59
CA ALA C 619 -11.13 8.80 -1.44
C ALA C 619 -10.86 10.29 -1.51
N VAL C 620 -11.89 11.09 -1.22
CA VAL C 620 -11.77 12.54 -1.20
C VAL C 620 -12.17 13.03 0.18
N ARG C 621 -11.30 13.82 0.80
CA ARG C 621 -11.52 14.36 2.12
C ARG C 621 -11.77 15.86 2.04
N PHE C 622 -12.61 16.35 2.95
CA PHE C 622 -12.84 17.78 3.13
C PHE C 622 -12.60 18.11 4.60
N SER C 623 -11.82 19.14 4.86
CA SER C 623 -11.42 19.46 6.21
C SER C 623 -11.23 20.97 6.35
N PHE C 624 -11.22 21.42 7.61
CA PHE C 624 -11.07 22.84 7.91
C PHE C 624 -10.29 23.00 9.21
N THR C 625 -9.61 24.14 9.33
CA THR C 625 -8.88 24.50 10.54
C THR C 625 -9.28 25.90 10.97
N VAL C 626 -9.07 26.19 12.24
CA VAL C 626 -9.33 27.51 12.81
C VAL C 626 -7.99 28.22 12.95
N MET C 627 -7.72 29.15 12.04
CA MET C 627 -6.41 29.79 12.00
C MET C 627 -6.26 30.83 13.11
N ARG C 628 -7.08 31.88 13.07
CA ARG C 628 -7.01 32.91 14.10
C ARG C 628 -8.41 33.39 14.43
N ILE C 629 -8.57 33.87 15.66
CA ILE C 629 -9.83 34.41 16.17
C ILE C 629 -9.56 35.77 16.78
N THR C 630 -10.32 36.77 16.36
CA THR C 630 -10.11 38.14 16.80
C THR C 630 -11.39 38.72 17.38
N ILE C 631 -11.22 39.66 18.30
CA ILE C 631 -12.32 40.43 18.89
C ILE C 631 -12.12 41.90 18.53
N GLU C 632 -13.23 42.62 18.42
CA GLU C 632 -13.19 44.06 18.14
C GLU C 632 -13.18 44.81 19.46
N HIS C 633 -12.07 45.48 19.76
CA HIS C 633 -11.91 46.24 20.98
C HIS C 633 -11.51 47.67 20.64
N GLY C 634 -12.29 48.63 21.12
CA GLY C 634 -12.00 50.02 20.81
C GLY C 634 -12.13 50.30 19.32
N SER C 635 -11.11 50.96 18.76
CA SER C 635 -11.11 51.30 17.35
C SER C 635 -10.43 50.27 16.48
N GLN C 636 -9.41 49.58 17.00
CA GLN C 636 -8.66 48.59 16.27
C GLN C 636 -9.13 47.19 16.66
N ASN C 637 -8.42 46.17 16.19
CA ASN C 637 -8.70 44.79 16.53
C ASN C 637 -7.48 44.16 17.21
N VAL C 638 -7.73 43.10 17.97
CA VAL C 638 -6.69 42.37 18.68
C VAL C 638 -6.94 40.88 18.52
N LYS C 639 -5.86 40.13 18.32
CA LYS C 639 -5.96 38.69 18.16
C LYS C 639 -6.01 38.01 19.52
N VAL C 640 -6.80 36.94 19.60
CA VAL C 640 -6.98 36.17 20.82
C VAL C 640 -6.28 34.82 20.73
N PHE C 641 -6.49 34.10 19.63
CA PHE C 641 -5.89 32.80 19.41
C PHE C 641 -5.27 32.75 18.01
N GLU C 642 -4.02 32.29 17.93
CA GLU C 642 -3.35 32.05 16.66
C GLU C 642 -2.73 30.66 16.72
N GLU C 643 -2.99 29.85 15.71
CA GLU C 643 -2.50 28.49 15.70
C GLU C 643 -0.99 28.47 15.50
N PRO C 644 -0.21 27.88 16.39
CA PRO C 644 1.25 27.89 16.22
C PRO C 644 1.74 26.96 15.14
N LYS C 645 0.98 25.90 14.82
CA LYS C 645 1.38 24.91 13.83
C LYS C 645 0.25 24.79 12.81
N PRO C 646 0.15 25.75 11.87
CA PRO C 646 -0.95 25.70 10.91
C PRO C 646 -0.95 24.49 10.01
N ASN C 647 0.22 23.89 9.75
CA ASN C 647 0.33 22.76 8.85
C ASN C 647 0.42 21.42 9.57
N SER C 648 0.16 21.40 10.88
CA SER C 648 0.24 20.17 11.64
C SER C 648 -1.00 19.30 11.39
N GLU C 649 -0.87 18.03 11.73
CA GLU C 649 -1.98 17.09 11.58
C GLU C 649 -2.98 17.19 12.71
N LEU C 650 -2.70 17.99 13.74
CA LEU C 650 -3.57 18.14 14.90
C LEU C 650 -4.60 19.24 14.73
N CYS C 651 -4.50 20.05 13.67
CA CYS C 651 -5.43 21.15 13.43
C CYS C 651 -6.31 20.95 12.23
N CYS C 652 -6.00 20.00 11.34
CA CYS C 652 -6.79 19.76 10.14
C CYS C 652 -8.01 18.92 10.54
N LYS C 653 -8.99 19.60 11.11
CA LYS C 653 -10.18 18.92 11.62
C LYS C 653 -11.05 18.45 10.47
N PRO C 654 -11.40 17.17 10.41
CA PRO C 654 -12.17 16.67 9.27
C PRO C 654 -13.59 17.19 9.25
N LEU C 655 -14.15 17.28 8.05
CA LEU C 655 -15.51 17.76 7.85
C LEU C 655 -16.40 16.80 7.08
N CYS C 656 -15.88 16.18 6.03
CA CYS C 656 -16.70 15.38 5.13
C CYS C 656 -15.80 14.41 4.38
N LEU C 657 -15.97 13.12 4.64
CA LEU C 657 -15.16 12.08 4.03
C LEU C 657 -16.04 11.27 3.10
N MET C 658 -15.79 11.38 1.80
CA MET C 658 -16.49 10.60 0.79
C MET C 658 -15.48 9.72 0.06
N LEU C 659 -15.86 8.47 -0.17
CA LEU C 659 -15.00 7.53 -0.88
C LEU C 659 -15.39 7.52 -2.36
N ALA C 660 -15.21 8.66 -3.00
CA ALA C 660 -15.54 8.89 -4.39
C ALA C 660 -14.29 9.34 -5.14
N ASP C 661 -14.46 9.66 -6.42
CA ASP C 661 -13.35 10.01 -7.29
C ASP C 661 -13.24 11.52 -7.42
N GLU C 662 -12.00 12.00 -7.48
CA GLU C 662 -11.77 13.42 -7.69
C GLU C 662 -12.01 13.82 -9.14
N SER C 663 -11.66 12.94 -10.08
CA SER C 663 -11.86 13.23 -11.49
C SER C 663 -13.35 13.29 -11.85
N ASP C 664 -14.14 12.37 -11.30
CA ASP C 664 -15.57 12.39 -11.53
C ASP C 664 -16.16 13.70 -11.00
N HIS C 665 -16.98 14.34 -11.81
CA HIS C 665 -17.48 15.68 -11.48
C HIS C 665 -18.91 15.68 -10.98
N GLU C 666 -19.80 14.86 -11.56
CA GLU C 666 -21.19 14.89 -11.16
C GLU C 666 -21.36 14.47 -9.70
N THR C 667 -20.73 13.36 -9.31
CA THR C 667 -20.83 12.90 -7.93
C THR C 667 -20.18 13.88 -6.97
N LEU C 668 -19.05 14.45 -7.37
CA LEU C 668 -18.38 15.44 -6.53
C LEU C 668 -19.29 16.64 -6.27
N THR C 669 -19.93 17.16 -7.32
CA THR C 669 -20.84 18.29 -7.15
C THR C 669 -22.04 17.88 -6.29
N ALA C 670 -22.60 16.69 -6.53
CA ALA C 670 -23.77 16.25 -5.78
C ALA C 670 -23.47 16.14 -4.30
N ILE C 671 -22.30 15.64 -3.95
CA ILE C 671 -21.98 15.45 -2.53
C ILE C 671 -21.55 16.74 -1.88
N LEU C 672 -20.83 17.61 -2.59
CA LEU C 672 -20.30 18.81 -1.97
C LEU C 672 -21.21 20.03 -2.10
N SER C 673 -22.34 19.92 -2.80
CA SER C 673 -23.27 21.05 -2.88
C SER C 673 -23.82 21.48 -1.52
N PRO C 674 -24.27 20.58 -0.64
CA PRO C 674 -24.83 21.06 0.65
C PRO C 674 -23.83 21.85 1.47
N LEU C 675 -22.56 21.45 1.50
CA LEU C 675 -21.57 22.17 2.28
C LEU C 675 -21.36 23.58 1.74
N ILE C 676 -21.30 23.71 0.42
CA ILE C 676 -21.16 25.03 -0.18
C ILE C 676 -22.39 25.90 0.10
N ALA C 677 -23.57 25.28 0.07
CA ALA C 677 -24.79 26.02 0.39
C ALA C 677 -24.77 26.52 1.83
N GLU C 678 -24.37 25.66 2.77
CA GLU C 678 -24.28 26.08 4.17
C GLU C 678 -23.25 27.19 4.36
N ARG C 679 -22.10 27.07 3.68
CA ARG C 679 -21.07 28.10 3.78
C ARG C 679 -21.56 29.44 3.23
N GLU C 680 -22.24 29.41 2.08
CA GLU C 680 -22.78 30.64 1.51
C GLU C 680 -23.84 31.25 2.43
N ALA C 681 -24.67 30.41 3.04
CA ALA C 681 -25.67 30.91 3.98
C ALA C 681 -25.01 31.55 5.20
N MET C 682 -23.95 30.94 5.70
CA MET C 682 -23.29 31.45 6.90
C MET C 682 -22.36 32.63 6.61
N LYS C 683 -22.11 32.94 5.34
CA LYS C 683 -21.24 34.08 5.04
C LYS C 683 -21.77 35.39 5.60
N SER C 684 -23.07 35.46 5.87
CA SER C 684 -23.71 36.69 6.33
C SER C 684 -24.64 36.42 7.52
N SER C 685 -24.12 35.72 8.52
CA SER C 685 -24.93 35.35 9.68
C SER C 685 -24.11 35.44 10.96
N GLU C 686 -24.83 35.48 12.08
CA GLU C 686 -24.24 35.64 13.40
C GLU C 686 -24.56 34.40 14.24
N LEU C 687 -23.52 33.80 14.81
CA LEU C 687 -23.68 32.61 15.65
C LEU C 687 -23.62 33.02 17.12
N THR C 688 -24.58 32.54 17.90
CA THR C 688 -24.63 32.82 19.33
C THR C 688 -24.35 31.54 20.10
N LEU C 689 -23.38 31.60 21.02
CA LEU C 689 -22.97 30.43 21.78
C LEU C 689 -22.62 30.86 23.20
N GLU C 690 -23.07 30.05 24.16
CA GLU C 690 -22.89 30.36 25.58
C GLU C 690 -21.46 29.99 25.97
N MET C 691 -20.57 30.98 25.90
CA MET C 691 -19.13 30.76 26.07
C MET C 691 -18.75 31.01 27.52
N GLY C 692 -18.81 29.95 28.32
CA GLY C 692 -18.34 30.02 29.70
C GLY C 692 -19.08 30.99 30.59
N GLY C 693 -20.41 31.00 30.51
CA GLY C 693 -21.24 31.82 31.38
C GLY C 693 -21.63 33.16 30.82
N ILE C 694 -21.07 33.58 29.69
CA ILE C 694 -21.45 34.83 29.06
C ILE C 694 -21.72 34.58 27.59
N PRO C 695 -22.88 34.97 27.07
CA PRO C 695 -23.17 34.74 25.64
C PRO C 695 -22.34 35.66 24.77
N ARG C 696 -21.71 35.09 23.74
CA ARG C 696 -20.90 35.84 22.80
C ARG C 696 -21.29 35.46 21.37
N THR C 697 -21.20 36.43 20.47
CA THR C 697 -21.55 36.23 19.07
C THR C 697 -20.31 35.90 18.25
N PHE C 698 -20.54 35.34 17.06
CA PHE C 698 -19.47 34.88 16.18
C PHE C 698 -19.68 35.37 14.77
N LYS C 699 -18.58 35.55 14.04
CA LYS C 699 -18.59 35.83 12.62
C LYS C 699 -17.58 34.92 11.94
N PHE C 700 -17.83 34.61 10.67
CA PHE C 700 -17.07 33.62 9.93
C PHE C 700 -16.55 34.22 8.64
N ILE C 701 -15.25 34.04 8.40
CA ILE C 701 -14.60 34.41 7.14
C ILE C 701 -13.86 33.17 6.63
N PHE C 702 -14.12 32.79 5.39
CA PHE C 702 -13.66 31.51 4.85
C PHE C 702 -12.68 31.74 3.71
N ARG C 703 -11.57 31.01 3.74
CA ARG C 703 -10.57 31.08 2.67
C ARG C 703 -10.26 29.66 2.19
N GLY C 704 -10.52 29.41 0.91
CA GLY C 704 -10.23 28.11 0.33
C GLY C 704 -8.85 28.03 -0.29
N THR C 705 -7.81 27.99 0.55
CA THR C 705 -6.44 28.02 0.07
C THR C 705 -5.80 26.64 -0.04
N GLY C 706 -6.40 25.61 0.56
CA GLY C 706 -5.76 24.32 0.63
C GLY C 706 -6.10 23.34 -0.47
N TYR C 707 -6.18 23.83 -1.71
CA TYR C 707 -6.43 22.97 -2.87
C TYR C 707 -5.20 22.93 -3.75
N ASP C 708 -4.93 21.76 -4.31
CA ASP C 708 -3.88 21.65 -5.31
C ASP C 708 -4.35 22.23 -6.64
N GLU C 709 -3.39 22.45 -7.54
CA GLU C 709 -3.67 23.17 -8.78
C GLU C 709 -4.67 22.42 -9.65
N LYS C 710 -4.55 21.09 -9.72
CA LYS C 710 -5.45 20.31 -10.57
C LYS C 710 -6.90 20.44 -10.11
N LEU C 711 -7.12 20.33 -8.79
CA LEU C 711 -8.48 20.48 -8.28
C LEU C 711 -8.97 21.90 -8.40
N VAL C 712 -8.07 22.89 -8.23
CA VAL C 712 -8.46 24.28 -8.40
C VAL C 712 -8.99 24.51 -9.82
N ARG C 713 -8.28 23.97 -10.81
CA ARG C 713 -8.73 24.10 -12.19
C ARG C 713 -10.03 23.33 -12.41
N GLU C 714 -10.10 22.09 -11.92
CA GLU C 714 -11.28 21.27 -12.13
C GLU C 714 -12.52 21.84 -11.46
N VAL C 715 -12.35 22.69 -10.46
CA VAL C 715 -13.48 23.29 -9.76
C VAL C 715 -13.83 24.63 -10.39
N GLU C 716 -12.87 25.55 -10.44
CA GLU C 716 -13.15 26.94 -10.79
C GLU C 716 -12.98 27.15 -12.30
N GLY C 717 -13.68 26.33 -13.06
CA GLY C 717 -13.86 26.58 -14.49
C GLY C 717 -12.73 26.15 -15.42
N LEU C 718 -11.48 26.38 -15.02
CA LEU C 718 -10.35 26.17 -15.92
C LEU C 718 -10.28 24.72 -16.38
N GLU C 719 -9.83 24.53 -17.62
CA GLU C 719 -9.82 23.20 -18.21
C GLU C 719 -8.47 22.52 -18.02
N ALA C 720 -8.53 21.21 -17.77
CA ALA C 720 -7.36 20.32 -17.71
C ALA C 720 -6.35 20.88 -16.71
N SER C 721 -5.06 20.61 -16.94
CA SER C 721 -4.02 21.14 -16.07
C SER C 721 -2.94 21.84 -16.91
N GLY C 722 -2.73 21.37 -18.13
CA GLY C 722 -1.76 22.00 -19.01
C GLY C 722 -2.39 22.48 -20.32
N SER C 723 -2.44 23.79 -20.51
CA SER C 723 -3.10 24.37 -21.67
C SER C 723 -2.35 25.63 -22.07
N VAL C 724 -2.97 26.42 -22.95
CA VAL C 724 -2.37 27.68 -23.39
C VAL C 724 -2.37 28.69 -22.23
N TYR C 725 -3.49 28.77 -21.52
CA TYR C 725 -3.55 29.60 -20.31
C TYR C 725 -3.10 28.77 -19.12
N ILE C 726 -2.15 29.31 -18.36
CA ILE C 726 -1.43 28.53 -17.35
C ILE C 726 -1.89 28.88 -15.93
N CYS C 727 -1.72 30.12 -15.51
CA CYS C 727 -1.95 30.47 -14.12
C CYS C 727 -3.44 30.51 -13.81
N THR C 728 -3.78 30.15 -12.57
CA THR C 728 -5.13 30.29 -12.05
C THR C 728 -5.35 31.64 -11.37
N LEU C 729 -4.38 32.54 -11.44
CA LEU C 729 -4.48 33.86 -10.84
C LEU C 729 -4.43 35.00 -11.84
N CYS C 730 -3.91 34.77 -13.05
CA CYS C 730 -3.76 35.81 -14.04
C CYS C 730 -4.22 35.27 -15.40
N ASP C 731 -4.66 36.19 -16.26
CA ASP C 731 -5.14 35.86 -17.59
C ASP C 731 -4.01 35.76 -18.61
N THR C 732 -2.78 35.56 -18.16
CA THR C 732 -1.64 35.58 -19.05
C THR C 732 -1.46 34.23 -19.75
N THR C 733 -1.25 34.26 -21.06
CA THR C 733 -1.02 33.05 -21.82
C THR C 733 0.42 32.57 -21.66
N ARG C 734 0.67 31.35 -22.15
CA ARG C 734 1.96 30.69 -21.92
C ARG C 734 3.11 31.43 -22.60
N LEU C 735 2.92 31.82 -23.86
CA LEU C 735 4.03 32.41 -24.62
C LEU C 735 4.46 33.74 -24.02
N GLU C 736 3.50 34.65 -23.79
CA GLU C 736 3.87 35.93 -23.21
C GLU C 736 4.23 35.82 -21.74
N ALA C 737 3.76 34.79 -21.05
CA ALA C 737 4.25 34.53 -19.69
C ALA C 737 5.72 34.18 -19.71
N SER C 738 6.13 33.32 -20.65
CA SER C 738 7.55 33.01 -20.81
C SER C 738 8.34 34.24 -21.22
N GLN C 739 7.76 35.07 -22.08
CA GLN C 739 8.49 36.24 -22.59
C GLN C 739 8.69 37.30 -21.50
N ASN C 740 7.67 37.56 -20.69
CA ASN C 740 7.76 38.62 -19.69
C ASN C 740 8.28 38.09 -18.35
N LEU C 741 7.52 37.20 -17.73
CA LEU C 741 7.99 36.39 -16.60
C LEU C 741 8.26 37.19 -15.32
N VAL C 742 8.17 38.51 -15.37
CA VAL C 742 8.55 39.31 -14.21
C VAL C 742 7.41 40.23 -13.77
N PHE C 743 6.57 40.64 -14.72
CA PHE C 743 5.53 41.62 -14.47
C PHE C 743 4.17 40.99 -14.71
N HIS C 744 3.39 40.85 -13.63
CA HIS C 744 2.06 40.27 -13.71
C HIS C 744 1.20 40.85 -12.60
N SER C 745 -0.10 40.58 -12.69
CA SER C 745 -1.04 41.06 -11.70
C SER C 745 -2.11 40.00 -11.48
N ILE C 746 -2.77 40.08 -10.33
CA ILE C 746 -3.82 39.14 -9.97
C ILE C 746 -5.17 39.69 -10.42
N THR C 747 -5.91 38.90 -11.16
CA THR C 747 -7.21 39.34 -11.67
C THR C 747 -8.34 38.36 -11.38
N ARG C 748 -8.07 37.06 -11.45
CA ARG C 748 -9.15 36.07 -11.40
C ARG C 748 -9.82 36.05 -10.04
N SER C 749 -11.12 35.78 -10.04
CA SER C 749 -11.93 35.65 -8.83
C SER C 749 -13.03 34.65 -9.11
N HIS C 750 -14.05 34.62 -8.25
CA HIS C 750 -15.17 33.71 -8.45
C HIS C 750 -16.32 34.37 -9.19
N ALA C 751 -16.68 35.60 -8.80
CA ALA C 751 -17.74 36.32 -9.52
C ALA C 751 -17.33 36.59 -10.95
N GLU C 752 -16.06 36.93 -11.16
CA GLU C 752 -15.58 37.14 -12.53
C GLU C 752 -15.68 35.86 -13.35
N ASN C 753 -15.35 34.72 -12.75
CA ASN C 753 -15.47 33.45 -13.47
C ASN C 753 -16.92 33.11 -13.76
N LEU C 754 -17.84 33.44 -12.84
CA LEU C 754 -19.25 33.23 -13.13
C LEU C 754 -19.71 34.09 -14.30
N GLN C 755 -19.28 35.36 -14.33
CA GLN C 755 -19.61 36.23 -15.45
C GLN C 755 -19.03 35.69 -16.76
N ARG C 756 -17.80 35.18 -16.71
CA ARG C 756 -17.18 34.63 -17.91
C ARG C 756 -17.91 33.38 -18.39
N TYR C 757 -18.36 32.52 -17.47
CA TYR C 757 -19.14 31.37 -17.89
C TYR C 757 -20.44 31.81 -18.53
N GLU C 758 -21.09 32.82 -17.96
CA GLU C 758 -22.32 33.34 -18.56
C GLU C 758 -22.06 33.86 -19.96
N VAL C 759 -20.95 34.56 -20.15
CA VAL C 759 -20.58 35.05 -21.48
C VAL C 759 -20.36 33.89 -22.44
N TRP C 760 -19.65 32.85 -21.98
CA TRP C 760 -19.41 31.68 -22.82
C TRP C 760 -20.70 31.00 -23.23
N ARG C 761 -21.63 30.86 -22.29
CA ARG C 761 -22.87 30.14 -22.56
C ARG C 761 -23.82 30.94 -23.45
N SER C 762 -23.91 32.26 -23.24
CA SER C 762 -24.83 33.07 -24.03
C SER C 762 -24.28 33.46 -25.39
N ASN C 763 -22.96 33.58 -25.52
CA ASN C 763 -22.32 34.04 -26.75
C ASN C 763 -22.91 35.37 -27.22
N PRO C 764 -22.76 36.44 -26.44
CA PRO C 764 -23.42 37.71 -26.81
C PRO C 764 -22.86 38.36 -28.05
N TYR C 765 -21.56 38.20 -28.32
CA TYR C 765 -20.90 38.93 -29.39
C TYR C 765 -20.86 38.18 -30.72
N HIS C 766 -21.50 37.02 -30.80
CA HIS C 766 -21.66 36.28 -32.06
C HIS C 766 -20.30 35.91 -32.65
N GLU C 767 -19.55 35.12 -31.89
CA GLU C 767 -18.18 34.78 -32.24
C GLU C 767 -18.03 33.28 -32.44
N SER C 768 -16.91 32.90 -33.08
CA SER C 768 -16.58 31.51 -33.29
C SER C 768 -16.01 30.90 -32.01
N VAL C 769 -15.68 29.62 -32.06
CA VAL C 769 -15.20 28.92 -30.87
C VAL C 769 -13.86 29.49 -30.41
N GLU C 770 -12.94 29.74 -31.35
CA GLU C 770 -11.61 30.22 -30.98
C GLU C 770 -11.68 31.62 -30.39
N GLU C 771 -12.40 32.53 -31.07
CA GLU C 771 -12.49 33.90 -30.59
C GLU C 771 -13.27 33.97 -29.28
N LEU C 772 -14.30 33.13 -29.11
CA LEU C 772 -15.02 33.09 -27.85
C LEU C 772 -14.13 32.60 -26.72
N ARG C 773 -13.29 31.59 -26.98
CA ARG C 773 -12.35 31.13 -25.97
C ARG C 773 -11.36 32.24 -25.62
N ASP C 774 -10.88 32.97 -26.63
CA ASP C 774 -9.94 34.05 -26.37
C ASP C 774 -10.59 35.14 -25.51
N ARG C 775 -11.85 35.46 -25.80
CA ARG C 775 -12.57 36.46 -25.01
C ARG C 775 -12.80 35.98 -23.58
N VAL C 776 -13.17 34.71 -23.40
CA VAL C 776 -13.49 34.19 -22.08
C VAL C 776 -12.25 33.84 -21.27
N LYS C 777 -11.08 33.78 -21.90
CA LYS C 777 -9.81 33.51 -21.21
C LYS C 777 -9.84 32.18 -20.47
N GLY C 778 -10.31 31.14 -21.15
CA GLY C 778 -10.19 29.78 -20.66
C GLY C 778 -11.25 29.33 -19.69
N VAL C 779 -12.30 30.11 -19.46
CA VAL C 779 -13.38 29.71 -18.57
C VAL C 779 -14.42 28.97 -19.39
N SER C 780 -14.46 27.65 -19.25
CA SER C 780 -15.40 26.82 -20.01
C SER C 780 -16.22 25.94 -19.09
N ALA C 781 -16.57 26.44 -17.91
CA ALA C 781 -17.29 25.64 -16.93
C ALA C 781 -17.98 26.57 -15.94
N LYS C 782 -18.87 26.00 -15.15
CA LYS C 782 -19.54 26.73 -14.08
C LYS C 782 -18.81 26.47 -12.76
N PRO C 783 -18.13 27.45 -12.19
CA PRO C 783 -17.52 27.25 -10.87
C PRO C 783 -18.58 27.07 -9.81
N PHE C 784 -18.28 26.23 -8.82
CA PHE C 784 -19.23 25.96 -7.75
C PHE C 784 -18.60 25.89 -6.37
N ILE C 785 -17.28 26.10 -6.24
CA ILE C 785 -16.62 26.25 -4.96
C ILE C 785 -15.71 27.47 -5.05
N GLU C 786 -15.85 28.38 -4.10
CA GLU C 786 -15.07 29.61 -4.10
C GLU C 786 -13.67 29.30 -3.56
N THR C 787 -12.68 29.31 -4.45
CA THR C 787 -11.29 29.06 -4.08
C THR C 787 -10.53 30.38 -4.07
N VAL C 788 -9.90 30.68 -2.95
CA VAL C 788 -9.12 31.93 -2.85
C VAL C 788 -7.89 31.81 -3.74
N PRO C 789 -7.57 32.83 -4.54
CA PRO C 789 -6.40 32.74 -5.43
C PRO C 789 -5.09 32.83 -4.68
N SER C 790 -4.62 31.71 -4.15
CA SER C 790 -3.34 31.61 -3.46
C SER C 790 -2.46 30.57 -4.14
N ILE C 791 -1.26 30.37 -3.59
CA ILE C 791 -0.29 29.44 -4.12
C ILE C 791 -0.03 28.36 -3.06
N ASP C 792 0.01 27.10 -3.49
CA ASP C 792 0.23 25.97 -2.60
C ASP C 792 1.72 25.72 -2.48
N ALA C 793 2.27 25.96 -1.28
CA ALA C 793 3.72 25.91 -1.10
C ALA C 793 4.28 24.52 -1.31
N LEU C 794 3.60 23.50 -0.78
CA LEU C 794 4.14 22.14 -0.86
C LEU C 794 4.25 21.67 -2.30
N HIS C 795 3.17 21.78 -3.06
CA HIS C 795 3.21 21.32 -4.44
C HIS C 795 4.05 22.25 -5.31
N CYS C 796 4.16 23.53 -4.94
CA CYS C 796 5.08 24.41 -5.64
C CYS C 796 6.51 23.93 -5.49
N ASP C 797 6.90 23.55 -4.26
CA ASP C 797 8.23 23.01 -4.05
C ASP C 797 8.43 21.71 -4.80
N ILE C 798 7.41 20.85 -4.81
CA ILE C 798 7.52 19.58 -5.54
C ILE C 798 7.76 19.84 -7.02
N GLY C 799 6.97 20.73 -7.62
CA GLY C 799 7.13 21.01 -9.04
C GLY C 799 8.46 21.66 -9.37
N ASN C 800 8.89 22.62 -8.54
CA ASN C 800 10.16 23.28 -8.77
C ASN C 800 11.32 22.29 -8.68
N ALA C 801 11.27 21.39 -7.69
CA ALA C 801 12.33 20.40 -7.55
C ALA C 801 12.33 19.41 -8.70
N ALA C 802 11.14 19.01 -9.18
CA ALA C 802 11.09 18.12 -10.34
C ALA C 802 11.67 18.80 -11.57
N GLU C 803 11.36 20.09 -11.77
CA GLU C 803 11.91 20.81 -12.90
C GLU C 803 13.43 20.94 -12.78
N PHE C 804 13.94 21.17 -11.56
CA PHE C 804 15.38 21.24 -11.38
C PHE C 804 16.04 19.89 -11.65
N TYR C 805 15.36 18.80 -11.28
CA TYR C 805 15.85 17.46 -11.61
C TYR C 805 15.94 17.28 -13.12
N LYS C 806 14.91 17.74 -13.84
CA LYS C 806 14.97 17.68 -15.30
C LYS C 806 16.11 18.54 -15.85
N ILE C 807 16.34 19.70 -15.24
CA ILE C 807 17.43 20.58 -15.69
C ILE C 807 18.78 19.88 -15.52
N PHE C 808 18.98 19.23 -14.37
CA PHE C 808 20.22 18.49 -14.16
C PHE C 808 20.36 17.35 -15.17
N GLN C 809 19.27 16.61 -15.40
CA GLN C 809 19.31 15.48 -16.32
C GLN C 809 19.61 15.94 -17.75
N LEU C 810 19.09 17.11 -18.13
CA LEU C 810 19.35 17.63 -19.47
C LEU C 810 20.76 18.19 -19.60
N GLU C 811 21.25 18.87 -18.55
CA GLU C 811 22.52 19.56 -18.64
C GLU C 811 23.71 18.62 -18.43
N ILE C 812 23.50 17.45 -17.82
CA ILE C 812 24.60 16.51 -17.65
C ILE C 812 25.11 16.04 -19.00
N GLY C 813 24.27 16.06 -20.02
CA GLY C 813 24.64 15.59 -21.34
C GLY C 813 25.10 16.64 -22.33
N GLU C 814 25.29 17.89 -21.88
CA GLU C 814 25.74 18.99 -22.74
C GLU C 814 24.80 19.18 -23.93
N VAL C 815 23.51 19.35 -23.63
CA VAL C 815 22.53 19.56 -24.67
C VAL C 815 22.78 20.88 -25.40
N TYR C 816 23.39 21.85 -24.71
CA TYR C 816 23.64 23.15 -25.33
C TYR C 816 24.49 23.03 -26.59
N LYS C 817 25.40 22.06 -26.64
CA LYS C 817 26.21 21.85 -27.82
C LYS C 817 25.58 20.87 -28.80
N HIS C 818 24.70 19.99 -28.32
CA HIS C 818 24.05 18.99 -29.15
C HIS C 818 22.54 19.22 -29.12
N PRO C 819 21.97 19.95 -30.08
CA PRO C 819 20.52 20.22 -30.04
C PRO C 819 19.66 18.98 -30.17
N ASN C 820 20.19 17.89 -30.74
CA ASN C 820 19.43 16.67 -30.95
C ASN C 820 19.99 15.56 -30.07
N ALA C 821 19.09 14.72 -29.57
CA ALA C 821 19.48 13.61 -28.70
C ALA C 821 18.47 12.48 -28.86
N SER C 822 18.85 11.31 -28.35
CA SER C 822 18.02 10.12 -28.45
C SER C 822 17.59 9.66 -27.06
N LYS C 823 16.54 8.83 -27.04
CA LYS C 823 16.03 8.30 -25.78
C LYS C 823 17.09 7.46 -25.06
N GLU C 824 17.96 6.78 -25.82
CA GLU C 824 19.05 6.04 -25.19
C GLU C 824 19.99 6.97 -24.45
N GLU C 825 20.33 8.10 -25.06
CA GLU C 825 21.19 9.08 -24.39
C GLU C 825 20.49 9.67 -23.17
N ARG C 826 19.18 9.94 -23.28
CA ARG C 826 18.44 10.45 -22.13
C ARG C 826 18.46 9.45 -20.97
N LYS C 827 18.24 8.16 -21.28
CA LYS C 827 18.26 7.14 -20.24
C LYS C 827 19.64 7.01 -19.61
N ARG C 828 20.70 7.08 -20.42
CA ARG C 828 22.05 7.04 -19.89
C ARG C 828 22.31 8.23 -18.97
N TRP C 829 21.85 9.42 -19.36
CA TRP C 829 22.02 10.59 -18.52
C TRP C 829 21.29 10.43 -17.20
N GLN C 830 20.06 9.91 -17.24
CA GLN C 830 19.30 9.68 -16.03
C GLN C 830 20.00 8.69 -15.11
N ALA C 831 20.54 7.61 -15.68
CA ALA C 831 21.23 6.62 -14.88
C ALA C 831 22.48 7.21 -14.22
N THR C 832 23.24 8.00 -14.98
CA THR C 832 24.45 8.62 -14.42
C THR C 832 24.08 9.56 -13.28
N LEU C 833 23.05 10.39 -13.48
CA LEU C 833 22.63 11.33 -12.44
C LEU C 833 22.19 10.59 -11.20
N ASP C 834 21.36 9.55 -11.36
CA ASP C 834 20.87 8.81 -10.20
C ASP C 834 22.01 8.13 -9.46
N LYS C 835 22.93 7.50 -10.19
CA LYS C 835 24.04 6.81 -9.55
C LYS C 835 24.91 7.79 -8.76
N HIS C 836 25.25 8.94 -9.36
CA HIS C 836 26.12 9.88 -8.67
C HIS C 836 25.43 10.51 -7.46
N LEU C 837 24.15 10.86 -7.59
CA LEU C 837 23.44 11.41 -6.44
C LEU C 837 23.33 10.39 -5.32
N ARG C 838 23.07 9.12 -5.65
CA ARG C 838 23.07 8.11 -4.59
C ARG C 838 24.44 8.02 -3.91
N LYS C 839 25.50 7.94 -4.71
CA LYS C 839 26.84 7.75 -4.15
C LYS C 839 27.27 8.94 -3.30
N ARG C 840 26.84 10.15 -3.65
CA ARG C 840 27.33 11.35 -2.98
C ARG C 840 26.36 11.95 -1.98
N MET C 841 25.11 11.47 -1.92
CA MET C 841 24.12 12.07 -1.04
C MET C 841 23.22 11.05 -0.34
N ASN C 842 23.44 9.75 -0.55
CA ASN C 842 22.62 8.70 0.04
C ASN C 842 21.16 8.77 -0.37
N LEU C 843 20.86 9.43 -1.49
CA LEU C 843 19.50 9.49 -2.01
C LEU C 843 19.21 8.26 -2.87
N LYS C 844 17.93 8.09 -3.21
CA LYS C 844 17.50 6.97 -4.03
C LYS C 844 16.66 7.47 -5.19
N PRO C 845 16.66 6.75 -6.32
CA PRO C 845 15.77 7.12 -7.43
C PRO C 845 14.33 6.77 -7.11
N ILE C 846 13.44 7.74 -7.31
CA ILE C 846 12.02 7.59 -7.01
C ILE C 846 11.21 8.01 -8.23
N MET C 847 10.12 7.29 -8.49
CA MET C 847 9.30 7.58 -9.66
C MET C 847 8.59 8.92 -9.52
N ARG C 848 7.95 9.15 -8.38
CA ARG C 848 7.28 10.41 -8.08
C ARG C 848 8.06 11.17 -7.03
N MET C 849 8.22 12.47 -7.23
CA MET C 849 9.03 13.28 -6.35
C MET C 849 8.21 13.73 -5.13
N ASN C 850 8.80 13.59 -3.95
CA ASN C 850 8.11 13.86 -2.69
C ASN C 850 8.81 15.00 -1.95
N GLY C 851 8.21 15.41 -0.83
CA GLY C 851 8.65 16.63 -0.15
C GLY C 851 10.04 16.52 0.45
N ASN C 852 10.34 15.42 1.13
CA ASN C 852 11.66 15.25 1.73
C ASN C 852 12.74 15.15 0.67
N PHE C 853 12.46 14.44 -0.43
CA PHE C 853 13.40 14.39 -1.54
C PHE C 853 13.63 15.78 -2.10
N ALA C 854 12.57 16.57 -2.23
CA ALA C 854 12.71 17.94 -2.73
C ALA C 854 13.58 18.78 -1.79
N ARG C 855 13.32 18.69 -0.49
CA ARG C 855 14.07 19.50 0.47
C ARG C 855 15.55 19.10 0.49
N LYS C 856 15.84 17.81 0.44
CA LYS C 856 17.23 17.37 0.51
C LYS C 856 17.96 17.58 -0.81
N LEU C 857 17.25 17.55 -1.93
CA LEU C 857 17.87 17.83 -3.22
C LEU C 857 18.08 19.32 -3.44
N MET C 858 17.22 20.17 -2.88
CA MET C 858 17.29 21.60 -3.15
C MET C 858 18.28 22.25 -2.19
N THR C 859 19.52 21.73 -2.21
CA THR C 859 20.60 22.20 -1.35
C THR C 859 21.86 22.45 -2.17
N GLN C 860 22.73 23.32 -1.63
CA GLN C 860 23.95 23.69 -2.33
C GLN C 860 24.85 22.48 -2.56
N GLU C 861 24.85 21.53 -1.63
CA GLU C 861 25.70 20.35 -1.80
C GLU C 861 25.25 19.50 -2.99
N THR C 862 23.99 19.57 -3.39
CA THR C 862 23.54 18.84 -4.57
C THR C 862 24.26 19.31 -5.82
N VAL C 863 24.29 20.62 -6.06
CA VAL C 863 25.01 21.12 -7.22
C VAL C 863 26.51 20.94 -7.04
N ASP C 864 27.01 21.13 -5.80
CA ASP C 864 28.43 20.94 -5.55
C ASP C 864 28.87 19.50 -5.83
N ALA C 865 27.94 18.55 -5.76
CA ALA C 865 28.23 17.16 -6.08
C ALA C 865 27.92 16.79 -7.53
N VAL C 866 27.03 17.53 -8.20
CA VAL C 866 26.73 17.20 -9.59
C VAL C 866 27.65 17.90 -10.58
N CYS C 867 28.30 19.01 -10.18
CA CYS C 867 29.25 19.66 -11.07
C CYS C 867 30.44 18.76 -11.41
N GLU C 868 30.69 17.73 -10.60
CA GLU C 868 31.80 16.82 -10.90
C GLU C 868 31.56 16.01 -12.17
N LEU C 869 30.32 15.97 -12.67
CA LEU C 869 29.98 15.20 -13.86
C LEU C 869 29.96 16.04 -15.14
N ILE C 870 29.71 17.34 -15.03
CA ILE C 870 29.65 18.22 -16.18
C ILE C 870 30.99 18.96 -16.31
N PRO C 871 31.59 19.01 -17.49
CA PRO C 871 32.96 19.53 -17.61
C PRO C 871 33.04 21.04 -17.69
N SER C 872 31.99 21.70 -18.17
CA SER C 872 32.04 23.13 -18.44
C SER C 872 32.04 23.91 -17.12
N GLU C 873 33.10 24.68 -16.90
CA GLU C 873 33.17 25.51 -15.70
C GLU C 873 32.16 26.66 -15.75
N GLU C 874 31.90 27.19 -16.95
CA GLU C 874 30.88 28.23 -17.08
C GLU C 874 29.52 27.71 -16.65
N ARG C 875 29.18 26.49 -17.04
CA ARG C 875 27.92 25.91 -16.61
C ARG C 875 27.96 25.45 -15.16
N HIS C 876 29.14 25.12 -14.63
CA HIS C 876 29.27 25.00 -13.18
C HIS C 876 28.79 26.26 -12.49
N GLU C 877 29.31 27.41 -12.92
CA GLU C 877 28.93 28.68 -12.30
C GLU C 877 27.45 28.97 -12.50
N ALA C 878 26.92 28.69 -13.70
CA ALA C 878 25.52 28.95 -13.98
C ALA C 878 24.61 28.12 -13.06
N LEU C 879 24.89 26.83 -12.95
CA LEU C 879 24.10 25.98 -12.06
C LEU C 879 24.23 26.43 -10.62
N ARG C 880 25.44 26.79 -10.19
CA ARG C 880 25.64 27.23 -8.81
C ARG C 880 24.82 28.48 -8.51
N GLU C 881 24.83 29.46 -9.42
CA GLU C 881 24.11 30.70 -9.15
C GLU C 881 22.60 30.49 -9.22
N LEU C 882 22.11 29.66 -10.15
CA LEU C 882 20.69 29.33 -10.16
C LEU C 882 20.28 28.65 -8.86
N MET C 883 21.12 27.74 -8.38
CA MET C 883 20.86 27.01 -7.14
C MET C 883 20.77 27.97 -5.96
N ASP C 884 21.73 28.90 -5.88
CA ASP C 884 21.73 29.90 -4.81
C ASP C 884 20.50 30.79 -4.89
N LEU C 885 20.09 31.17 -6.10
CA LEU C 885 18.90 31.98 -6.24
C LEU C 885 17.67 31.24 -5.73
N TYR C 886 17.54 29.95 -6.05
CA TYR C 886 16.40 29.20 -5.54
C TYR C 886 16.41 29.11 -4.02
N LEU C 887 17.58 28.88 -3.42
CA LEU C 887 17.65 28.82 -1.97
C LEU C 887 17.38 30.17 -1.31
N LYS C 888 17.72 31.27 -2.00
CA LYS C 888 17.38 32.57 -1.45
C LYS C 888 15.89 32.85 -1.59
N MET C 889 15.26 32.27 -2.60
CA MET C 889 13.82 32.49 -2.80
C MET C 889 12.97 31.69 -1.82
N LYS C 890 13.34 30.42 -1.57
CA LYS C 890 12.43 29.51 -0.89
C LYS C 890 11.92 29.98 0.47
N PRO C 891 12.75 30.55 1.36
CA PRO C 891 12.23 31.00 2.66
C PRO C 891 11.05 31.95 2.55
N VAL C 892 10.98 32.74 1.48
CA VAL C 892 9.97 33.78 1.38
C VAL C 892 8.57 33.18 1.39
N TRP C 893 8.33 32.16 0.56
CA TRP C 893 7.01 31.54 0.55
C TRP C 893 6.93 30.30 1.42
N ARG C 894 8.03 29.88 2.05
CA ARG C 894 7.94 28.76 2.98
C ARG C 894 7.81 29.20 4.44
N SER C 895 8.07 30.46 4.75
CA SER C 895 7.98 30.92 6.13
C SER C 895 6.52 31.03 6.56
N SER C 896 6.26 30.60 7.80
CA SER C 896 4.93 30.74 8.38
C SER C 896 4.64 32.16 8.83
N CYS C 897 5.63 33.04 8.82
CA CYS C 897 5.48 34.45 9.12
C CYS C 897 6.65 35.21 8.52
N PRO C 898 6.68 35.37 7.19
CA PRO C 898 7.87 35.96 6.55
C PRO C 898 8.20 37.36 7.02
N ALA C 899 7.21 38.14 7.46
CA ALA C 899 7.49 39.49 7.95
C ALA C 899 8.31 39.49 9.22
N LYS C 900 8.28 38.39 9.99
CA LYS C 900 9.02 38.30 11.24
C LYS C 900 10.02 37.15 11.24
N GLU C 901 10.30 36.55 10.09
CA GLU C 901 11.23 35.43 10.03
C GLU C 901 12.32 35.66 8.99
N CYS C 902 11.97 36.28 7.86
CA CYS C 902 12.94 36.48 6.79
C CYS C 902 12.77 37.83 6.11
N PRO C 903 12.85 38.95 6.84
CA PRO C 903 12.68 40.25 6.18
C PRO C 903 13.79 40.58 5.19
N GLU C 904 15.02 40.15 5.46
CA GLU C 904 16.13 40.44 4.55
C GLU C 904 15.93 39.76 3.20
N SER C 905 15.45 38.52 3.20
CA SER C 905 15.15 37.86 1.94
C SER C 905 13.87 38.40 1.31
N LEU C 906 12.93 38.87 2.14
CA LEU C 906 11.70 39.45 1.59
C LEU C 906 11.98 40.74 0.83
N CYS C 907 12.88 41.59 1.35
CA CYS C 907 13.08 42.91 0.77
C CYS C 907 13.76 42.87 -0.58
N GLN C 908 14.38 41.75 -0.97
CA GLN C 908 15.07 41.63 -2.25
C GLN C 908 14.48 40.53 -3.12
N TYR C 909 13.24 40.12 -2.84
CA TYR C 909 12.61 39.07 -3.62
C TYR C 909 12.37 39.51 -5.06
N SER C 910 12.03 40.78 -5.28
CA SER C 910 11.84 41.27 -6.63
C SER C 910 13.14 41.21 -7.44
N PHE C 911 14.25 41.65 -6.83
CA PHE C 911 15.53 41.58 -7.51
C PHE C 911 15.94 40.14 -7.79
N ASN C 912 15.72 39.24 -6.83
CA ASN C 912 16.04 37.84 -7.06
C ASN C 912 15.20 37.26 -8.19
N SER C 913 13.92 37.62 -8.25
CA SER C 913 13.06 37.14 -9.32
C SER C 913 13.53 37.64 -10.68
N GLN C 914 13.89 38.93 -10.76
CA GLN C 914 14.42 39.47 -12.01
C GLN C 914 15.68 38.73 -12.43
N ARG C 915 16.59 38.49 -11.48
CA ARG C 915 17.87 37.87 -11.81
C ARG C 915 17.66 36.43 -12.27
N PHE C 916 16.77 35.70 -11.58
CA PHE C 916 16.44 34.33 -11.96
C PHE C 916 15.82 34.28 -13.35
N ALA C 917 14.87 35.18 -13.63
CA ALA C 917 14.23 35.18 -14.94
C ALA C 917 15.22 35.48 -16.05
N GLU C 918 16.10 36.47 -15.85
CA GLU C 918 17.05 36.80 -16.91
C GLU C 918 18.06 35.68 -17.10
N LEU C 919 18.45 35.00 -16.01
CA LEU C 919 19.34 33.85 -16.15
C LEU C 919 18.67 32.75 -16.97
N LEU C 920 17.41 32.46 -16.67
CA LEU C 920 16.71 31.41 -17.42
C LEU C 920 16.58 31.79 -18.88
N SER C 921 16.31 33.07 -19.16
CA SER C 921 16.20 33.52 -20.54
C SER C 921 17.52 33.39 -21.28
N THR C 922 18.64 33.75 -20.64
CA THR C 922 19.91 33.84 -21.35
C THR C 922 20.70 32.53 -21.32
N LYS C 923 21.07 32.07 -20.14
CA LYS C 923 21.94 30.90 -20.05
C LYS C 923 21.19 29.60 -20.33
N PHE C 924 19.88 29.57 -20.10
CA PHE C 924 19.11 28.35 -20.30
C PHE C 924 18.06 28.57 -21.39
N LYS C 925 18.48 29.20 -22.49
CA LYS C 925 17.58 29.46 -23.61
C LYS C 925 17.08 28.17 -24.25
N TYR C 926 17.78 27.05 -24.04
CA TYR C 926 17.43 25.82 -24.73
C TYR C 926 16.20 25.13 -24.16
N ARG C 927 15.63 25.63 -23.07
CA ARG C 927 14.44 25.01 -22.51
C ARG C 927 13.34 26.02 -22.22
N TYR C 928 13.70 27.27 -21.96
CA TYR C 928 12.76 28.28 -21.50
C TYR C 928 12.58 29.41 -22.51
N GLU C 929 12.47 29.05 -23.79
CA GLU C 929 12.16 30.01 -24.85
C GLU C 929 10.82 29.59 -25.46
N GLY C 930 9.78 30.37 -25.18
CA GLY C 930 8.45 30.05 -25.65
C GLY C 930 7.75 28.96 -24.87
N LYS C 931 8.31 28.50 -23.75
CA LYS C 931 7.71 27.43 -22.96
C LYS C 931 8.27 27.48 -21.55
N ILE C 932 7.39 27.71 -20.58
CA ILE C 932 7.78 27.72 -19.17
C ILE C 932 6.67 27.06 -18.36
N THR C 933 7.00 26.61 -17.17
CA THR C 933 6.09 25.81 -16.38
C THR C 933 5.31 26.65 -15.38
N ASN C 934 4.18 26.10 -14.94
CA ASN C 934 3.23 26.83 -14.11
C ASN C 934 3.86 27.31 -12.82
N TYR C 935 4.56 26.41 -12.13
CA TYR C 935 5.09 26.76 -10.81
C TYR C 935 6.23 27.76 -10.90
N PHE C 936 7.07 27.66 -11.92
CA PHE C 936 8.10 28.67 -12.12
C PHE C 936 7.47 30.04 -12.37
N HIS C 937 6.44 30.08 -13.22
CA HIS C 937 5.76 31.36 -13.46
C HIS C 937 5.15 31.91 -12.18
N LYS C 938 4.48 31.05 -11.41
CA LYS C 938 3.86 31.50 -10.16
C LYS C 938 4.90 32.06 -9.21
N THR C 939 6.00 31.33 -9.00
CA THR C 939 7.03 31.76 -8.08
C THR C 939 7.65 33.08 -8.53
N LEU C 940 7.89 33.23 -9.82
CA LEU C 940 8.55 34.44 -10.31
C LEU C 940 7.60 35.63 -10.44
N ALA C 941 6.29 35.42 -10.39
CA ALA C 941 5.36 36.52 -10.60
C ALA C 941 4.52 36.90 -9.38
N HIS C 942 3.82 35.94 -8.77
CA HIS C 942 2.67 36.27 -7.94
C HIS C 942 2.96 36.30 -6.44
N VAL C 943 4.16 35.93 -6.00
CA VAL C 943 4.39 35.73 -4.56
C VAL C 943 4.24 37.00 -3.74
N PRO C 944 4.90 38.13 -4.08
CA PRO C 944 4.79 39.32 -3.21
C PRO C 944 3.36 39.82 -3.03
N GLU C 945 2.55 39.77 -4.09
CA GLU C 945 1.16 40.21 -3.97
C GLU C 945 0.37 39.31 -3.04
N ILE C 946 0.60 38.00 -3.11
CA ILE C 946 -0.07 37.07 -2.21
C ILE C 946 0.34 37.33 -0.78
N ILE C 947 1.63 37.59 -0.55
CA ILE C 947 2.10 37.90 0.80
C ILE C 947 1.43 39.16 1.32
N GLU C 948 1.36 40.20 0.49
CA GLU C 948 0.74 41.45 0.92
C GLU C 948 -0.74 41.25 1.24
N ARG C 949 -1.44 40.46 0.42
CA ARG C 949 -2.87 40.28 0.60
C ARG C 949 -3.18 39.43 1.82
N ASP C 950 -2.46 38.32 2.00
CA ASP C 950 -2.72 37.41 3.11
C ASP C 950 -1.91 37.76 4.35
N GLY C 951 -0.59 37.74 4.22
CA GLY C 951 0.30 37.92 5.36
C GLY C 951 1.32 36.82 5.44
N SER C 952 0.93 35.62 5.04
CA SER C 952 1.84 34.48 4.95
C SER C 952 1.33 33.55 3.86
N ILE C 953 2.26 32.79 3.28
CA ILE C 953 1.95 31.83 2.23
C ILE C 953 2.01 30.40 2.75
N GLY C 954 3.08 30.06 3.48
CA GLY C 954 3.24 28.71 3.96
C GLY C 954 2.25 28.30 5.02
N ALA C 955 1.64 29.26 5.71
CA ALA C 955 0.65 28.94 6.74
C ALA C 955 -0.57 28.28 6.14
N TRP C 956 -0.98 28.72 4.95
CA TRP C 956 -2.20 28.24 4.29
C TRP C 956 -1.93 27.12 3.29
N ALA C 957 -0.96 26.25 3.56
CA ALA C 957 -0.62 25.19 2.63
C ALA C 957 -1.55 23.99 2.82
N SER C 958 -1.44 23.03 1.91
CA SER C 958 -2.18 21.78 1.98
C SER C 958 -1.38 20.67 2.64
N GLU C 959 -0.21 21.01 3.19
CA GLU C 959 0.64 19.99 3.82
C GLU C 959 -0.02 19.43 5.07
N GLY C 960 -0.77 20.26 5.80
CA GLY C 960 -1.59 19.74 6.88
C GLY C 960 -2.65 18.78 6.40
N ASN C 961 -3.24 19.05 5.23
CA ASN C 961 -4.21 18.12 4.66
C ASN C 961 -3.55 16.81 4.26
N GLU C 962 -2.30 16.87 3.80
CA GLU C 962 -1.58 15.63 3.49
C GLU C 962 -1.30 14.82 4.74
N SER C 963 -0.92 15.49 5.82
CA SER C 963 -0.76 14.79 7.10
C SER C 963 -2.08 14.19 7.55
N GLY C 964 -3.18 14.92 7.35
CA GLY C 964 -4.49 14.36 7.64
C GLY C 964 -4.81 13.16 6.78
N ASN C 965 -4.34 13.17 5.53
CA ASN C 965 -4.51 11.99 4.67
C ASN C 965 -3.76 10.79 5.23
N LYS C 966 -2.55 11.02 5.74
CA LYS C 966 -1.82 9.94 6.40
C LYS C 966 -2.58 9.40 7.60
N LEU C 967 -3.12 10.31 8.43
CA LEU C 967 -3.90 9.88 9.58
C LEU C 967 -5.13 9.11 9.14
N PHE C 968 -5.77 9.54 8.06
CA PHE C 968 -6.94 8.83 7.54
C PHE C 968 -6.58 7.43 7.10
N ARG C 969 -5.45 7.28 6.40
CA ARG C 969 -5.02 5.96 5.98
C ARG C 969 -4.76 5.05 7.18
N ARG C 970 -4.12 5.58 8.22
CA ARG C 970 -3.78 4.71 9.34
C ARG C 970 -5.01 4.39 10.19
N PHE C 971 -5.95 5.34 10.31
CA PHE C 971 -7.19 5.09 11.03
C PHE C 971 -8.09 4.10 10.31
N ARG C 972 -8.11 4.13 8.97
CA ARG C 972 -9.01 3.27 8.23
C ARG C 972 -8.76 1.79 8.47
N LYS C 973 -7.56 1.43 8.96
CA LYS C 973 -7.22 0.05 9.22
C LYS C 973 -6.82 -0.23 10.67
N MET C 974 -6.51 0.80 11.46
CA MET C 974 -6.06 0.55 12.82
C MET C 974 -7.22 0.62 13.83
N ASN C 975 -8.05 1.66 13.74
CA ASN C 975 -9.05 1.93 14.78
C ASN C 975 -10.40 2.32 14.17
N ALA C 976 -10.84 1.57 13.16
CA ALA C 976 -12.14 1.79 12.56
C ALA C 976 -12.78 0.45 12.23
N ARG C 977 -14.12 0.43 12.22
CA ARG C 977 -14.83 -0.80 11.89
C ARG C 977 -14.58 -1.18 10.44
N GLN C 978 -14.60 -2.50 10.19
CA GLN C 978 -14.34 -3.03 8.86
C GLN C 978 -15.68 -3.45 8.26
N SER C 979 -16.35 -2.48 7.64
CA SER C 979 -17.62 -2.72 6.97
C SER C 979 -17.95 -1.50 6.13
N LYS C 980 -18.41 -1.72 4.90
CA LYS C 980 -18.64 -0.61 3.98
C LYS C 980 -19.73 0.34 4.49
N CYS C 981 -20.68 -0.16 5.27
CA CYS C 981 -21.82 0.66 5.67
C CYS C 981 -21.42 1.74 6.66
N TYR C 982 -20.64 1.38 7.69
CA TYR C 982 -20.38 2.27 8.81
C TYR C 982 -18.90 2.28 9.18
N GLU C 983 -18.02 2.46 8.20
CA GLU C 983 -16.61 2.68 8.49
C GLU C 983 -16.19 4.13 8.35
N MET C 984 -16.72 4.85 7.36
CA MET C 984 -16.39 6.27 7.22
C MET C 984 -16.89 7.07 8.41
N GLU C 985 -18.04 6.68 8.97
CA GLU C 985 -18.54 7.35 10.16
C GLU C 985 -17.56 7.22 11.33
N ASP C 986 -17.07 6.00 11.56
CA ASP C 986 -16.12 5.79 12.65
C ASP C 986 -14.82 6.54 12.39
N VAL C 987 -14.32 6.52 11.15
CA VAL C 987 -13.09 7.23 10.84
C VAL C 987 -13.24 8.72 11.09
N LEU C 988 -14.36 9.29 10.63
CA LEU C 988 -14.58 10.72 10.77
C LEU C 988 -14.72 11.11 12.24
N LYS C 989 -15.47 10.32 13.02
CA LYS C 989 -15.63 10.62 14.44
C LYS C 989 -14.30 10.53 15.17
N HIS C 990 -13.50 9.50 14.90
CA HIS C 990 -12.23 9.36 15.59
C HIS C 990 -11.26 10.47 15.19
N HIS C 991 -11.28 10.88 13.92
CA HIS C 991 -10.42 11.98 13.51
C HIS C 991 -10.84 13.28 14.19
N TRP C 992 -12.14 13.51 14.32
CA TRP C 992 -12.60 14.70 15.03
C TRP C 992 -12.16 14.68 16.48
N LEU C 993 -12.21 13.50 17.11
CA LEU C 993 -11.70 13.39 18.47
C LEU C 993 -10.20 13.64 18.54
N TYR C 994 -9.45 13.11 17.57
CA TYR C 994 -8.00 13.27 17.57
C TYR C 994 -7.59 14.72 17.36
N THR C 995 -8.41 15.49 16.66
CA THR C 995 -8.12 16.90 16.41
C THR C 995 -8.73 17.82 17.47
N SER C 996 -8.85 17.37 18.72
CA SER C 996 -9.48 18.12 19.78
C SER C 996 -8.42 18.67 20.73
N LYS C 997 -8.38 20.00 20.87
CA LYS C 997 -7.43 20.61 21.79
C LYS C 997 -7.71 20.24 23.23
N TYR C 998 -8.99 20.03 23.58
CA TYR C 998 -9.33 19.65 24.94
C TYR C 998 -8.69 18.33 25.32
N LEU C 999 -8.70 17.36 24.41
CA LEU C 999 -8.03 16.09 24.66
C LEU C 999 -6.52 16.21 24.55
N GLN C 1000 -6.02 17.04 23.63
CA GLN C 1000 -4.59 17.16 23.44
C GLN C 1000 -3.91 17.86 24.61
N LYS C 1001 -4.63 18.72 25.32
CA LYS C 1001 -4.03 19.44 26.45
C LYS C 1001 -3.66 18.51 27.60
N PHE C 1002 -4.41 17.44 27.82
CA PHE C 1002 -4.13 16.53 28.93
C PHE C 1002 -2.87 15.71 28.71
N MET C 1003 -2.34 15.64 27.49
CA MET C 1003 -1.07 15.01 27.22
C MET C 1003 0.11 15.94 27.45
N ASN C 1004 -0.14 17.15 27.92
CA ASN C 1004 0.91 18.10 28.24
C ASN C 1004 0.78 18.52 29.69
N ALA C 1005 0.60 17.54 30.58
CA ALA C 1005 0.38 17.80 32.00
C ALA C 1005 1.63 18.24 32.73
N HIS C 1006 2.71 18.53 32.01
CA HIS C 1006 3.95 19.05 32.60
C HIS C 1006 3.93 20.57 32.48
N ASN C 1007 3.80 21.25 33.62
CA ASN C 1007 3.74 22.71 33.62
C ASN C 1007 4.11 23.27 34.99
N MET D 1 -35.32 -7.01 -35.09
CA MET D 1 -34.99 -7.67 -33.85
C MET D 1 -33.55 -8.16 -33.84
N SER D 2 -32.67 -7.39 -34.49
CA SER D 2 -31.26 -7.74 -34.58
C SER D 2 -30.46 -6.96 -33.56
N LEU D 3 -29.73 -7.67 -32.70
CA LEU D 3 -28.89 -7.08 -31.67
C LEU D 3 -27.45 -7.36 -32.02
N GLN D 4 -26.64 -6.30 -32.08
CA GLN D 4 -25.24 -6.42 -32.47
C GLN D 4 -24.36 -5.66 -31.49
N MET D 5 -23.22 -6.27 -31.15
CA MET D 5 -22.25 -5.61 -30.29
C MET D 5 -21.51 -4.53 -31.05
N VAL D 6 -21.32 -3.38 -30.40
CA VAL D 6 -20.63 -2.24 -31.00
C VAL D 6 -19.45 -1.87 -30.12
N THR D 7 -18.33 -1.54 -30.76
CA THR D 7 -17.10 -1.14 -30.08
C THR D 7 -16.94 0.38 -30.16
N VAL D 8 -16.37 0.94 -29.10
CA VAL D 8 -16.20 2.39 -28.99
C VAL D 8 -14.72 2.69 -28.83
N GLY D 9 -14.28 3.79 -29.44
CA GLY D 9 -12.88 4.14 -29.47
C GLY D 9 -12.38 4.78 -28.20
N HIS D 10 -11.60 5.86 -28.33
CA HIS D 10 -10.93 6.47 -27.18
C HIS D 10 -11.78 7.55 -26.50
N ASN D 11 -13.10 7.47 -26.61
CA ASN D 11 -14.00 8.39 -25.91
C ASN D 11 -15.10 7.62 -25.19
N ILE D 12 -14.84 6.35 -24.87
CA ILE D 12 -15.84 5.51 -24.21
C ILE D 12 -16.12 6.00 -22.80
N ALA D 13 -15.20 6.76 -22.21
CA ALA D 13 -15.37 7.28 -20.86
C ALA D 13 -16.19 8.56 -20.83
N LEU D 14 -17.01 8.78 -21.85
CA LEU D 14 -17.71 10.04 -22.03
C LEU D 14 -19.20 9.85 -22.33
N ILE D 15 -19.72 8.63 -22.20
CA ILE D 15 -21.14 8.34 -22.42
C ILE D 15 -21.76 7.93 -21.10
N GLN D 16 -22.78 8.66 -20.67
CA GLN D 16 -23.39 8.56 -19.35
C GLN D 16 -24.88 8.44 -19.49
N PRO D 17 -25.58 7.95 -18.46
CA PRO D 17 -27.04 7.86 -18.52
C PRO D 17 -27.66 9.23 -18.77
N GLY D 18 -28.73 9.23 -19.56
CA GLY D 18 -29.45 10.45 -19.89
C GLY D 18 -29.10 11.09 -21.21
N PHE D 19 -28.19 10.50 -21.97
CA PHE D 19 -27.84 11.04 -23.28
C PHE D 19 -29.02 10.92 -24.24
N SER D 20 -28.93 11.68 -25.33
CA SER D 20 -29.95 11.68 -26.37
C SER D 20 -29.27 11.66 -27.74
N LEU D 21 -29.88 10.95 -28.68
CA LEU D 21 -29.36 10.85 -30.04
C LEU D 21 -30.20 11.72 -30.96
N MET D 22 -29.53 12.49 -31.80
CA MET D 22 -30.18 13.47 -32.67
C MET D 22 -29.98 13.08 -34.12
N ASN D 23 -31.07 12.99 -34.86
CA ASN D 23 -31.03 12.57 -36.26
C ASN D 23 -31.26 13.78 -37.16
N PHE D 24 -30.35 13.98 -38.12
CA PHE D 24 -30.43 15.07 -39.08
C PHE D 24 -30.19 14.51 -40.48
N ASP D 25 -31.27 14.28 -41.22
CA ASP D 25 -31.21 13.81 -42.60
C ASP D 25 -30.37 12.53 -42.70
N GLY D 26 -30.62 11.61 -41.78
CA GLY D 26 -29.90 10.36 -41.74
C GLY D 26 -28.61 10.37 -40.96
N GLN D 27 -28.16 11.53 -40.46
CA GLN D 27 -26.96 11.65 -39.66
C GLN D 27 -27.34 11.73 -38.19
N VAL D 28 -26.67 10.95 -37.36
CA VAL D 28 -27.01 10.80 -35.95
C VAL D 28 -25.93 11.48 -35.11
N PHE D 29 -26.34 12.33 -34.17
CA PHE D 29 -25.42 13.07 -33.32
C PHE D 29 -25.71 12.78 -31.85
N PHE D 30 -24.84 13.30 -30.98
CA PHE D 30 -24.81 12.94 -29.58
C PHE D 30 -24.87 14.19 -28.70
N PHE D 31 -25.38 14.01 -27.48
CA PHE D 31 -25.44 15.08 -26.50
C PHE D 31 -25.48 14.47 -25.10
N GLY D 32 -25.01 15.23 -24.11
CA GLY D 32 -25.05 14.77 -22.74
C GLY D 32 -23.79 14.06 -22.27
N GLN D 33 -22.64 14.71 -22.39
CA GLN D 33 -21.37 14.08 -22.03
C GLN D 33 -21.10 14.19 -20.53
N LYS D 34 -19.90 13.73 -20.13
CA LYS D 34 -19.46 13.76 -18.75
C LYS D 34 -18.59 14.98 -18.51
N GLY D 35 -18.87 15.72 -17.45
CA GLY D 35 -18.09 16.88 -17.09
C GLY D 35 -18.22 17.98 -18.13
N TRP D 36 -17.64 19.12 -17.79
CA TRP D 36 -17.68 20.26 -18.68
C TRP D 36 -16.82 19.97 -19.92
N PRO D 37 -17.16 20.58 -21.05
CA PRO D 37 -16.49 20.22 -22.31
C PRO D 37 -14.98 20.46 -22.26
N LYS D 38 -14.25 19.59 -22.95
CA LYS D 38 -12.80 19.65 -23.02
C LYS D 38 -12.37 20.35 -24.30
N ARG D 39 -11.05 20.36 -24.54
CA ARG D 39 -10.52 20.95 -25.76
C ARG D 39 -10.57 20.01 -26.95
N SER D 40 -10.83 18.72 -26.73
CA SER D 40 -11.05 17.81 -27.85
C SER D 40 -12.33 18.16 -28.59
N CYS D 41 -13.34 18.65 -27.87
CA CYS D 41 -14.60 19.07 -28.48
C CYS D 41 -15.23 20.12 -27.59
N PRO D 42 -14.86 21.39 -27.75
CA PRO D 42 -15.39 22.44 -26.86
C PRO D 42 -16.89 22.65 -27.00
N THR D 43 -17.50 22.25 -28.11
CA THR D 43 -18.93 22.51 -28.30
C THR D 43 -19.77 21.63 -27.39
N GLY D 44 -19.47 20.34 -27.32
CA GLY D 44 -20.22 19.40 -26.53
C GLY D 44 -21.04 18.41 -27.33
N VAL D 45 -21.29 18.69 -28.61
CA VAL D 45 -22.02 17.77 -29.47
C VAL D 45 -21.02 16.88 -30.19
N PHE D 46 -21.48 15.72 -30.64
CA PHE D 46 -20.58 14.70 -31.18
C PHE D 46 -21.19 14.05 -32.41
N HIS D 47 -20.31 13.50 -33.25
N HIS D 47 -20.31 13.50 -33.25
CA HIS D 47 -20.70 12.82 -34.47
CA HIS D 47 -20.70 12.82 -34.47
C HIS D 47 -20.87 11.34 -34.16
C HIS D 47 -20.87 11.34 -34.16
N PHE D 48 -22.12 10.88 -34.08
CA PHE D 48 -22.41 9.50 -33.72
C PHE D 48 -22.48 8.67 -35.00
N ASP D 49 -21.33 8.13 -35.40
CA ASP D 49 -21.23 7.32 -36.61
C ASP D 49 -20.85 5.90 -36.24
N ILE D 50 -21.62 4.93 -36.73
CA ILE D 50 -21.34 3.51 -36.54
C ILE D 50 -21.10 2.89 -37.91
N LYS D 51 -19.87 2.40 -38.12
CA LYS D 51 -19.52 1.69 -39.34
C LYS D 51 -18.80 0.40 -38.94
N GLN D 52 -19.30 -0.73 -39.46
CA GLN D 52 -18.76 -2.04 -39.12
C GLN D 52 -18.72 -2.26 -37.61
N ASN D 53 -19.79 -1.83 -36.94
CA ASN D 53 -19.97 -1.99 -35.50
C ASN D 53 -18.85 -1.32 -34.70
N HIS D 54 -18.32 -0.22 -35.22
CA HIS D 54 -17.33 0.56 -34.50
C HIS D 54 -17.80 2.00 -34.43
N LEU D 55 -17.62 2.60 -33.25
CA LEU D 55 -18.14 3.94 -32.98
C LEU D 55 -16.99 4.92 -32.82
N LYS D 56 -17.01 5.98 -33.61
CA LYS D 56 -16.04 7.07 -33.51
C LYS D 56 -16.80 8.36 -33.24
N LEU D 57 -16.28 9.17 -32.33
CA LEU D 57 -16.95 10.39 -31.90
C LEU D 57 -16.09 11.59 -32.28
N LYS D 58 -16.27 12.08 -33.51
CA LYS D 58 -15.62 13.26 -34.03
C LYS D 58 -16.36 14.51 -33.58
N PRO D 59 -15.63 15.59 -33.31
CA PRO D 59 -16.29 16.83 -32.86
C PRO D 59 -17.16 17.44 -33.94
N ALA D 60 -18.16 18.20 -33.49
CA ALA D 60 -19.05 18.94 -34.37
C ALA D 60 -19.06 20.40 -33.94
N ILE D 61 -18.89 21.30 -34.88
CA ILE D 61 -18.68 22.72 -34.61
C ILE D 61 -20.02 23.45 -34.69
N PHE D 62 -20.20 24.44 -33.82
CA PHE D 62 -21.40 25.28 -33.84
C PHE D 62 -21.25 26.40 -34.85
N SER D 63 -22.26 27.26 -34.94
CA SER D 63 -22.23 28.39 -35.85
C SER D 63 -21.59 29.59 -35.18
N LYS D 64 -21.49 30.70 -35.93
CA LYS D 64 -20.90 31.91 -35.38
C LYS D 64 -21.84 32.59 -34.39
N ASP D 65 -23.14 32.58 -34.67
CA ASP D 65 -24.13 33.18 -33.79
C ASP D 65 -24.72 32.19 -32.80
N SER D 66 -24.29 30.93 -32.82
CA SER D 66 -24.81 29.92 -31.93
C SER D 66 -24.42 30.24 -30.48
N CYS D 67 -25.23 29.73 -29.55
CA CYS D 67 -24.96 29.85 -28.12
C CYS D 67 -24.54 28.49 -27.59
N TYR D 68 -23.38 28.45 -26.94
CA TYR D 68 -22.78 27.19 -26.50
C TYR D 68 -23.46 26.76 -25.21
N LEU D 69 -24.18 25.63 -25.26
CA LEU D 69 -25.05 25.17 -24.20
C LEU D 69 -24.36 24.14 -23.32
N PRO D 70 -24.70 24.12 -22.03
CA PRO D 70 -24.15 23.10 -21.13
C PRO D 70 -24.73 21.73 -21.45
N PRO D 71 -24.02 20.65 -21.12
CA PRO D 71 -24.55 19.31 -21.39
C PRO D 71 -25.71 18.97 -20.47
N LEU D 72 -26.93 19.01 -21.01
CA LEU D 72 -28.09 18.62 -20.23
C LEU D 72 -28.09 17.11 -20.01
N ARG D 73 -28.28 16.70 -18.76
CA ARG D 73 -28.14 15.29 -18.40
C ARG D 73 -29.42 14.49 -18.52
N TYR D 74 -30.58 15.11 -18.31
CA TYR D 74 -31.87 14.46 -18.53
C TYR D 74 -32.83 15.45 -19.21
N PRO D 75 -32.58 15.77 -20.49
CA PRO D 75 -33.43 16.76 -21.16
C PRO D 75 -34.76 16.20 -21.61
N ALA D 76 -35.54 17.00 -22.33
CA ALA D 76 -36.77 16.57 -22.96
C ALA D 76 -36.59 16.60 -24.47
N THR D 77 -37.03 15.54 -25.14
CA THR D 77 -36.77 15.34 -26.56
C THR D 77 -38.00 15.72 -27.38
N CYS D 78 -37.79 16.50 -28.43
CA CYS D 78 -38.86 16.90 -29.35
C CYS D 78 -38.34 16.83 -30.77
N SER D 79 -39.26 16.72 -31.73
CA SER D 79 -38.92 16.63 -33.15
C SER D 79 -39.86 17.55 -33.93
N TYR D 80 -39.41 18.78 -34.19
CA TYR D 80 -40.19 19.74 -34.95
C TYR D 80 -40.10 19.44 -36.44
N LYS D 81 -40.96 20.12 -37.21
CA LYS D 81 -40.98 19.94 -38.66
C LYS D 81 -41.14 21.28 -39.36
N LYS D 88 -36.02 23.05 -42.61
CA LYS D 88 -36.91 23.43 -41.53
C LYS D 88 -36.99 22.35 -40.46
N HIS D 89 -36.20 21.28 -40.66
CA HIS D 89 -36.16 20.18 -39.70
C HIS D 89 -35.27 20.57 -38.53
N GLN D 90 -35.88 20.90 -37.39
CA GLN D 90 -35.16 21.34 -36.22
C GLN D 90 -35.43 20.39 -35.06
N TYR D 91 -34.77 20.65 -33.93
CA TYR D 91 -34.74 19.70 -32.81
C TYR D 91 -34.65 20.52 -31.54
N ILE D 92 -35.55 20.26 -30.60
CA ILE D 92 -35.74 21.12 -29.43
C ILE D 92 -35.58 20.30 -28.16
N ILE D 93 -34.81 20.82 -27.21
CA ILE D 93 -34.54 20.17 -25.94
C ILE D 93 -34.92 21.13 -24.81
N HIS D 94 -35.54 20.60 -23.76
CA HIS D 94 -36.05 21.41 -22.67
C HIS D 94 -35.54 20.89 -21.34
N GLY D 95 -34.94 21.78 -20.54
CA GLY D 95 -34.57 21.47 -19.18
C GLY D 95 -33.50 20.40 -19.06
N GLY D 96 -33.33 19.94 -17.82
CA GLY D 96 -32.43 18.85 -17.50
C GLY D 96 -31.46 19.23 -16.40
N LYS D 97 -30.47 18.36 -16.21
CA LYS D 97 -29.44 18.56 -15.21
C LYS D 97 -28.14 18.98 -15.86
N THR D 98 -27.50 20.02 -15.33
CA THR D 98 -26.14 20.36 -15.70
C THR D 98 -25.18 19.45 -14.96
N PRO D 99 -23.92 19.35 -15.43
CA PRO D 99 -22.96 18.50 -14.72
C PRO D 99 -22.68 18.93 -13.29
N ASN D 100 -22.98 20.17 -12.93
CA ASN D 100 -22.87 20.65 -11.56
C ASN D 100 -24.12 20.37 -10.75
N ASN D 101 -25.12 19.72 -11.34
CA ASN D 101 -26.33 19.25 -10.65
C ASN D 101 -27.18 20.41 -10.15
N GLU D 102 -27.51 21.33 -11.04
CA GLU D 102 -28.57 22.30 -10.81
C GLU D 102 -29.49 22.31 -12.02
N LEU D 103 -30.79 22.51 -11.76
CA LEU D 103 -31.80 22.41 -12.79
C LEU D 103 -31.91 23.72 -13.57
N SER D 104 -32.26 23.61 -14.85
CA SER D 104 -32.41 24.75 -15.74
C SER D 104 -33.78 24.70 -16.41
N ASP D 105 -34.41 25.86 -16.54
CA ASP D 105 -35.71 25.98 -17.20
C ASP D 105 -35.60 26.52 -18.61
N LYS D 106 -34.39 26.56 -19.16
CA LYS D 106 -34.16 27.12 -20.49
C LYS D 106 -34.56 26.11 -21.57
N ILE D 107 -34.75 26.63 -22.78
CA ILE D 107 -35.10 25.83 -23.94
C ILE D 107 -34.13 26.16 -25.06
N TYR D 108 -33.77 25.15 -25.86
CA TYR D 108 -32.82 25.32 -26.94
C TYR D 108 -33.42 24.82 -28.25
N ILE D 109 -32.92 25.36 -29.35
CA ILE D 109 -33.35 24.97 -30.69
C ILE D 109 -32.12 24.56 -31.49
N MET D 110 -32.18 23.39 -32.10
CA MET D 110 -31.08 22.84 -32.87
C MET D 110 -31.41 22.88 -34.36
N SER D 111 -30.41 23.22 -35.17
CA SER D 111 -30.57 23.23 -36.62
C SER D 111 -29.20 23.15 -37.27
N VAL D 112 -29.19 22.73 -38.53
CA VAL D 112 -27.96 22.64 -39.31
C VAL D 112 -27.86 23.89 -40.17
N ALA D 113 -26.88 24.74 -39.85
CA ALA D 113 -26.73 26.00 -40.59
C ALA D 113 -26.12 25.78 -41.96
N CYS D 114 -25.02 25.02 -42.03
CA CYS D 114 -24.34 24.76 -43.28
C CYS D 114 -23.65 23.41 -43.18
N LYS D 115 -23.39 22.81 -44.34
CA LYS D 115 -22.81 21.47 -44.40
C LYS D 115 -21.97 21.32 -45.65
N ASN D 116 -20.79 20.75 -45.49
CA ASN D 116 -19.95 20.34 -46.61
C ASN D 116 -19.61 18.87 -46.44
N ASN D 117 -18.66 18.36 -47.23
CA ASN D 117 -18.36 16.93 -47.22
C ASN D 117 -17.93 16.45 -45.84
N LYS D 118 -18.79 15.65 -45.19
CA LYS D 118 -18.51 15.00 -43.92
C LYS D 118 -18.23 15.97 -42.78
N LYS D 119 -18.72 17.21 -42.88
CA LYS D 119 -18.58 18.17 -41.79
C LYS D 119 -19.85 19.00 -41.70
N VAL D 120 -20.17 19.44 -40.47
CA VAL D 120 -21.42 20.14 -40.19
C VAL D 120 -21.15 21.32 -39.26
N THR D 121 -22.06 22.29 -39.29
CA THR D 121 -22.06 23.41 -38.36
C THR D 121 -23.48 23.61 -37.86
N PHE D 122 -23.67 23.41 -36.55
CA PHE D 122 -25.00 23.53 -35.94
C PHE D 122 -25.29 24.97 -35.52
N ARG D 123 -26.56 25.22 -35.20
CA ARG D 123 -27.03 26.54 -34.80
C ARG D 123 -27.88 26.38 -33.55
N CYS D 124 -27.44 26.97 -32.45
CA CYS D 124 -28.17 26.93 -31.18
C CYS D 124 -28.78 28.30 -30.91
N THR D 125 -30.07 28.30 -30.55
CA THR D 125 -30.80 29.53 -30.29
C THR D 125 -31.33 29.53 -28.86
N GLU D 126 -31.12 30.65 -28.17
CA GLU D 126 -31.67 30.87 -26.83
C GLU D 126 -33.08 31.44 -26.96
N LYS D 127 -34.04 30.81 -26.31
CA LYS D 127 -35.41 31.29 -26.28
C LYS D 127 -35.91 31.35 -24.85
N ASP D 128 -36.56 32.46 -24.51
CA ASP D 128 -37.12 32.67 -23.18
C ASP D 128 -38.63 32.55 -23.25
N LEU D 129 -39.20 31.72 -22.38
CA LEU D 129 -40.63 31.50 -22.33
C LEU D 129 -41.29 32.61 -21.53
N VAL D 130 -42.52 32.95 -21.93
CA VAL D 130 -43.33 33.91 -21.19
C VAL D 130 -44.66 33.27 -20.86
N GLY D 131 -45.30 33.79 -19.81
CA GLY D 131 -46.56 33.23 -19.34
C GLY D 131 -46.34 32.38 -18.09
N ASP D 132 -46.96 31.20 -18.06
CA ASP D 132 -46.79 30.27 -16.96
C ASP D 132 -45.57 29.40 -17.24
N VAL D 133 -44.41 29.93 -16.88
CA VAL D 133 -43.13 29.27 -17.16
C VAL D 133 -43.04 27.97 -16.39
N PRO D 134 -42.84 26.84 -17.06
CA PRO D 134 -42.63 25.58 -16.35
C PRO D 134 -41.38 25.63 -15.48
N GLU D 135 -41.47 25.02 -14.31
CA GLU D 135 -40.33 24.99 -13.40
C GLU D 135 -39.25 24.05 -13.93
N PRO D 136 -37.99 24.31 -13.63
CA PRO D 136 -36.92 23.43 -14.11
C PRO D 136 -37.09 22.02 -13.59
N ARG D 137 -36.91 21.05 -14.49
CA ARG D 137 -37.28 19.67 -14.22
C ARG D 137 -36.57 18.77 -15.22
N TYR D 138 -36.58 17.47 -14.94
CA TYR D 138 -35.96 16.51 -15.83
C TYR D 138 -36.80 15.25 -15.88
N GLY D 139 -36.63 14.50 -16.96
CA GLY D 139 -37.35 13.26 -17.16
C GLY D 139 -38.69 13.39 -17.86
N HIS D 140 -39.14 14.62 -18.12
CA HIS D 140 -40.43 14.84 -18.76
C HIS D 140 -40.33 14.58 -20.26
N SER D 141 -41.45 14.75 -20.95
CA SER D 141 -41.54 14.55 -22.38
C SER D 141 -42.27 15.72 -23.03
N ILE D 142 -41.82 16.12 -24.22
CA ILE D 142 -42.42 17.21 -24.96
C ILE D 142 -42.62 16.77 -26.41
N ASP D 143 -43.86 16.85 -26.89
CA ASP D 143 -44.17 16.56 -28.28
C ASP D 143 -44.92 17.73 -28.89
N VAL D 144 -45.01 17.73 -30.21
CA VAL D 144 -45.66 18.79 -30.96
C VAL D 144 -46.90 18.23 -31.65
N VAL D 145 -47.90 19.08 -31.83
CA VAL D 145 -49.14 18.69 -32.48
C VAL D 145 -49.44 19.65 -33.61
N TYR D 146 -50.22 19.18 -34.59
CA TYR D 146 -50.60 19.95 -35.77
C TYR D 146 -52.12 19.95 -35.86
N SER D 147 -52.76 20.94 -35.24
CA SER D 147 -54.21 21.05 -35.23
C SER D 147 -54.63 22.26 -36.06
N ARG D 148 -55.45 22.02 -37.09
CA ARG D 148 -55.96 23.07 -37.97
C ARG D 148 -54.82 23.92 -38.54
N GLY D 149 -53.76 23.26 -38.97
CA GLY D 149 -52.65 23.95 -39.62
C GLY D 149 -51.74 24.72 -38.71
N LYS D 150 -51.99 24.70 -37.40
CA LYS D 150 -51.17 25.42 -36.43
C LYS D 150 -50.36 24.43 -35.61
N SER D 151 -49.05 24.61 -35.59
CA SER D 151 -48.14 23.73 -34.88
C SER D 151 -47.84 24.31 -33.51
N MET D 152 -47.89 23.46 -32.48
CA MET D 152 -47.76 23.93 -31.11
C MET D 152 -47.34 22.77 -30.22
N GLY D 153 -46.54 23.08 -29.20
CA GLY D 153 -45.94 22.08 -28.35
C GLY D 153 -46.62 21.94 -27.00
N VAL D 154 -46.61 20.72 -26.47
CA VAL D 154 -47.26 20.37 -25.22
C VAL D 154 -46.23 19.78 -24.27
N LEU D 155 -46.28 20.21 -23.01
CA LEU D 155 -45.35 19.77 -21.97
C LEU D 155 -46.12 19.09 -20.85
N PHE D 156 -45.50 18.07 -20.25
CA PHE D 156 -46.09 17.35 -19.12
C PHE D 156 -45.09 17.30 -17.98
N GLY D 157 -45.59 17.00 -16.79
CA GLY D 157 -44.77 17.05 -15.60
C GLY D 157 -43.74 15.95 -15.53
N GLY D 158 -42.79 16.14 -14.63
CA GLY D 158 -41.72 15.16 -14.39
C GLY D 158 -41.23 15.26 -12.98
N ARG D 159 -39.92 15.19 -12.79
CA ARG D 159 -39.30 15.31 -11.48
C ARG D 159 -38.53 16.62 -11.40
N SER D 160 -38.65 17.28 -10.25
CA SER D 160 -37.96 18.53 -10.01
C SER D 160 -37.62 18.64 -8.53
N TYR D 161 -36.67 19.50 -8.21
CA TYR D 161 -36.24 19.67 -6.84
C TYR D 161 -37.30 20.42 -6.05
N MET D 162 -37.23 20.29 -4.72
CA MET D 162 -38.19 20.95 -3.86
C MET D 162 -38.03 22.47 -3.96
N PRO D 163 -39.11 23.22 -3.70
CA PRO D 163 -39.04 24.68 -3.82
C PRO D 163 -37.94 25.29 -2.96
N SER D 164 -37.58 26.53 -3.29
CA SER D 164 -36.48 27.22 -2.64
C SER D 164 -36.82 27.70 -1.23
N THR D 165 -37.99 27.33 -0.70
CA THR D 165 -38.37 27.66 0.67
C THR D 165 -38.41 26.44 1.58
N GLN D 166 -38.94 25.32 1.10
CA GLN D 166 -38.96 24.06 1.84
C GLN D 166 -37.73 23.20 1.57
N ARG D 167 -36.70 23.77 0.95
CA ARG D 167 -35.44 23.07 0.73
C ARG D 167 -34.54 23.21 1.95
N THR D 168 -33.98 22.07 2.37
CA THR D 168 -33.03 22.02 3.48
C THR D 168 -31.75 21.35 3.02
N THR D 169 -30.63 21.74 3.62
CA THR D 169 -29.33 21.23 3.18
C THR D 169 -29.19 19.74 3.43
N GLU D 170 -29.76 19.23 4.52
CA GLU D 170 -29.64 17.80 4.81
C GLU D 170 -30.39 16.97 3.76
N LYS D 171 -31.50 17.49 3.24
CA LYS D 171 -32.24 16.85 2.16
C LYS D 171 -32.11 17.64 0.86
N TRP D 172 -30.91 18.19 0.63
CA TRP D 172 -30.68 19.06 -0.52
C TRP D 172 -30.96 18.38 -1.86
N ASN D 173 -30.68 17.07 -1.96
CA ASN D 173 -30.84 16.35 -3.21
C ASN D 173 -32.15 15.58 -3.30
N SER D 174 -33.08 15.80 -2.37
CA SER D 174 -34.37 15.14 -2.43
C SER D 174 -35.19 15.70 -3.59
N VAL D 175 -35.92 14.82 -4.26
CA VAL D 175 -36.72 15.20 -5.42
C VAL D 175 -38.16 14.75 -5.20
N ALA D 176 -39.09 15.49 -5.82
CA ALA D 176 -40.51 15.17 -5.76
C ALA D 176 -41.13 15.45 -7.13
N ASP D 177 -42.18 14.69 -7.45
CA ASP D 177 -42.80 14.82 -8.76
C ASP D 177 -43.41 16.20 -8.93
N CYS D 178 -43.41 16.68 -10.18
CA CYS D 178 -43.93 17.99 -10.48
C CYS D 178 -45.45 18.01 -10.33
N LEU D 179 -46.02 19.21 -10.43
CA LEU D 179 -47.46 19.36 -10.34
C LEU D 179 -48.15 18.70 -11.52
N PRO D 180 -49.31 18.08 -11.31
CA PRO D 180 -50.05 17.43 -12.41
C PRO D 180 -50.42 18.37 -13.55
N HIS D 181 -50.05 19.64 -13.50
CA HIS D 181 -50.49 20.59 -14.53
C HIS D 181 -49.85 20.27 -15.87
N VAL D 182 -50.61 20.49 -16.94
CA VAL D 182 -50.14 20.30 -18.31
C VAL D 182 -49.97 21.67 -18.95
N PHE D 183 -48.75 21.97 -19.38
CA PHE D 183 -48.42 23.27 -19.95
C PHE D 183 -48.42 23.18 -21.47
N LEU D 184 -48.67 24.32 -22.10
CA LEU D 184 -48.66 24.44 -23.55
C LEU D 184 -47.64 25.50 -23.96
N ILE D 185 -46.73 25.14 -24.84
CA ILE D 185 -45.66 26.03 -25.29
C ILE D 185 -45.87 26.32 -26.77
N ASP D 186 -45.97 27.60 -27.11
CA ASP D 186 -46.09 28.06 -28.49
C ASP D 186 -44.69 28.46 -28.96
N PHE D 187 -44.10 27.62 -29.82
CA PHE D 187 -42.68 27.76 -30.12
C PHE D 187 -42.38 29.07 -30.85
N GLU D 188 -43.25 29.48 -31.77
CA GLU D 188 -42.98 30.69 -32.54
C GLU D 188 -43.03 31.94 -31.67
N PHE D 189 -43.83 31.94 -30.60
CA PHE D 189 -43.95 33.09 -29.73
C PHE D 189 -43.39 32.87 -28.33
N GLY D 190 -43.10 31.62 -27.95
CA GLY D 190 -42.55 31.36 -26.64
C GLY D 190 -43.50 31.68 -25.49
N CYS D 191 -44.77 31.31 -25.65
CA CYS D 191 -45.79 31.59 -24.66
C CYS D 191 -46.22 30.30 -23.96
N ALA D 192 -46.58 30.42 -22.69
CA ALA D 192 -46.98 29.27 -21.89
C ALA D 192 -48.23 29.59 -21.10
N THR D 193 -49.28 28.79 -21.29
CA THR D 193 -50.51 28.90 -20.52
C THR D 193 -50.74 27.58 -19.79
N SER D 194 -50.94 27.66 -18.48
CA SER D 194 -51.13 26.47 -17.66
C SER D 194 -52.58 26.04 -17.68
N TYR D 195 -52.81 24.76 -17.98
CA TYR D 195 -54.15 24.17 -17.98
C TYR D 195 -54.18 23.05 -16.96
N ILE D 196 -55.02 23.20 -15.95
CA ILE D 196 -55.19 22.19 -14.91
C ILE D 196 -56.43 21.38 -15.25
N LEU D 197 -56.26 20.07 -15.40
CA LEU D 197 -57.30 19.22 -15.95
C LEU D 197 -57.65 18.14 -14.92
N PRO D 198 -58.91 18.02 -14.50
CA PRO D 198 -59.23 17.10 -13.39
C PRO D 198 -58.98 15.63 -13.67
N GLU D 199 -58.89 15.22 -14.93
CA GLU D 199 -58.64 13.80 -15.21
C GLU D 199 -57.24 13.36 -14.85
N LEU D 200 -56.36 14.29 -14.47
CA LEU D 200 -55.00 13.96 -14.04
C LEU D 200 -54.88 14.28 -12.56
N GLN D 201 -54.44 13.29 -11.78
CA GLN D 201 -54.36 13.43 -10.33
C GLN D 201 -52.96 13.26 -9.78
N ASP D 202 -52.11 12.46 -10.43
CA ASP D 202 -50.75 12.22 -9.96
C ASP D 202 -49.75 12.49 -11.08
N GLY D 203 -48.53 12.83 -10.69
CA GLY D 203 -47.49 13.12 -11.66
C GLY D 203 -46.89 11.85 -12.27
N LEU D 204 -46.16 12.07 -13.36
CA LEU D 204 -45.50 10.99 -14.08
C LEU D 204 -44.06 11.37 -14.35
N SER D 205 -43.20 10.36 -14.44
CA SER D 205 -41.78 10.57 -14.68
C SER D 205 -41.23 9.49 -15.58
N PHE D 206 -40.27 9.88 -16.43
CA PHE D 206 -39.58 8.96 -17.34
C PHE D 206 -40.57 8.16 -18.17
N HIS D 207 -41.58 8.83 -18.70
CA HIS D 207 -42.60 8.21 -19.53
C HIS D 207 -42.30 8.46 -21.01
N VAL D 208 -43.00 7.71 -21.85
CA VAL D 208 -42.86 7.83 -23.30
C VAL D 208 -44.05 8.59 -23.84
N SER D 209 -43.83 9.33 -24.92
CA SER D 209 -44.85 10.16 -25.54
C SER D 209 -44.90 9.87 -27.03
N ILE D 210 -46.10 9.68 -27.56
CA ILE D 210 -46.32 9.33 -28.95
C ILE D 210 -47.18 10.41 -29.60
N ALA D 211 -46.71 10.95 -30.72
CA ALA D 211 -47.36 12.07 -31.38
C ALA D 211 -48.13 11.61 -32.62
N ARG D 212 -49.16 12.37 -32.94
CA ARG D 212 -49.99 12.14 -34.13
C ARG D 212 -50.49 13.53 -34.54
N ASN D 213 -51.53 13.58 -35.38
CA ASN D 213 -51.97 14.86 -35.93
C ASN D 213 -52.36 15.85 -34.83
N ASP D 214 -53.25 15.44 -33.93
CA ASP D 214 -53.70 16.33 -32.87
C ASP D 214 -53.86 15.61 -31.53
N THR D 215 -53.05 14.59 -31.28
CA THR D 215 -53.16 13.85 -30.04
C THR D 215 -51.80 13.32 -29.62
N VAL D 216 -51.62 13.15 -28.31
CA VAL D 216 -50.42 12.59 -27.71
C VAL D 216 -50.82 11.46 -26.79
N TYR D 217 -50.17 10.31 -26.93
CA TYR D 217 -50.46 9.13 -26.12
C TYR D 217 -49.30 8.90 -25.16
N ILE D 218 -49.50 9.24 -23.90
CA ILE D 218 -48.51 9.02 -22.85
C ILE D 218 -48.88 7.74 -22.09
N LEU D 219 -47.94 6.81 -22.00
CA LEU D 219 -48.15 5.55 -21.32
C LEU D 219 -46.98 5.27 -20.40
N GLY D 220 -47.25 4.54 -19.32
CA GLY D 220 -46.22 4.28 -18.32
C GLY D 220 -46.00 5.49 -17.41
N GLY D 221 -44.79 5.59 -16.90
CA GLY D 221 -44.46 6.67 -16.00
C GLY D 221 -44.32 6.19 -14.57
N HIS D 222 -43.48 6.89 -13.79
CA HIS D 222 -43.21 6.55 -12.41
C HIS D 222 -43.64 7.72 -11.53
N SER D 223 -44.42 7.42 -10.50
CA SER D 223 -44.85 8.40 -9.51
C SER D 223 -44.07 8.15 -8.22
N LEU D 224 -43.18 9.08 -7.87
CA LEU D 224 -42.35 8.91 -6.70
C LEU D 224 -43.11 9.16 -5.41
N ALA D 225 -44.14 10.01 -5.44
CA ALA D 225 -44.90 10.32 -4.23
C ALA D 225 -45.57 9.08 -3.67
N SER D 226 -46.11 8.23 -4.54
CA SER D 226 -46.73 6.97 -4.12
C SER D 226 -45.82 5.78 -4.30
N ASN D 227 -44.66 5.95 -4.96
CA ASN D 227 -43.71 4.88 -5.21
C ASN D 227 -44.39 3.71 -5.91
N ILE D 228 -45.19 4.03 -6.94
CA ILE D 228 -45.86 3.04 -7.76
C ILE D 228 -45.72 3.43 -9.22
N ARG D 229 -45.88 2.44 -10.09
CA ARG D 229 -45.86 2.65 -11.54
C ARG D 229 -47.18 2.20 -12.14
N PRO D 230 -48.04 3.10 -12.59
CA PRO D 230 -49.37 2.69 -13.07
C PRO D 230 -49.31 2.01 -14.43
N ALA D 231 -50.12 0.97 -14.60
CA ALA D 231 -50.29 0.30 -15.88
C ALA D 231 -51.50 0.88 -16.63
N ASN D 232 -51.41 2.18 -16.90
CA ASN D 232 -52.51 2.96 -17.45
C ASN D 232 -52.05 3.68 -18.72
N LEU D 233 -52.94 4.51 -19.26
CA LEU D 233 -52.71 5.16 -20.55
C LEU D 233 -53.59 6.39 -20.63
N TYR D 234 -52.98 7.56 -20.82
CA TYR D 234 -53.71 8.80 -21.01
C TYR D 234 -53.60 9.24 -22.47
N ARG D 235 -54.74 9.55 -23.07
CA ARG D 235 -54.79 10.14 -24.41
C ARG D 235 -55.25 11.59 -24.28
N ILE D 236 -54.43 12.51 -24.76
CA ILE D 236 -54.74 13.94 -24.71
C ILE D 236 -55.02 14.42 -26.12
N ARG D 237 -56.09 15.20 -26.26
CA ARG D 237 -56.48 15.78 -27.54
C ARG D 237 -56.57 17.28 -27.39
N VAL D 238 -55.91 18.01 -28.28
CA VAL D 238 -55.84 19.47 -28.22
C VAL D 238 -56.23 20.03 -29.57
N ASP D 239 -57.18 20.96 -29.56
CA ASP D 239 -57.54 21.72 -30.75
C ASP D 239 -57.14 23.18 -30.58
N LEU D 240 -57.01 23.88 -31.71
CA LEU D 240 -56.49 25.24 -31.76
C LEU D 240 -57.52 26.14 -32.45
N PRO D 241 -58.56 26.57 -31.74
CA PRO D 241 -59.53 27.50 -32.33
C PRO D 241 -58.93 28.89 -32.52
N LEU D 242 -59.75 29.83 -32.99
CA LEU D 242 -59.29 31.21 -33.12
C LEU D 242 -58.93 31.80 -31.77
N GLY D 243 -59.72 31.51 -30.74
CA GLY D 243 -59.47 32.04 -29.40
C GLY D 243 -58.52 31.19 -28.59
N THR D 244 -58.81 31.05 -27.29
CA THR D 244 -57.94 30.28 -26.42
C THR D 244 -58.00 28.80 -26.77
N PRO D 245 -56.88 28.07 -26.64
CA PRO D 245 -56.92 26.63 -26.92
C PRO D 245 -57.72 25.88 -25.88
N ALA D 246 -58.29 24.76 -26.30
CA ALA D 246 -59.06 23.88 -25.43
C ALA D 246 -58.33 22.54 -25.31
N VAL D 247 -58.22 22.04 -24.08
CA VAL D 247 -57.48 20.82 -23.79
C VAL D 247 -58.42 19.79 -23.19
N ASN D 248 -58.34 18.55 -23.68
CA ASN D 248 -59.12 17.45 -23.16
C ASN D 248 -58.29 16.18 -23.20
N CYS D 249 -58.26 15.45 -22.08
CA CYS D 249 -57.55 14.19 -21.96
C CYS D 249 -58.51 13.09 -21.54
N THR D 250 -58.30 11.90 -22.07
CA THR D 250 -59.17 10.76 -21.81
C THR D 250 -58.34 9.58 -21.32
N VAL D 251 -58.86 8.87 -20.32
CA VAL D 251 -58.21 7.68 -19.80
C VAL D 251 -58.60 6.49 -20.66
N LEU D 252 -57.59 5.76 -21.15
CA LEU D 252 -57.83 4.60 -22.00
C LEU D 252 -57.24 3.34 -21.35
N PRO D 253 -57.82 2.18 -21.60
CA PRO D 253 -57.31 0.94 -21.02
C PRO D 253 -56.18 0.35 -21.86
N GLY D 254 -55.61 -0.74 -21.33
CA GLY D 254 -54.53 -1.43 -22.00
C GLY D 254 -53.15 -0.85 -21.78
N GLY D 255 -53.02 0.16 -20.94
CA GLY D 255 -51.71 0.74 -20.69
C GLY D 255 -50.81 -0.18 -19.90
N ILE D 256 -49.51 0.02 -20.07
CA ILE D 256 -48.50 -0.76 -19.39
C ILE D 256 -47.88 0.07 -18.28
N SER D 257 -47.17 -0.59 -17.37
CA SER D 257 -46.53 0.04 -16.23
C SER D 257 -45.02 -0.02 -16.46
N VAL D 258 -44.50 0.97 -17.18
CA VAL D 258 -43.09 1.01 -17.54
C VAL D 258 -42.59 2.43 -17.37
N SER D 259 -41.41 2.58 -16.78
CA SER D 259 -40.75 3.87 -16.63
C SER D 259 -39.38 3.83 -17.29
N SER D 260 -38.98 4.96 -17.87
CA SER D 260 -37.70 5.09 -18.57
C SER D 260 -37.58 4.08 -19.71
N ALA D 261 -38.63 4.01 -20.52
CA ALA D 261 -38.60 3.21 -21.73
C ALA D 261 -38.08 4.05 -22.90
N ILE D 262 -37.88 3.41 -24.04
CA ILE D 262 -37.31 4.05 -25.22
C ILE D 262 -38.25 3.85 -26.39
N LEU D 263 -38.53 4.93 -27.11
CA LEU D 263 -39.43 4.91 -28.26
C LEU D 263 -38.64 4.93 -29.56
N THR D 264 -39.18 4.27 -30.58
CA THR D 264 -38.60 4.29 -31.91
C THR D 264 -39.72 4.42 -32.94
N GLN D 265 -39.38 5.02 -34.08
CA GLN D 265 -40.31 5.19 -35.20
C GLN D 265 -39.83 4.30 -36.34
N THR D 266 -40.37 3.09 -36.44
CA THR D 266 -39.95 2.17 -37.48
C THR D 266 -40.66 2.43 -38.79
N ASN D 267 -41.99 2.31 -38.80
CA ASN D 267 -42.81 2.51 -39.97
C ASN D 267 -43.86 3.56 -39.65
N ASN D 268 -44.48 4.09 -40.71
CA ASN D 268 -45.57 5.04 -40.53
C ASN D 268 -46.70 4.38 -39.74
N ASP D 269 -47.18 5.08 -38.70
CA ASP D 269 -48.19 4.55 -37.80
C ASP D 269 -47.76 3.21 -37.19
N GLU D 270 -46.50 3.13 -36.77
CA GLU D 270 -45.96 1.92 -36.16
C GLU D 270 -44.80 2.29 -35.25
N PHE D 271 -44.99 2.12 -33.94
CA PHE D 271 -43.98 2.45 -32.94
C PHE D 271 -43.72 1.24 -32.07
N VAL D 272 -42.48 1.13 -31.58
CA VAL D 272 -42.03 0.00 -30.78
C VAL D 272 -41.43 0.51 -29.48
N ILE D 273 -41.66 -0.24 -28.40
CA ILE D 273 -41.11 0.06 -27.08
C ILE D 273 -40.21 -1.08 -26.67
N VAL D 274 -38.98 -0.76 -26.25
CA VAL D 274 -37.99 -1.74 -25.86
C VAL D 274 -37.37 -1.31 -24.53
N GLY D 275 -37.31 -2.23 -23.57
CA GLY D 275 -36.58 -2.01 -22.34
C GLY D 275 -37.33 -1.14 -21.35
N GLY D 276 -36.73 -1.00 -20.18
CA GLY D 276 -37.23 -0.19 -19.08
C GLY D 276 -37.19 -0.95 -17.78
N TYR D 277 -37.86 -0.39 -16.77
CA TYR D 277 -37.93 -1.02 -15.46
C TYR D 277 -39.40 -1.12 -15.04
N GLN D 278 -39.82 -2.33 -14.67
CA GLN D 278 -41.16 -2.51 -14.11
C GLN D 278 -41.20 -2.11 -12.64
N LEU D 279 -40.24 -2.61 -11.86
CA LEU D 279 -40.10 -2.23 -10.46
C LEU D 279 -38.68 -1.77 -10.18
N GLU D 280 -38.34 -1.59 -8.90
CA GLU D 280 -37.00 -1.12 -8.54
C GLU D 280 -35.94 -2.12 -8.97
N ASN D 281 -36.17 -3.41 -8.70
CA ASN D 281 -35.22 -4.46 -9.08
C ASN D 281 -35.71 -5.28 -10.26
N GLN D 282 -36.85 -4.92 -10.85
CA GLN D 282 -37.41 -5.66 -11.96
C GLN D 282 -36.97 -5.04 -13.28
N LYS D 283 -36.89 -5.88 -14.31
CA LYS D 283 -36.39 -5.50 -15.61
C LYS D 283 -37.48 -5.74 -16.66
N ARG D 284 -37.75 -4.72 -17.47
CA ARG D 284 -38.85 -4.75 -18.43
C ARG D 284 -38.36 -5.56 -19.64
N MET D 285 -38.34 -6.88 -19.46
CA MET D 285 -37.65 -7.77 -20.37
C MET D 285 -38.36 -7.92 -21.71
N VAL D 286 -39.69 -7.92 -21.71
CA VAL D 286 -40.45 -8.12 -22.94
C VAL D 286 -40.71 -6.76 -23.57
N CYS D 287 -40.93 -6.77 -24.88
CA CYS D 287 -41.11 -5.54 -25.65
C CYS D 287 -42.54 -5.44 -26.15
N SER D 288 -43.03 -4.21 -26.27
CA SER D 288 -44.40 -3.95 -26.67
C SER D 288 -44.42 -3.13 -27.95
N LEU D 289 -45.26 -3.56 -28.90
CA LEU D 289 -45.45 -2.88 -30.17
C LEU D 289 -46.68 -1.97 -30.06
N VAL D 290 -46.54 -0.73 -30.52
CA VAL D 290 -47.66 0.20 -30.46
C VAL D 290 -48.12 0.52 -31.88
N SER D 291 -49.14 -0.20 -32.34
CA SER D 291 -49.71 0.04 -33.67
C SER D 291 -50.61 1.26 -33.60
N LEU D 292 -50.03 2.44 -33.84
CA LEU D 292 -50.77 3.68 -33.77
C LEU D 292 -51.82 3.72 -34.88
N GLY D 293 -52.95 4.37 -34.57
CA GLY D 293 -54.06 4.43 -35.50
C GLY D 293 -54.71 5.78 -35.50
N ASP D 294 -55.68 5.95 -36.40
CA ASP D 294 -56.38 7.23 -36.50
C ASP D 294 -57.20 7.51 -35.24
N ASN D 295 -57.99 6.54 -34.80
CA ASN D 295 -58.78 6.70 -33.58
C ASN D 295 -58.75 5.46 -32.70
N THR D 296 -57.85 4.51 -32.98
CA THR D 296 -57.74 3.28 -32.22
C THR D 296 -56.29 3.09 -31.79
N ILE D 297 -56.11 2.60 -30.56
CA ILE D 297 -54.78 2.31 -30.02
C ILE D 297 -54.75 0.85 -29.63
N GLU D 298 -53.75 0.11 -30.13
CA GLU D 298 -53.59 -1.30 -29.83
C GLU D 298 -52.13 -1.56 -29.53
N ILE D 299 -51.83 -1.98 -28.29
CA ILE D 299 -50.49 -2.35 -27.89
C ILE D 299 -50.41 -3.88 -27.86
N SER D 300 -49.50 -4.44 -28.65
CA SER D 300 -49.32 -5.88 -28.74
C SER D 300 -47.86 -6.22 -28.51
N GLU D 301 -47.62 -7.46 -28.09
CA GLU D 301 -46.27 -7.93 -27.77
C GLU D 301 -45.69 -8.67 -28.98
N MET D 302 -44.49 -8.28 -29.39
CA MET D 302 -43.78 -8.98 -30.44
C MET D 302 -42.89 -10.06 -29.80
N GLU D 303 -42.15 -10.78 -30.62
CA GLU D 303 -41.24 -11.79 -30.10
C GLU D 303 -40.11 -11.12 -29.33
N THR D 304 -39.71 -11.75 -28.23
CA THR D 304 -38.63 -11.20 -27.42
C THR D 304 -37.29 -11.43 -28.10
N PRO D 305 -36.51 -10.39 -28.36
CA PRO D 305 -35.19 -10.61 -28.98
C PRO D 305 -34.28 -11.39 -28.05
N ASP D 306 -33.35 -12.12 -28.65
CA ASP D 306 -32.43 -12.95 -27.88
C ASP D 306 -31.43 -12.07 -27.13
N TRP D 307 -31.75 -11.71 -25.90
CA TRP D 307 -30.88 -10.86 -25.11
C TRP D 307 -29.64 -11.63 -24.66
N THR D 308 -28.56 -10.89 -24.43
CA THR D 308 -27.32 -11.48 -23.95
C THR D 308 -27.36 -11.64 -22.44
N SER D 309 -26.45 -12.46 -21.92
CA SER D 309 -26.39 -12.70 -20.48
C SER D 309 -26.06 -11.43 -19.72
N ASP D 310 -25.22 -10.57 -20.30
CA ASP D 310 -24.88 -9.31 -19.64
C ASP D 310 -26.12 -8.45 -19.41
N ILE D 311 -26.99 -8.35 -20.42
CA ILE D 311 -28.23 -7.60 -20.26
C ILE D 311 -29.17 -8.33 -19.31
N LYS D 312 -29.27 -9.66 -19.45
CA LYS D 312 -30.18 -10.44 -18.63
C LYS D 312 -29.80 -10.47 -17.16
N HIS D 313 -28.56 -10.09 -16.81
CA HIS D 313 -28.11 -10.13 -15.43
C HIS D 313 -27.51 -8.80 -14.96
N SER D 314 -27.87 -7.70 -15.60
CA SER D 314 -27.47 -6.38 -15.17
C SER D 314 -28.64 -5.66 -14.51
N LYS D 315 -28.32 -4.61 -13.74
CA LYS D 315 -29.33 -3.81 -13.06
C LYS D 315 -29.78 -2.60 -13.86
N ILE D 316 -28.88 -2.00 -14.65
CA ILE D 316 -29.12 -0.72 -15.30
C ILE D 316 -28.93 -0.87 -16.80
N TRP D 317 -29.85 -0.30 -17.57
CA TRP D 317 -29.56 0.04 -18.95
C TRP D 317 -30.28 1.33 -19.30
N PHE D 318 -29.71 2.06 -20.26
CA PHE D 318 -30.21 3.36 -20.66
C PHE D 318 -29.89 3.58 -22.13
N GLY D 319 -30.68 4.41 -22.79
CA GLY D 319 -30.49 4.61 -24.20
C GLY D 319 -31.33 5.75 -24.72
N SER D 320 -31.35 5.86 -26.05
CA SER D 320 -32.13 6.88 -26.75
C SER D 320 -32.50 6.34 -28.12
N ASN D 321 -33.06 7.21 -28.96
CA ASN D 321 -33.56 6.83 -30.28
C ASN D 321 -32.55 7.21 -31.36
N MET D 322 -32.08 6.21 -32.10
CA MET D 322 -31.19 6.49 -33.23
C MET D 322 -31.94 7.05 -34.43
N GLY D 323 -33.25 6.82 -34.51
CA GLY D 323 -34.07 7.42 -35.54
C GLY D 323 -34.37 6.51 -36.72
N ASN D 324 -33.36 5.77 -37.19
CA ASN D 324 -33.54 4.88 -38.31
C ASN D 324 -33.93 3.47 -37.85
N GLY D 325 -34.96 3.39 -37.01
CA GLY D 325 -35.40 2.10 -36.49
C GLY D 325 -34.35 1.37 -35.69
N THR D 326 -33.55 2.09 -34.92
CA THR D 326 -32.49 1.50 -34.11
C THR D 326 -32.47 2.16 -32.75
N ILE D 327 -32.21 1.36 -31.72
CA ILE D 327 -32.13 1.84 -30.34
C ILE D 327 -30.72 1.54 -29.82
N PHE D 328 -30.10 2.54 -29.22
CA PHE D 328 -28.72 2.44 -28.75
C PHE D 328 -28.74 2.38 -27.23
N LEU D 329 -28.68 1.17 -26.68
CA LEU D 329 -28.73 0.94 -25.24
C LEU D 329 -27.39 0.43 -24.75
N GLY D 330 -27.07 0.75 -23.50
CA GLY D 330 -25.79 0.41 -22.94
C GLY D 330 -25.92 -0.31 -21.61
N ILE D 331 -24.87 -1.04 -21.26
CA ILE D 331 -24.81 -1.82 -20.03
C ILE D 331 -23.56 -1.39 -19.25
N PRO D 332 -23.64 -1.19 -17.94
CA PRO D 332 -22.44 -0.84 -17.18
C PRO D 332 -21.42 -1.97 -17.23
N GLY D 333 -20.26 -1.66 -17.80
CA GLY D 333 -19.24 -2.67 -18.06
C GLY D 333 -18.71 -3.36 -16.83
N ASP D 334 -17.97 -2.63 -16.00
CA ASP D 334 -17.36 -3.19 -14.79
C ASP D 334 -16.81 -2.02 -13.98
N ASN D 335 -16.06 -2.35 -12.92
CA ASN D 335 -15.39 -1.32 -12.13
C ASN D 335 -14.31 -0.64 -12.96
N LYS D 336 -14.04 0.63 -12.64
CA LYS D 336 -13.01 1.37 -13.36
C LYS D 336 -11.64 0.74 -13.17
N GLN D 337 -11.34 0.31 -11.94
CA GLN D 337 -10.10 -0.38 -11.58
C GLN D 337 -8.84 0.22 -12.23
N SER D 340 -14.92 -4.07 -19.23
CA SER D 340 -13.69 -3.55 -19.80
C SER D 340 -13.53 -2.06 -19.54
N GLU D 341 -14.00 -1.25 -20.49
CA GLU D 341 -13.86 0.20 -20.39
C GLU D 341 -15.08 0.85 -19.74
N ALA D 342 -15.49 0.30 -18.61
CA ALA D 342 -16.52 0.87 -17.73
C ALA D 342 -17.91 0.87 -18.34
N PHE D 343 -18.05 0.46 -19.60
CA PHE D 343 -19.35 0.41 -20.25
C PHE D 343 -19.27 -0.52 -21.46
N TYR D 344 -20.31 -1.31 -21.63
CA TYR D 344 -20.50 -2.15 -22.81
C TYR D 344 -21.72 -1.65 -23.56
N PHE D 345 -21.56 -1.39 -24.86
CA PHE D 345 -22.60 -0.77 -25.67
C PHE D 345 -23.17 -1.77 -26.66
N TYR D 346 -24.47 -1.68 -26.88
CA TYR D 346 -25.18 -2.56 -27.80
C TYR D 346 -26.04 -1.74 -28.74
N THR D 347 -26.26 -2.27 -29.94
CA THR D 347 -27.18 -1.69 -30.89
C THR D 347 -28.32 -2.68 -31.14
N LEU D 348 -29.51 -2.15 -31.38
CA LEU D 348 -30.71 -2.96 -31.50
C LEU D 348 -31.47 -2.52 -32.74
N ARG D 349 -31.72 -3.47 -33.65
CA ARG D 349 -32.42 -3.17 -34.89
C ARG D 349 -33.93 -3.39 -34.70
N CYS D 350 -34.72 -2.39 -35.07
CA CYS D 350 -36.17 -2.45 -34.98
C CYS D 350 -36.72 -2.54 -36.40
N SER D 351 -36.85 -3.77 -36.89
CA SER D 351 -37.34 -4.03 -38.24
C SER D 351 -36.50 -3.31 -39.29
CA CA K . 5.32 -15.24 0.40
ZN ZN L . 3.67 -35.54 -6.37
CA CA M . -2.85 14.52 -3.12
ZN ZN N . 0.02 33.65 -13.29
#